data_3ESD
# 
_entry.id   3ESD 
# 
_audit_conform.dict_name       mmcif_pdbx.dic 
_audit_conform.dict_version    5.397 
_audit_conform.dict_location   http://mmcif.pdb.org/dictionaries/ascii/mmcif_pdbx.dic 
# 
loop_
_database_2.database_id 
_database_2.database_code 
_database_2.pdbx_database_accession 
_database_2.pdbx_DOI 
PDB   3ESD         pdb_00003esd 10.2210/pdb3esd/pdb 
RCSB  RCSB049707   ?            ?                   
WWPDB D_1000049707 ?            ?                   
# 
loop_
_pdbx_audit_revision_history.ordinal 
_pdbx_audit_revision_history.data_content_type 
_pdbx_audit_revision_history.major_revision 
_pdbx_audit_revision_history.minor_revision 
_pdbx_audit_revision_history.revision_date 
1 'Structure model' 1 0 2009-07-28 
2 'Structure model' 1 1 2011-07-13 
3 'Structure model' 1 2 2021-11-10 
4 'Structure model' 1 3 2023-11-01 
5 'Structure model' 1 4 2024-10-09 
# 
_pdbx_audit_revision_details.ordinal             1 
_pdbx_audit_revision_details.revision_ordinal    1 
_pdbx_audit_revision_details.data_content_type   'Structure model' 
_pdbx_audit_revision_details.provider            repository 
_pdbx_audit_revision_details.type                'Initial release' 
_pdbx_audit_revision_details.description         ? 
_pdbx_audit_revision_details.details             ? 
# 
loop_
_pdbx_audit_revision_group.ordinal 
_pdbx_audit_revision_group.revision_ordinal 
_pdbx_audit_revision_group.data_content_type 
_pdbx_audit_revision_group.group 
1 2 'Structure model' 'Version format compliance' 
2 3 'Structure model' Advisory                    
3 3 'Structure model' 'Database references'       
4 3 'Structure model' 'Derived calculations'      
5 4 'Structure model' 'Data collection'           
6 4 'Structure model' 'Refinement description'    
7 5 'Structure model' 'Structure summary'         
# 
loop_
_pdbx_audit_revision_category.ordinal 
_pdbx_audit_revision_category.revision_ordinal 
_pdbx_audit_revision_category.data_content_type 
_pdbx_audit_revision_category.category 
1  3 'Structure model' database_2                    
2  3 'Structure model' pdbx_unobs_or_zero_occ_atoms  
3  3 'Structure model' struct_conn                   
4  3 'Structure model' struct_ref_seq_dif            
5  3 'Structure model' struct_site                   
6  4 'Structure model' chem_comp_atom                
7  4 'Structure model' chem_comp_bond                
8  4 'Structure model' pdbx_initial_refinement_model 
9  5 'Structure model' pdbx_entry_details            
10 5 'Structure model' pdbx_modification_feature     
# 
loop_
_pdbx_audit_revision_item.ordinal 
_pdbx_audit_revision_item.revision_ordinal 
_pdbx_audit_revision_item.data_content_type 
_pdbx_audit_revision_item.item 
1 3 'Structure model' '_database_2.pdbx_DOI'                         
2 3 'Structure model' '_database_2.pdbx_database_accession'          
3 3 'Structure model' '_struct_conn.pdbx_leaving_atom_flag'          
4 3 'Structure model' '_struct_ref_seq_dif.details'                  
5 3 'Structure model' '_struct_site.pdbx_auth_asym_id'               
6 3 'Structure model' '_struct_site.pdbx_auth_comp_id'               
7 3 'Structure model' '_struct_site.pdbx_auth_seq_id'                
8 5 'Structure model' '_pdbx_entry_details.has_protein_modification' 
# 
_pdbx_database_status.status_code                     REL 
_pdbx_database_status.entry_id                        3ESD 
_pdbx_database_status.recvd_initial_deposition_date   2008-10-05 
_pdbx_database_status.deposit_site                    RCSB 
_pdbx_database_status.process_site                    PDBJ 
_pdbx_database_status.status_code_sf                  REL 
_pdbx_database_status.status_code_mr                  ? 
_pdbx_database_status.SG_entry                        ? 
_pdbx_database_status.pdb_format_compatible           Y 
_pdbx_database_status.status_code_cs                  ? 
_pdbx_database_status.status_code_nmr_data            ? 
_pdbx_database_status.methods_development_category    ? 
# 
loop_
_audit_author.name 
_audit_author.pdbx_ordinal 
'Rutten, L.'       1 
'Mannie, J.P.B.A.' 2 
'Lutz, M.'         3 
'Gros, P.'         4 
# 
_citation.id                        primary 
_citation.title                     'Solid-state structural characterization of cutinase-ECE-pincer-metal hybrids' 
_citation.journal_abbrev            Chemistry 
_citation.journal_volume            15 
_citation.page_first                4270 
_citation.page_last                 4280 
_citation.year                      2009 
_citation.journal_id_ASTM           ? 
_citation.country                   GE 
_citation.journal_id_ISSN           0947-6539 
_citation.journal_id_CSD            ? 
_citation.book_publisher            ? 
_citation.pdbx_database_id_PubMed   19219875 
_citation.pdbx_database_id_DOI      10.1002/chem.200801995 
# 
loop_
_citation_author.citation_id 
_citation_author.name 
_citation_author.ordinal 
_citation_author.identifier_ORCID 
primary 'Rutten, L.'            1  ? 
primary 'Wieczorek, B.'         2  ? 
primary 'Mannie, J.P.B.A.'      3  ? 
primary 'Kruithof, C.A.'        4  ? 
primary 'Dijkstra, H.P.'        5  ? 
primary 'Egmond, M.R.'          6  ? 
primary 'Lutz, M.'              7  ? 
primary 'Klein Gebbink, R.J.M.' 8  ? 
primary 'Gros, P.'              9  ? 
primary 'van Koten, G.'         10 ? 
# 
loop_
_entity.id 
_entity.type 
_entity.src_method 
_entity.pdbx_description 
_entity.formula_weight 
_entity.pdbx_number_of_molecules 
_entity.pdbx_ec 
_entity.pdbx_mutation 
_entity.pdbx_fragment 
_entity.details 
1 polymer     man 'Cutinase 1' 22294.031 1  3.1.1.74 N172K ? ? 
2 non-polymer syn 
'bromo(4-{3-[(R)-ethoxy(4-nitrophenoxy)phosphoryl]propyl}-2,6-bis[(methylsulfanyl-kappaS)methyl]phenyl-kappaC~1~)palladium(2+)' 
654.871   1  ?        ?     ? ? 
3 water       nat water 18.015    73 ?        ?     ? ? 
# 
_entity_name_com.entity_id   1 
_entity_name_com.name        'Cutin hydrolase 1' 
# 
_entity_poly.entity_id                      1 
_entity_poly.type                           'polypeptide(L)' 
_entity_poly.nstd_linkage                   no 
_entity_poly.nstd_monomer                   no 
_entity_poly.pdbx_seq_one_letter_code       
;LPTSNPAQELEARQLGRTTRDDLINGNSASCADVIFIYARGSTETGNLGTLGPSIASNLESAFGKDGVWIQGVGGAYRAT
LGDNALPRGTSSAAIREMLGLFQQANTKCPDATLIAGGYSQGAALAAASIEDLDSAIRDKIAGTVLFGYTKNLQNRGRIP
NYPADRTKVFCKTGDLVCTGSLIVAAPHLAYGPDARGPAPEFLIEKVRAVRGSA
;
_entity_poly.pdbx_seq_one_letter_code_can   
;LPTSNPAQELEARQLGRTTRDDLINGNSASCADVIFIYARGSTETGNLGTLGPSIASNLESAFGKDGVWIQGVGGAYRAT
LGDNALPRGTSSAAIREMLGLFQQANTKCPDATLIAGGYSQGAALAAASIEDLDSAIRDKIAGTVLFGYTKNLQNRGRIP
NYPADRTKVFCKTGDLVCTGSLIVAAPHLAYGPDARGPAPEFLIEKVRAVRGSA
;
_entity_poly.pdbx_strand_id                 A 
_entity_poly.pdbx_target_identifier         ? 
# 
loop_
_pdbx_entity_nonpoly.entity_id 
_pdbx_entity_nonpoly.name 
_pdbx_entity_nonpoly.comp_id 
2 'bromo(4-{3-[(R)-ethoxy(4-nitrophenoxy)phosphoryl]propyl}-2,6-bis[(methylsulfanyl-kappaS)methyl]phenyl-kappaC~1~)palladium(2+)' 
SXC 
3 water                                                                                                                           
HOH 
# 
loop_
_entity_poly_seq.entity_id 
_entity_poly_seq.num 
_entity_poly_seq.mon_id 
_entity_poly_seq.hetero 
1 1   LEU n 
1 2   PRO n 
1 3   THR n 
1 4   SER n 
1 5   ASN n 
1 6   PRO n 
1 7   ALA n 
1 8   GLN n 
1 9   GLU n 
1 10  LEU n 
1 11  GLU n 
1 12  ALA n 
1 13  ARG n 
1 14  GLN n 
1 15  LEU n 
1 16  GLY n 
1 17  ARG n 
1 18  THR n 
1 19  THR n 
1 20  ARG n 
1 21  ASP n 
1 22  ASP n 
1 23  LEU n 
1 24  ILE n 
1 25  ASN n 
1 26  GLY n 
1 27  ASN n 
1 28  SER n 
1 29  ALA n 
1 30  SER n 
1 31  CYS n 
1 32  ALA n 
1 33  ASP n 
1 34  VAL n 
1 35  ILE n 
1 36  PHE n 
1 37  ILE n 
1 38  TYR n 
1 39  ALA n 
1 40  ARG n 
1 41  GLY n 
1 42  SER n 
1 43  THR n 
1 44  GLU n 
1 45  THR n 
1 46  GLY n 
1 47  ASN n 
1 48  LEU n 
1 49  GLY n 
1 50  THR n 
1 51  LEU n 
1 52  GLY n 
1 53  PRO n 
1 54  SER n 
1 55  ILE n 
1 56  ALA n 
1 57  SER n 
1 58  ASN n 
1 59  LEU n 
1 60  GLU n 
1 61  SER n 
1 62  ALA n 
1 63  PHE n 
1 64  GLY n 
1 65  LYS n 
1 66  ASP n 
1 67  GLY n 
1 68  VAL n 
1 69  TRP n 
1 70  ILE n 
1 71  GLN n 
1 72  GLY n 
1 73  VAL n 
1 74  GLY n 
1 75  GLY n 
1 76  ALA n 
1 77  TYR n 
1 78  ARG n 
1 79  ALA n 
1 80  THR n 
1 81  LEU n 
1 82  GLY n 
1 83  ASP n 
1 84  ASN n 
1 85  ALA n 
1 86  LEU n 
1 87  PRO n 
1 88  ARG n 
1 89  GLY n 
1 90  THR n 
1 91  SER n 
1 92  SER n 
1 93  ALA n 
1 94  ALA n 
1 95  ILE n 
1 96  ARG n 
1 97  GLU n 
1 98  MET n 
1 99  LEU n 
1 100 GLY n 
1 101 LEU n 
1 102 PHE n 
1 103 GLN n 
1 104 GLN n 
1 105 ALA n 
1 106 ASN n 
1 107 THR n 
1 108 LYS n 
1 109 CYS n 
1 110 PRO n 
1 111 ASP n 
1 112 ALA n 
1 113 THR n 
1 114 LEU n 
1 115 ILE n 
1 116 ALA n 
1 117 GLY n 
1 118 GLY n 
1 119 TYR n 
1 120 SER n 
1 121 GLN n 
1 122 GLY n 
1 123 ALA n 
1 124 ALA n 
1 125 LEU n 
1 126 ALA n 
1 127 ALA n 
1 128 ALA n 
1 129 SER n 
1 130 ILE n 
1 131 GLU n 
1 132 ASP n 
1 133 LEU n 
1 134 ASP n 
1 135 SER n 
1 136 ALA n 
1 137 ILE n 
1 138 ARG n 
1 139 ASP n 
1 140 LYS n 
1 141 ILE n 
1 142 ALA n 
1 143 GLY n 
1 144 THR n 
1 145 VAL n 
1 146 LEU n 
1 147 PHE n 
1 148 GLY n 
1 149 TYR n 
1 150 THR n 
1 151 LYS n 
1 152 ASN n 
1 153 LEU n 
1 154 GLN n 
1 155 ASN n 
1 156 ARG n 
1 157 GLY n 
1 158 ARG n 
1 159 ILE n 
1 160 PRO n 
1 161 ASN n 
1 162 TYR n 
1 163 PRO n 
1 164 ALA n 
1 165 ASP n 
1 166 ARG n 
1 167 THR n 
1 168 LYS n 
1 169 VAL n 
1 170 PHE n 
1 171 CYS n 
1 172 LYS n 
1 173 THR n 
1 174 GLY n 
1 175 ASP n 
1 176 LEU n 
1 177 VAL n 
1 178 CYS n 
1 179 THR n 
1 180 GLY n 
1 181 SER n 
1 182 LEU n 
1 183 ILE n 
1 184 VAL n 
1 185 ALA n 
1 186 ALA n 
1 187 PRO n 
1 188 HIS n 
1 189 LEU n 
1 190 ALA n 
1 191 TYR n 
1 192 GLY n 
1 193 PRO n 
1 194 ASP n 
1 195 ALA n 
1 196 ARG n 
1 197 GLY n 
1 198 PRO n 
1 199 ALA n 
1 200 PRO n 
1 201 GLU n 
1 202 PHE n 
1 203 LEU n 
1 204 ILE n 
1 205 GLU n 
1 206 LYS n 
1 207 VAL n 
1 208 ARG n 
1 209 ALA n 
1 210 VAL n 
1 211 ARG n 
1 212 GLY n 
1 213 SER n 
1 214 ALA n 
# 
_entity_src_gen.entity_id                          1 
_entity_src_gen.pdbx_src_id                        1 
_entity_src_gen.pdbx_alt_source_flag               sample 
_entity_src_gen.pdbx_seq_type                      ? 
_entity_src_gen.pdbx_beg_seq_num                   ? 
_entity_src_gen.pdbx_end_seq_num                   ? 
_entity_src_gen.gene_src_common_name               ? 
_entity_src_gen.gene_src_genus                     ? 
_entity_src_gen.pdbx_gene_src_gene                 ? 
_entity_src_gen.gene_src_species                   ? 
_entity_src_gen.gene_src_strain                    ? 
_entity_src_gen.gene_src_tissue                    ? 
_entity_src_gen.gene_src_tissue_fraction           ? 
_entity_src_gen.gene_src_details                   ? 
_entity_src_gen.pdbx_gene_src_fragment             ? 
_entity_src_gen.pdbx_gene_src_scientific_name      'Fusarium solani f. pisi' 
_entity_src_gen.pdbx_gene_src_ncbi_taxonomy_id     70791 
_entity_src_gen.pdbx_gene_src_variant              ? 
_entity_src_gen.pdbx_gene_src_cell_line            ? 
_entity_src_gen.pdbx_gene_src_atcc                 ? 
_entity_src_gen.pdbx_gene_src_organ                ? 
_entity_src_gen.pdbx_gene_src_organelle            ? 
_entity_src_gen.pdbx_gene_src_cell                 ? 
_entity_src_gen.pdbx_gene_src_cellular_location    ? 
_entity_src_gen.host_org_common_name               ? 
_entity_src_gen.pdbx_host_org_scientific_name      'Escherichia coli' 
_entity_src_gen.pdbx_host_org_ncbi_taxonomy_id     562 
_entity_src_gen.host_org_genus                     ? 
_entity_src_gen.pdbx_host_org_gene                 ? 
_entity_src_gen.pdbx_host_org_organ                ? 
_entity_src_gen.host_org_species                   ? 
_entity_src_gen.pdbx_host_org_tissue               ? 
_entity_src_gen.pdbx_host_org_tissue_fraction      ? 
_entity_src_gen.pdbx_host_org_strain               ? 
_entity_src_gen.pdbx_host_org_variant              ? 
_entity_src_gen.pdbx_host_org_cell_line            ? 
_entity_src_gen.pdbx_host_org_atcc                 ? 
_entity_src_gen.pdbx_host_org_culture_collection   ? 
_entity_src_gen.pdbx_host_org_cell                 ? 
_entity_src_gen.pdbx_host_org_organelle            ? 
_entity_src_gen.pdbx_host_org_cellular_location    ? 
_entity_src_gen.pdbx_host_org_vector_type          PLASMID 
_entity_src_gen.pdbx_host_org_vector               ? 
_entity_src_gen.host_org_details                   ? 
_entity_src_gen.expression_system_id               ? 
_entity_src_gen.plasmid_name                       pUC19 
_entity_src_gen.plasmid_details                    ? 
_entity_src_gen.pdbx_description                   ? 
# 
loop_
_chem_comp.id 
_chem_comp.type 
_chem_comp.mon_nstd_flag 
_chem_comp.name 
_chem_comp.pdbx_synonyms 
_chem_comp.formula 
_chem_comp.formula_weight 
ALA 'L-peptide linking' y ALANINE ? 'C3 H7 N O2'                89.093  
ARG 'L-peptide linking' y ARGININE ? 'C6 H15 N4 O2 1'            175.209 
ASN 'L-peptide linking' y ASPARAGINE ? 'C4 H8 N2 O3'               132.118 
ASP 'L-peptide linking' y 'ASPARTIC ACID' ? 'C4 H7 N O4'                133.103 
CYS 'L-peptide linking' y CYSTEINE ? 'C3 H7 N O2 S'              121.158 
GLN 'L-peptide linking' y GLUTAMINE ? 'C5 H10 N2 O3'              146.144 
GLU 'L-peptide linking' y 'GLUTAMIC ACID' ? 'C5 H9 N O4'                147.129 
GLY 'peptide linking'   y GLYCINE ? 'C2 H5 N O2'                75.067  
HIS 'L-peptide linking' y HISTIDINE ? 'C6 H10 N3 O2 1'            156.162 
HOH non-polymer         . WATER ?                                                                                                  
'H2 O'                      18.015  
ILE 'L-peptide linking' y ISOLEUCINE ? 'C6 H13 N O2'               131.173 
LEU 'L-peptide linking' y LEUCINE ? 'C6 H13 N O2'               131.173 
LYS 'L-peptide linking' y LYSINE ? 'C6 H15 N2 O2 1'            147.195 
MET 'L-peptide linking' y METHIONINE ? 'C5 H11 N O2 S'             149.211 
PHE 'L-peptide linking' y PHENYLALANINE ? 'C9 H11 N O2'               165.189 
PRO 'L-peptide linking' y PROLINE ? 'C5 H9 N O2'                115.130 
SER 'L-peptide linking' y SERINE ? 'C3 H7 N O3'                105.093 
SXC non-polymer         . 
'bromo(4-{3-[(R)-ethoxy(4-nitrophenoxy)phosphoryl]propyl}-2,6-bis[(methylsulfanyl-kappaS)methyl]phenyl-kappaC~1~)palladium(2+)' 
'ethyl 4-nitrophenyl P-[3-(4-(bromopallado)-1,3-bis[(methylthio)methyl]-phenyl)propyl]phosphonate' 'C21 H27 Br N O5 P Pd S2 2' 
654.871 
THR 'L-peptide linking' y THREONINE ? 'C4 H9 N O3'                119.119 
TRP 'L-peptide linking' y TRYPTOPHAN ? 'C11 H12 N2 O2'             204.225 
TYR 'L-peptide linking' y TYROSINE ? 'C9 H11 N O3'               181.189 
VAL 'L-peptide linking' y VALINE ? 'C5 H11 N O2'               117.146 
# 
loop_
_pdbx_poly_seq_scheme.asym_id 
_pdbx_poly_seq_scheme.entity_id 
_pdbx_poly_seq_scheme.seq_id 
_pdbx_poly_seq_scheme.mon_id 
_pdbx_poly_seq_scheme.ndb_seq_num 
_pdbx_poly_seq_scheme.pdb_seq_num 
_pdbx_poly_seq_scheme.auth_seq_num 
_pdbx_poly_seq_scheme.pdb_mon_id 
_pdbx_poly_seq_scheme.auth_mon_id 
_pdbx_poly_seq_scheme.pdb_strand_id 
_pdbx_poly_seq_scheme.pdb_ins_code 
_pdbx_poly_seq_scheme.hetero 
A 1 1   LEU 1   1   ?   ?   ?   A . n 
A 1 2   PRO 2   2   ?   ?   ?   A . n 
A 1 3   THR 3   3   ?   ?   ?   A . n 
A 1 4   SER 4   4   ?   ?   ?   A . n 
A 1 5   ASN 5   5   ?   ?   ?   A . n 
A 1 6   PRO 6   6   ?   ?   ?   A . n 
A 1 7   ALA 7   7   ?   ?   ?   A . n 
A 1 8   GLN 8   8   ?   ?   ?   A . n 
A 1 9   GLU 9   9   ?   ?   ?   A . n 
A 1 10  LEU 10  10  ?   ?   ?   A . n 
A 1 11  GLU 11  11  ?   ?   ?   A . n 
A 1 12  ALA 12  12  ?   ?   ?   A . n 
A 1 13  ARG 13  13  ?   ?   ?   A . n 
A 1 14  GLN 14  14  ?   ?   ?   A . n 
A 1 15  LEU 15  15  ?   ?   ?   A . n 
A 1 16  GLY 16  16  ?   ?   ?   A . n 
A 1 17  ARG 17  17  17  ARG ARG A . n 
A 1 18  THR 18  18  18  THR THR A . n 
A 1 19  THR 19  19  19  THR THR A . n 
A 1 20  ARG 20  20  20  ARG ARG A . n 
A 1 21  ASP 21  21  21  ASP ASP A . n 
A 1 22  ASP 22  22  22  ASP ASP A . n 
A 1 23  LEU 23  23  23  LEU LEU A . n 
A 1 24  ILE 24  24  24  ILE ILE A . n 
A 1 25  ASN 25  25  25  ASN ASN A . n 
A 1 26  GLY 26  26  26  GLY GLY A . n 
A 1 27  ASN 27  27  27  ASN ASN A . n 
A 1 28  SER 28  28  28  SER SER A . n 
A 1 29  ALA 29  29  29  ALA ALA A . n 
A 1 30  SER 30  30  30  SER SER A . n 
A 1 31  CYS 31  31  31  CYS CYS A . n 
A 1 32  ALA 32  32  32  ALA ALA A . n 
A 1 33  ASP 33  33  33  ASP ASP A . n 
A 1 34  VAL 34  34  34  VAL VAL A . n 
A 1 35  ILE 35  35  35  ILE ILE A . n 
A 1 36  PHE 36  36  36  PHE PHE A . n 
A 1 37  ILE 37  37  37  ILE ILE A . n 
A 1 38  TYR 38  38  38  TYR TYR A . n 
A 1 39  ALA 39  39  39  ALA ALA A . n 
A 1 40  ARG 40  40  40  ARG ARG A . n 
A 1 41  GLY 41  41  41  GLY GLY A . n 
A 1 42  SER 42  42  42  SER SER A . n 
A 1 43  THR 43  43  43  THR THR A . n 
A 1 44  GLU 44  44  44  GLU GLU A . n 
A 1 45  THR 45  45  45  THR THR A . n 
A 1 46  GLY 46  46  46  GLY GLY A . n 
A 1 47  ASN 47  47  47  ASN ASN A . n 
A 1 48  LEU 48  48  48  LEU LEU A . n 
A 1 49  GLY 49  49  49  GLY GLY A . n 
A 1 50  THR 50  50  50  THR THR A . n 
A 1 51  LEU 51  51  51  LEU LEU A . n 
A 1 52  GLY 52  52  52  GLY GLY A . n 
A 1 53  PRO 53  53  53  PRO PRO A . n 
A 1 54  SER 54  54  54  SER SER A . n 
A 1 55  ILE 55  55  55  ILE ILE A . n 
A 1 56  ALA 56  56  56  ALA ALA A . n 
A 1 57  SER 57  57  57  SER SER A . n 
A 1 58  ASN 58  58  58  ASN ASN A . n 
A 1 59  LEU 59  59  59  LEU LEU A . n 
A 1 60  GLU 60  60  60  GLU GLU A . n 
A 1 61  SER 61  61  61  SER SER A . n 
A 1 62  ALA 62  62  62  ALA ALA A . n 
A 1 63  PHE 63  63  63  PHE PHE A . n 
A 1 64  GLY 64  64  64  GLY GLY A . n 
A 1 65  LYS 65  65  65  LYS LYS A . n 
A 1 66  ASP 66  66  66  ASP ASP A . n 
A 1 67  GLY 67  67  67  GLY GLY A . n 
A 1 68  VAL 68  68  68  VAL VAL A . n 
A 1 69  TRP 69  69  69  TRP TRP A . n 
A 1 70  ILE 70  70  70  ILE ILE A . n 
A 1 71  GLN 71  71  71  GLN GLN A . n 
A 1 72  GLY 72  72  72  GLY GLY A . n 
A 1 73  VAL 73  73  73  VAL VAL A . n 
A 1 74  GLY 74  74  74  GLY GLY A . n 
A 1 75  GLY 75  75  75  GLY GLY A . n 
A 1 76  ALA 76  76  76  ALA ALA A . n 
A 1 77  TYR 77  77  77  TYR TYR A . n 
A 1 78  ARG 78  78  78  ARG ARG A . n 
A 1 79  ALA 79  79  79  ALA ALA A . n 
A 1 80  THR 80  80  80  THR THR A . n 
A 1 81  LEU 81  81  81  LEU LEU A . n 
A 1 82  GLY 82  82  82  GLY GLY A . n 
A 1 83  ASP 83  83  83  ASP ASP A . n 
A 1 84  ASN 84  84  84  ASN ASN A . n 
A 1 85  ALA 85  85  85  ALA ALA A . n 
A 1 86  LEU 86  86  86  LEU LEU A . n 
A 1 87  PRO 87  87  87  PRO PRO A . n 
A 1 88  ARG 88  88  88  ARG ARG A . n 
A 1 89  GLY 89  89  89  GLY GLY A . n 
A 1 90  THR 90  90  90  THR THR A . n 
A 1 91  SER 91  91  91  SER SER A . n 
A 1 92  SER 92  92  92  SER SER A . n 
A 1 93  ALA 93  93  93  ALA ALA A . n 
A 1 94  ALA 94  94  94  ALA ALA A . n 
A 1 95  ILE 95  95  95  ILE ILE A . n 
A 1 96  ARG 96  96  96  ARG ARG A . n 
A 1 97  GLU 97  97  97  GLU GLU A . n 
A 1 98  MET 98  98  98  MET MET A . n 
A 1 99  LEU 99  99  99  LEU LEU A . n 
A 1 100 GLY 100 100 100 GLY GLY A . n 
A 1 101 LEU 101 101 101 LEU LEU A . n 
A 1 102 PHE 102 102 102 PHE PHE A . n 
A 1 103 GLN 103 103 103 GLN GLN A . n 
A 1 104 GLN 104 104 104 GLN GLN A . n 
A 1 105 ALA 105 105 105 ALA ALA A . n 
A 1 106 ASN 106 106 106 ASN ASN A . n 
A 1 107 THR 107 107 107 THR THR A . n 
A 1 108 LYS 108 108 108 LYS LYS A . n 
A 1 109 CYS 109 109 109 CYS CYS A . n 
A 1 110 PRO 110 110 110 PRO PRO A . n 
A 1 111 ASP 111 111 111 ASP ASP A . n 
A 1 112 ALA 112 112 112 ALA ALA A . n 
A 1 113 THR 113 113 113 THR THR A . n 
A 1 114 LEU 114 114 114 LEU LEU A . n 
A 1 115 ILE 115 115 115 ILE ILE A . n 
A 1 116 ALA 116 116 116 ALA ALA A . n 
A 1 117 GLY 117 117 117 GLY GLY A . n 
A 1 118 GLY 118 118 118 GLY GLY A . n 
A 1 119 TYR 119 119 119 TYR TYR A . n 
A 1 120 SER 120 120 120 SER SER A . n 
A 1 121 GLN 121 121 121 GLN GLN A . n 
A 1 122 GLY 122 122 122 GLY GLY A . n 
A 1 123 ALA 123 123 123 ALA ALA A . n 
A 1 124 ALA 124 124 124 ALA ALA A . n 
A 1 125 LEU 125 125 125 LEU LEU A . n 
A 1 126 ALA 126 126 126 ALA ALA A . n 
A 1 127 ALA 127 127 127 ALA ALA A . n 
A 1 128 ALA 128 128 128 ALA ALA A . n 
A 1 129 SER 129 129 129 SER SER A . n 
A 1 130 ILE 130 130 130 ILE ILE A . n 
A 1 131 GLU 131 131 131 GLU GLU A . n 
A 1 132 ASP 132 132 132 ASP ASP A . n 
A 1 133 LEU 133 133 133 LEU LEU A . n 
A 1 134 ASP 134 134 134 ASP ASP A . n 
A 1 135 SER 135 135 135 SER SER A . n 
A 1 136 ALA 136 136 136 ALA ALA A . n 
A 1 137 ILE 137 137 137 ILE ILE A . n 
A 1 138 ARG 138 138 138 ARG ARG A . n 
A 1 139 ASP 139 139 139 ASP ASP A . n 
A 1 140 LYS 140 140 140 LYS LYS A . n 
A 1 141 ILE 141 141 141 ILE ILE A . n 
A 1 142 ALA 142 142 142 ALA ALA A . n 
A 1 143 GLY 143 143 143 GLY GLY A . n 
A 1 144 THR 144 144 144 THR THR A . n 
A 1 145 VAL 145 145 145 VAL VAL A . n 
A 1 146 LEU 146 146 146 LEU LEU A . n 
A 1 147 PHE 147 147 147 PHE PHE A . n 
A 1 148 GLY 148 148 148 GLY GLY A . n 
A 1 149 TYR 149 149 149 TYR TYR A . n 
A 1 150 THR 150 150 150 THR THR A . n 
A 1 151 LYS 151 151 151 LYS LYS A . n 
A 1 152 ASN 152 152 152 ASN ASN A . n 
A 1 153 LEU 153 153 153 LEU LEU A . n 
A 1 154 GLN 154 154 154 GLN GLN A . n 
A 1 155 ASN 155 155 155 ASN ASN A . n 
A 1 156 ARG 156 156 156 ARG ARG A . n 
A 1 157 GLY 157 157 157 GLY GLY A . n 
A 1 158 ARG 158 158 158 ARG ARG A . n 
A 1 159 ILE 159 159 159 ILE ILE A . n 
A 1 160 PRO 160 160 160 PRO PRO A . n 
A 1 161 ASN 161 161 161 ASN ASN A . n 
A 1 162 TYR 162 162 162 TYR TYR A . n 
A 1 163 PRO 163 163 163 PRO PRO A . n 
A 1 164 ALA 164 164 164 ALA ALA A . n 
A 1 165 ASP 165 165 165 ASP ASP A . n 
A 1 166 ARG 166 166 166 ARG ARG A . n 
A 1 167 THR 167 167 167 THR THR A . n 
A 1 168 LYS 168 168 168 LYS LYS A . n 
A 1 169 VAL 169 169 169 VAL VAL A . n 
A 1 170 PHE 170 170 170 PHE PHE A . n 
A 1 171 CYS 171 171 171 CYS CYS A . n 
A 1 172 LYS 172 172 172 LYS LYS A . n 
A 1 173 THR 173 173 173 THR THR A . n 
A 1 174 GLY 174 174 174 GLY GLY A . n 
A 1 175 ASP 175 175 175 ASP ASP A . n 
A 1 176 LEU 176 176 176 LEU LEU A . n 
A 1 177 VAL 177 177 177 VAL VAL A . n 
A 1 178 CYS 178 178 178 CYS CYS A . n 
A 1 179 THR 179 179 179 THR THR A . n 
A 1 180 GLY 180 180 180 GLY GLY A . n 
A 1 181 SER 181 181 181 SER SER A . n 
A 1 182 LEU 182 182 182 LEU LEU A . n 
A 1 183 ILE 183 183 183 ILE ILE A . n 
A 1 184 VAL 184 184 184 VAL VAL A . n 
A 1 185 ALA 185 185 185 ALA ALA A . n 
A 1 186 ALA 186 186 186 ALA ALA A . n 
A 1 187 PRO 187 187 187 PRO PRO A . n 
A 1 188 HIS 188 188 188 HIS HIS A . n 
A 1 189 LEU 189 189 189 LEU LEU A . n 
A 1 190 ALA 190 190 190 ALA ALA A . n 
A 1 191 TYR 191 191 191 TYR TYR A . n 
A 1 192 GLY 192 192 192 GLY GLY A . n 
A 1 193 PRO 193 193 193 PRO PRO A . n 
A 1 194 ASP 194 194 194 ASP ASP A . n 
A 1 195 ALA 195 195 195 ALA ALA A . n 
A 1 196 ARG 196 196 196 ARG ARG A . n 
A 1 197 GLY 197 197 197 GLY GLY A . n 
A 1 198 PRO 198 198 198 PRO PRO A . n 
A 1 199 ALA 199 199 199 ALA ALA A . n 
A 1 200 PRO 200 200 200 PRO PRO A . n 
A 1 201 GLU 201 201 201 GLU GLU A . n 
A 1 202 PHE 202 202 202 PHE PHE A . n 
A 1 203 LEU 203 203 203 LEU LEU A . n 
A 1 204 ILE 204 204 204 ILE ILE A . n 
A 1 205 GLU 205 205 205 GLU GLU A . n 
A 1 206 LYS 206 206 206 LYS LYS A . n 
A 1 207 VAL 207 207 207 VAL VAL A . n 
A 1 208 ARG 208 208 208 ARG ARG A . n 
A 1 209 ALA 209 209 209 ALA ALA A . n 
A 1 210 VAL 210 210 210 VAL VAL A . n 
A 1 211 ARG 211 211 211 ARG ARG A . n 
A 1 212 GLY 212 212 ?   ?   ?   A . n 
A 1 213 SER 213 213 ?   ?   ?   A . n 
A 1 214 ALA 214 214 ?   ?   ?   A . n 
# 
loop_
_pdbx_nonpoly_scheme.asym_id 
_pdbx_nonpoly_scheme.entity_id 
_pdbx_nonpoly_scheme.mon_id 
_pdbx_nonpoly_scheme.ndb_seq_num 
_pdbx_nonpoly_scheme.pdb_seq_num 
_pdbx_nonpoly_scheme.auth_seq_num 
_pdbx_nonpoly_scheme.pdb_mon_id 
_pdbx_nonpoly_scheme.auth_mon_id 
_pdbx_nonpoly_scheme.pdb_strand_id 
_pdbx_nonpoly_scheme.pdb_ins_code 
B 2 SXC 1  215 1  SXC SXC A . 
C 3 HOH 1  216 1  HOH HOH A . 
C 3 HOH 2  217 2  HOH HOH A . 
C 3 HOH 3  218 3  HOH HOH A . 
C 3 HOH 4  219 4  HOH HOH A . 
C 3 HOH 5  220 5  HOH HOH A . 
C 3 HOH 6  221 6  HOH HOH A . 
C 3 HOH 7  222 7  HOH HOH A . 
C 3 HOH 8  223 8  HOH HOH A . 
C 3 HOH 9  224 9  HOH HOH A . 
C 3 HOH 10 225 10 HOH HOH A . 
C 3 HOH 11 226 11 HOH HOH A . 
C 3 HOH 12 227 12 HOH HOH A . 
C 3 HOH 13 228 13 HOH HOH A . 
C 3 HOH 14 229 14 HOH HOH A . 
C 3 HOH 15 230 15 HOH HOH A . 
C 3 HOH 16 231 16 HOH HOH A . 
C 3 HOH 17 232 17 HOH HOH A . 
C 3 HOH 18 233 18 HOH HOH A . 
C 3 HOH 19 234 19 HOH HOH A . 
C 3 HOH 20 235 20 HOH HOH A . 
C 3 HOH 21 236 21 HOH HOH A . 
C 3 HOH 22 237 22 HOH HOH A . 
C 3 HOH 23 238 23 HOH HOH A . 
C 3 HOH 24 239 24 HOH HOH A . 
C 3 HOH 25 240 25 HOH HOH A . 
C 3 HOH 26 241 26 HOH HOH A . 
C 3 HOH 27 242 27 HOH HOH A . 
C 3 HOH 28 243 28 HOH HOH A . 
C 3 HOH 29 244 29 HOH HOH A . 
C 3 HOH 30 245 30 HOH HOH A . 
C 3 HOH 31 246 31 HOH HOH A . 
C 3 HOH 32 247 32 HOH HOH A . 
C 3 HOH 33 248 33 HOH HOH A . 
C 3 HOH 34 249 34 HOH HOH A . 
C 3 HOH 35 250 35 HOH HOH A . 
C 3 HOH 36 251 36 HOH HOH A . 
C 3 HOH 37 252 37 HOH HOH A . 
C 3 HOH 38 253 38 HOH HOH A . 
C 3 HOH 39 254 39 HOH HOH A . 
C 3 HOH 40 255 40 HOH HOH A . 
C 3 HOH 41 256 41 HOH HOH A . 
C 3 HOH 42 257 42 HOH HOH A . 
C 3 HOH 43 258 43 HOH HOH A . 
C 3 HOH 44 259 44 HOH HOH A . 
C 3 HOH 45 260 45 HOH HOH A . 
C 3 HOH 46 261 46 HOH HOH A . 
C 3 HOH 47 262 47 HOH HOH A . 
C 3 HOH 48 263 48 HOH HOH A . 
C 3 HOH 49 264 49 HOH HOH A . 
C 3 HOH 50 265 50 HOH HOH A . 
C 3 HOH 51 266 51 HOH HOH A . 
C 3 HOH 52 267 52 HOH HOH A . 
C 3 HOH 53 268 53 HOH HOH A . 
C 3 HOH 54 269 54 HOH HOH A . 
C 3 HOH 55 270 55 HOH HOH A . 
C 3 HOH 56 271 56 HOH HOH A . 
C 3 HOH 57 272 57 HOH HOH A . 
C 3 HOH 58 273 58 HOH HOH A . 
C 3 HOH 59 274 59 HOH HOH A . 
C 3 HOH 60 275 60 HOH HOH A . 
C 3 HOH 61 276 61 HOH HOH A . 
C 3 HOH 62 277 62 HOH HOH A . 
C 3 HOH 63 278 63 HOH HOH A . 
C 3 HOH 64 279 64 HOH HOH A . 
C 3 HOH 65 280 65 HOH HOH A . 
C 3 HOH 66 281 66 HOH HOH A . 
C 3 HOH 67 282 67 HOH HOH A . 
C 3 HOH 68 283 68 HOH HOH A . 
C 3 HOH 69 284 69 HOH HOH A . 
C 3 HOH 70 285 70 HOH HOH A . 
C 3 HOH 71 286 71 HOH HOH A . 
C 3 HOH 72 287 72 HOH HOH A . 
C 3 HOH 73 288 73 HOH HOH A . 
# 
loop_
_software.name 
_software.classification 
_software.version 
_software.citation_id 
_software.pdbx_ordinal 
ADSC      'data collection' Quantum ? 1 
PHASER    phasing           .       ? 2 
SHELXL-97 refinement        .       ? 3 
XDS       'data reduction'  .       ? 4 
SCALA     'data scaling'    .       ? 5 
# 
_cell.entry_id           3ESD 
_cell.length_a           72.360 
_cell.length_b           72.360 
_cell.length_c           110.770 
_cell.angle_alpha        90.00 
_cell.angle_beta         90.00 
_cell.angle_gamma        120.00 
_cell.Z_PDB              9 
_cell.pdbx_unique_axis   ? 
_cell.length_a_esd       ? 
_cell.length_b_esd       ? 
_cell.length_c_esd       ? 
_cell.angle_alpha_esd    ? 
_cell.angle_beta_esd     ? 
_cell.angle_gamma_esd    ? 
# 
_symmetry.entry_id                         3ESD 
_symmetry.space_group_name_H-M             'H 3' 
_symmetry.pdbx_full_space_group_name_H-M   ? 
_symmetry.cell_setting                     ? 
_symmetry.Int_Tables_number                146 
_symmetry.space_group_name_Hall            ? 
# 
_exptl.entry_id          3ESD 
_exptl.method            'X-RAY DIFFRACTION' 
_exptl.crystals_number   1 
# 
_exptl_crystal.id                    1 
_exptl_crystal.density_meas          ? 
_exptl_crystal.density_Matthews      2.50 
_exptl_crystal.density_percent_sol   50.87 
_exptl_crystal.description           ? 
_exptl_crystal.F_000                 ? 
_exptl_crystal.preparation           ? 
# 
_exptl_crystal_grow.crystal_id      1 
_exptl_crystal_grow.method          'VAPOR DIFFUSION' 
_exptl_crystal_grow.temp            291 
_exptl_crystal_grow.temp_details    ? 
_exptl_crystal_grow.pH              8.5 
_exptl_crystal_grow.pdbx_details    
'6%(w/v) PEG-3350, 30%(v/v) glycerol, 0.05M BisTrisP, 0.1M potassium thiocyanate, pH 8.5, VAPOR DIFFUSION, temperature 291K' 
_exptl_crystal_grow.pdbx_pH_range   . 
# 
_diffrn.id                     1 
_diffrn.ambient_temp           100 
_diffrn.ambient_temp_details   ? 
_diffrn.crystal_id             1 
# 
_diffrn_detector.diffrn_id              1 
_diffrn_detector.detector               CCD 
_diffrn_detector.type                   'ADSC QUANTUM 315' 
_diffrn_detector.pdbx_collection_date   2007-03-11 
_diffrn_detector.details                ? 
# 
_diffrn_radiation.diffrn_id                        1 
_diffrn_radiation.wavelength_id                    1 
_diffrn_radiation.pdbx_monochromatic_or_laue_m_l   M 
_diffrn_radiation.monochromator                    ? 
_diffrn_radiation.pdbx_diffrn_protocol             'SINGLE WAVELENGTH' 
_diffrn_radiation.pdbx_scattering_type             x-ray 
# 
_diffrn_radiation_wavelength.id           1 
_diffrn_radiation_wavelength.wavelength   1.0332 
_diffrn_radiation_wavelength.wt           1.0 
# 
_diffrn_source.diffrn_id                   1 
_diffrn_source.source                      SYNCHROTRON 
_diffrn_source.type                        'ESRF BEAMLINE ID29' 
_diffrn_source.pdbx_synchrotron_site       ESRF 
_diffrn_source.pdbx_synchrotron_beamline   ID29 
_diffrn_source.pdbx_wavelength             ? 
_diffrn_source.pdbx_wavelength_list        1.0332 
# 
_reflns.entry_id                     3ESD 
_reflns.observed_criterion_sigma_I   0 
_reflns.observed_criterion_sigma_F   0 
_reflns.d_resolution_low             41 
_reflns.d_resolution_high            1.22 
_reflns.number_obs                   61949 
_reflns.number_all                   ? 
_reflns.percent_possible_obs         97.1 
_reflns.pdbx_Rmerge_I_obs            0.1 
_reflns.pdbx_Rsym_value              ? 
_reflns.pdbx_netI_over_sigmaI        5.7 
_reflns.B_iso_Wilson_estimate        ? 
_reflns.pdbx_redundancy              3.6 
_reflns.R_free_details               ? 
_reflns.limit_h_max                  ? 
_reflns.limit_h_min                  ? 
_reflns.limit_k_max                  ? 
_reflns.limit_k_min                  ? 
_reflns.limit_l_max                  ? 
_reflns.limit_l_min                  ? 
_reflns.observed_criterion_F_max     ? 
_reflns.observed_criterion_F_min     ? 
_reflns.pdbx_chi_squared             ? 
_reflns.pdbx_scaling_rejects         ? 
_reflns.pdbx_diffrn_id               1 
_reflns.pdbx_ordinal                 1 
# 
_reflns_shell.d_res_high             1.22 
_reflns_shell.d_res_low              1.29 
_reflns_shell.percent_possible_all   100 
_reflns_shell.Rmerge_I_obs           0.805 
_reflns_shell.pdbx_Rsym_value        ? 
_reflns_shell.meanI_over_sigI_obs    1.2 
_reflns_shell.pdbx_redundancy        2.6 
_reflns_shell.percent_possible_obs   ? 
_reflns_shell.number_unique_all      7679 
_reflns_shell.number_measured_all    ? 
_reflns_shell.number_measured_obs    ? 
_reflns_shell.number_unique_obs      ? 
_reflns_shell.pdbx_chi_squared       ? 
_reflns_shell.pdbx_diffrn_id         ? 
_reflns_shell.pdbx_ordinal           1 
# 
_refine.entry_id                                 3ESD 
_refine.ls_number_reflns_obs                     61949 
_refine.ls_number_reflns_all                     61949 
_refine.pdbx_ls_sigma_I                          0 
_refine.pdbx_ls_sigma_F                          0 
_refine.pdbx_data_cutoff_high_absF               ? 
_refine.pdbx_data_cutoff_low_absF                ? 
_refine.pdbx_data_cutoff_high_rms_absF           ? 
_refine.ls_d_res_low                             41 
_refine.ls_d_res_high                            1.22 
_refine.ls_percent_reflns_obs                    97.1 
_refine.ls_R_factor_obs                          ? 
_refine.ls_R_factor_all                          ? 
_refine.ls_R_factor_R_work                       0.199 
_refine.ls_R_factor_R_free                       0.222 
_refine.ls_R_factor_R_free_error                 ? 
_refine.ls_R_factor_R_free_error_details         ? 
_refine.ls_percent_reflns_R_free                 ? 
_refine.ls_number_reflns_R_free                  ? 
_refine.ls_number_parameters                     ? 
_refine.ls_number_restraints                     ? 
_refine.occupancy_min                            ? 
_refine.occupancy_max                            ? 
_refine.correlation_coeff_Fo_to_Fc               ? 
_refine.correlation_coeff_Fo_to_Fc_free          ? 
_refine.B_iso_mean                               ? 
_refine.aniso_B[1][1]                            ? 
_refine.aniso_B[2][2]                            ? 
_refine.aniso_B[3][3]                            ? 
_refine.aniso_B[1][2]                            ? 
_refine.aniso_B[1][3]                            ? 
_refine.aniso_B[2][3]                            ? 
_refine.solvent_model_details                    ? 
_refine.solvent_model_param_ksol                 ? 
_refine.solvent_model_param_bsol                 ? 
_refine.pdbx_solvent_vdw_probe_radii             ? 
_refine.pdbx_solvent_ion_probe_radii             ? 
_refine.pdbx_solvent_shrinkage_radii             ? 
_refine.pdbx_ls_cross_valid_method               ? 
_refine.details                                  
;Twinning was observed in the present crystal and refined with SHELXL using the TWIN instruction, 
resulting in a twin fraction of 0.5, operator h,-h-k,-l.
The point group 3 of the crystal lattice can be obtained via 
a coset decomposition of point group 32 of the twin lattice. 
The twofold twin axis cannot be a real crystallographic operation 
because this would result in only half a molecule in the asymmetric unit.
;
_refine.pdbx_starting_model                      1CUA 
_refine.pdbx_method_to_determine_struct          'MOLECULAR REPLACEMENT' 
_refine.pdbx_isotropic_thermal_model             ? 
_refine.pdbx_stereochemistry_target_values       ? 
_refine.pdbx_stereochem_target_val_spec_case     ? 
_refine.pdbx_R_Free_selection_details            ? 
_refine.pdbx_overall_ESU_R                       ? 
_refine.pdbx_overall_ESU_R_Free                  ? 
_refine.overall_SU_ML                            ? 
_refine.overall_SU_B                             ? 
_refine.ls_redundancy_reflns_obs                 ? 
_refine.B_iso_min                                ? 
_refine.B_iso_max                                ? 
_refine.overall_SU_R_Cruickshank_DPI             ? 
_refine.overall_SU_R_free                        ? 
_refine.ls_wR_factor_R_free                      ? 
_refine.ls_wR_factor_R_work                      ? 
_refine.overall_FOM_free_R_set                   ? 
_refine.overall_FOM_work_R_set                   ? 
_refine.pdbx_refine_id                           'X-RAY DIFFRACTION' 
_refine.pdbx_overall_phase_error                 ? 
_refine.pdbx_diffrn_id                           1 
_refine.pdbx_TLS_residual_ADP_flag               ? 
_refine.pdbx_overall_SU_R_free_Cruickshank_DPI   ? 
_refine.pdbx_overall_SU_R_Blow_DPI               ? 
_refine.pdbx_overall_SU_R_free_Blow_DPI          ? 
# 
_refine_hist.pdbx_refine_id                   'X-RAY DIFFRACTION' 
_refine_hist.cycle_id                         LAST 
_refine_hist.pdbx_number_atoms_protein        1430 
_refine_hist.pdbx_number_atoms_nucleic_acid   0 
_refine_hist.pdbx_number_atoms_ligand         22 
_refine_hist.number_atoms_solvent             73 
_refine_hist.number_atoms_total               1525 
_refine_hist.d_res_high                       1.22 
_refine_hist.d_res_low                        41 
# 
loop_
_refine_ls_restr.type 
_refine_ls_restr.dev_ideal 
_refine_ls_restr.dev_ideal_target 
_refine_ls_restr.weight 
_refine_ls_restr.number 
_refine_ls_restr.pdbx_refine_id 
_refine_ls_restr.pdbx_restraint_function 
s_bond_d  0.02 ? ? ? 'X-RAY DIFFRACTION' ? 
s_angle_d 0.04 ? ? ? 'X-RAY DIFFRACTION' ? 
# 
_pdbx_refine.entry_id                                    3ESD 
_pdbx_refine.R_factor_all_no_cutoff                      ? 
_pdbx_refine.R_factor_obs_no_cutoff                      0.199 
_pdbx_refine.free_R_factor_no_cutoff                     0.222 
_pdbx_refine.free_R_error_no_cutoff                      ? 
_pdbx_refine.free_R_val_test_set_size_perc_no_cutoff     ? 
_pdbx_refine.free_R_val_test_set_ct_no_cutoff            ? 
_pdbx_refine.R_factor_all_4sig_cutoff                    ? 
_pdbx_refine.R_factor_obs_4sig_cutoff                    ? 
_pdbx_refine.free_R_factor_4sig_cutoff                   ? 
_pdbx_refine.free_R_val_test_set_size_perc_4sig_cutoff   ? 
_pdbx_refine.free_R_val_test_set_ct_4sig_cutoff          ? 
_pdbx_refine.number_reflns_obs_4sig_cutoff               ? 
_pdbx_refine.pdbx_refine_id                              'X-RAY DIFFRACTION' 
# 
_struct.entry_id                  3ESD 
_struct.title                     'cut-2b; NCN-Pt-Pincer-Cutinase Hybrid' 
_struct.pdbx_model_details        ? 
_struct.pdbx_CASP_flag            ? 
_struct.pdbx_model_type_details   ? 
# 
_struct_keywords.entry_id        3ESD 
_struct_keywords.pdbx_keywords   HYDROLASE 
_struct_keywords.text            'protein-metallopincer complex, Glycoprotein, Hydrolase, Secreted, Serine esterase' 
# 
loop_
_struct_asym.id 
_struct_asym.pdbx_blank_PDB_chainid_flag 
_struct_asym.pdbx_modified 
_struct_asym.entity_id 
_struct_asym.details 
A N N 1 ? 
B N N 2 ? 
C N N 3 ? 
# 
_struct_ref.id                         1 
_struct_ref.db_name                    UNP 
_struct_ref.db_code                    CUTI1_FUSSO 
_struct_ref.pdbx_db_accession          P00590 
_struct_ref.entity_id                  1 
_struct_ref.pdbx_seq_one_letter_code   
;LPTSNPAQELEARQLGRTTRDDLINGNSASCRDVIFIYARGSTETGNLGTLGPSIASNLESAFGKDGVWIQGVGGAYRAT
LGDNALPRGTSSAAIREMLGLFQQANTKCPDATLIAGGYSQGAALAAASIEDLDSAIRDKIAGTVLFGYTKNLQNRGRIP
NYPADRTKVFCNTGDLVCTGSLIVAAPHLAYGPDARGPAPEFLIEKVRAVRGSA
;
_struct_ref.pdbx_align_begin           17 
_struct_ref.pdbx_db_isoform            ? 
# 
_struct_ref_seq.align_id                      1 
_struct_ref_seq.ref_id                        1 
_struct_ref_seq.pdbx_PDB_id_code              3ESD 
_struct_ref_seq.pdbx_strand_id                A 
_struct_ref_seq.seq_align_beg                 1 
_struct_ref_seq.pdbx_seq_align_beg_ins_code   ? 
_struct_ref_seq.seq_align_end                 214 
_struct_ref_seq.pdbx_seq_align_end_ins_code   ? 
_struct_ref_seq.pdbx_db_accession             P00590 
_struct_ref_seq.db_align_beg                  17 
_struct_ref_seq.pdbx_db_align_beg_ins_code    ? 
_struct_ref_seq.db_align_end                  230 
_struct_ref_seq.pdbx_db_align_end_ins_code    ? 
_struct_ref_seq.pdbx_auth_seq_align_beg       1 
_struct_ref_seq.pdbx_auth_seq_align_end       214 
# 
loop_
_struct_ref_seq_dif.align_id 
_struct_ref_seq_dif.pdbx_pdb_id_code 
_struct_ref_seq_dif.mon_id 
_struct_ref_seq_dif.pdbx_pdb_strand_id 
_struct_ref_seq_dif.seq_num 
_struct_ref_seq_dif.pdbx_pdb_ins_code 
_struct_ref_seq_dif.pdbx_seq_db_name 
_struct_ref_seq_dif.pdbx_seq_db_accession_code 
_struct_ref_seq_dif.db_mon_id 
_struct_ref_seq_dif.pdbx_seq_db_seq_num 
_struct_ref_seq_dif.details 
_struct_ref_seq_dif.pdbx_auth_seq_num 
_struct_ref_seq_dif.pdbx_ordinal 
1 3ESD ALA A 32  ? UNP P00590 ARG 48  'SEE REMARK 999'      32  1 
1 3ESD LYS A 172 ? UNP P00590 ASN 188 'engineered mutation' 172 2 
# 
_pdbx_struct_assembly.id                   1 
_pdbx_struct_assembly.details              author_and_software_defined_assembly 
_pdbx_struct_assembly.method_details       PISA 
_pdbx_struct_assembly.oligomeric_details   monomeric 
_pdbx_struct_assembly.oligomeric_count     1 
# 
_pdbx_struct_assembly_gen.assembly_id       1 
_pdbx_struct_assembly_gen.oper_expression   1 
_pdbx_struct_assembly_gen.asym_id_list      A,B,C 
# 
_pdbx_struct_oper_list.id                   1 
_pdbx_struct_oper_list.type                 'identity operation' 
_pdbx_struct_oper_list.name                 1_555 
_pdbx_struct_oper_list.symmetry_operation   x,y,z 
_pdbx_struct_oper_list.matrix[1][1]         1.0000000000 
_pdbx_struct_oper_list.matrix[1][2]         0.0000000000 
_pdbx_struct_oper_list.matrix[1][3]         0.0000000000 
_pdbx_struct_oper_list.vector[1]            0.0000000000 
_pdbx_struct_oper_list.matrix[2][1]         0.0000000000 
_pdbx_struct_oper_list.matrix[2][2]         1.0000000000 
_pdbx_struct_oper_list.matrix[2][3]         0.0000000000 
_pdbx_struct_oper_list.vector[2]            0.0000000000 
_pdbx_struct_oper_list.matrix[3][1]         0.0000000000 
_pdbx_struct_oper_list.matrix[3][2]         0.0000000000 
_pdbx_struct_oper_list.matrix[3][3]         1.0000000000 
_pdbx_struct_oper_list.vector[3]            0.0000000000 
# 
_struct_biol.id        1 
_struct_biol.details   ? 
# 
loop_
_struct_conf.conf_type_id 
_struct_conf.id 
_struct_conf.pdbx_PDB_helix_id 
_struct_conf.beg_label_comp_id 
_struct_conf.beg_label_asym_id 
_struct_conf.beg_label_seq_id 
_struct_conf.pdbx_beg_PDB_ins_code 
_struct_conf.end_label_comp_id 
_struct_conf.end_label_asym_id 
_struct_conf.end_label_seq_id 
_struct_conf.pdbx_end_PDB_ins_code 
_struct_conf.beg_auth_comp_id 
_struct_conf.beg_auth_asym_id 
_struct_conf.beg_auth_seq_id 
_struct_conf.end_auth_comp_id 
_struct_conf.end_auth_asym_id 
_struct_conf.end_auth_seq_id 
_struct_conf.pdbx_PDB_helix_class 
_struct_conf.details 
_struct_conf.pdbx_PDB_helix_length 
HELX_P HELX_P1  1  ASN A 27  ? CYS A 31  ? ASN A 27  CYS A 31  5 ? 5  
HELX_P HELX_P2  2  LEU A 51  ? GLY A 64  ? LEU A 51  GLY A 64  1 ? 14 
HELX_P HELX_P3  3  LEU A 81  ? LEU A 86  ? LEU A 81  LEU A 86  5 ? 6  
HELX_P HELX_P4  4  SER A 91  ? CYS A 109 ? SER A 91  CYS A 109 1 ? 19 
HELX_P HELX_P5  5  SER A 120 ? LEU A 133 ? SER A 120 LEU A 133 1 ? 14 
HELX_P HELX_P6  6  ASP A 134 ? LYS A 140 ? ASP A 134 LYS A 140 1 ? 7  
HELX_P HELX_P7  7  PRO A 163 ? ASP A 165 ? PRO A 163 ASP A 165 5 ? 3  
HELX_P HELX_P8  8  ASP A 175 ? GLY A 180 ? ASP A 175 GLY A 180 5 ? 6  
HELX_P HELX_P9  9  ALA A 185 ? ALA A 190 ? ALA A 185 ALA A 190 5 ? 6  
HELX_P HELX_P10 10 TYR A 191 ? GLY A 197 ? TYR A 191 GLY A 197 1 ? 7  
HELX_P HELX_P11 11 GLY A 197 ? ARG A 211 ? GLY A 197 ARG A 211 1 ? 15 
# 
_struct_conf_type.id          HELX_P 
_struct_conf_type.criteria    ? 
_struct_conf_type.reference   ? 
# 
loop_
_struct_conn.id 
_struct_conn.conn_type_id 
_struct_conn.pdbx_leaving_atom_flag 
_struct_conn.pdbx_PDB_id 
_struct_conn.ptnr1_label_asym_id 
_struct_conn.ptnr1_label_comp_id 
_struct_conn.ptnr1_label_seq_id 
_struct_conn.ptnr1_label_atom_id 
_struct_conn.pdbx_ptnr1_label_alt_id 
_struct_conn.pdbx_ptnr1_PDB_ins_code 
_struct_conn.pdbx_ptnr1_standard_comp_id 
_struct_conn.ptnr1_symmetry 
_struct_conn.ptnr2_label_asym_id 
_struct_conn.ptnr2_label_comp_id 
_struct_conn.ptnr2_label_seq_id 
_struct_conn.ptnr2_label_atom_id 
_struct_conn.pdbx_ptnr2_label_alt_id 
_struct_conn.pdbx_ptnr2_PDB_ins_code 
_struct_conn.ptnr1_auth_asym_id 
_struct_conn.ptnr1_auth_comp_id 
_struct_conn.ptnr1_auth_seq_id 
_struct_conn.ptnr2_auth_asym_id 
_struct_conn.ptnr2_auth_comp_id 
_struct_conn.ptnr2_auth_seq_id 
_struct_conn.ptnr2_symmetry 
_struct_conn.pdbx_ptnr3_label_atom_id 
_struct_conn.pdbx_ptnr3_label_seq_id 
_struct_conn.pdbx_ptnr3_label_comp_id 
_struct_conn.pdbx_ptnr3_label_asym_id 
_struct_conn.pdbx_ptnr3_label_alt_id 
_struct_conn.pdbx_ptnr3_PDB_ins_code 
_struct_conn.details 
_struct_conn.pdbx_dist_value 
_struct_conn.pdbx_value_order 
_struct_conn.pdbx_role 
disulf1 disulf ?    ? A CYS 31  SG ? ? ? 1_555 A CYS 109 SG ? ? A CYS 31  A CYS 109 1_555 ? ? ? ? ? ? ? 2.045 ? ? 
disulf2 disulf ?    ? A CYS 171 SG ? ? ? 1_555 A CYS 178 SG ? ? A CYS 171 A CYS 178 1_555 ? ? ? ? ? ? ? 2.080 ? ? 
covale1 covale none ? A SER 120 OG ? ? ? 1_555 B SXC .   P1 ? ? A SER 120 A SXC 215 1_555 ? ? ? ? ? ? ? 1.572 ? ? 
# 
loop_
_struct_conn_type.id 
_struct_conn_type.criteria 
_struct_conn_type.reference 
disulf ? ? 
covale ? ? 
# 
loop_
_pdbx_modification_feature.ordinal 
_pdbx_modification_feature.label_comp_id 
_pdbx_modification_feature.label_asym_id 
_pdbx_modification_feature.label_seq_id 
_pdbx_modification_feature.label_alt_id 
_pdbx_modification_feature.modified_residue_label_comp_id 
_pdbx_modification_feature.modified_residue_label_asym_id 
_pdbx_modification_feature.modified_residue_label_seq_id 
_pdbx_modification_feature.modified_residue_label_alt_id 
_pdbx_modification_feature.auth_comp_id 
_pdbx_modification_feature.auth_asym_id 
_pdbx_modification_feature.auth_seq_id 
_pdbx_modification_feature.PDB_ins_code 
_pdbx_modification_feature.symmetry 
_pdbx_modification_feature.modified_residue_auth_comp_id 
_pdbx_modification_feature.modified_residue_auth_asym_id 
_pdbx_modification_feature.modified_residue_auth_seq_id 
_pdbx_modification_feature.modified_residue_PDB_ins_code 
_pdbx_modification_feature.modified_residue_symmetry 
_pdbx_modification_feature.comp_id_linking_atom 
_pdbx_modification_feature.modified_residue_id_linking_atom 
_pdbx_modification_feature.modified_residue_id 
_pdbx_modification_feature.ref_pcm_id 
_pdbx_modification_feature.ref_comp_id 
_pdbx_modification_feature.type 
_pdbx_modification_feature.category 
1 SXC B .   ? SER A 120 ? SXC A 215 ? 1_555 SER A 120 ? 1_555 P1 OG SER 1 SXC None 'Covalent chemical modification' 
2 CYS A 31  ? CYS A 109 ? CYS A 31  ? 1_555 CYS A 109 ? 1_555 SG SG .   . .   None 'Disulfide bridge'               
3 CYS A 171 ? CYS A 178 ? CYS A 171 ? 1_555 CYS A 178 ? 1_555 SG SG .   . .   None 'Disulfide bridge'               
# 
_struct_sheet.id               A 
_struct_sheet.type             ? 
_struct_sheet.number_strands   5 
_struct_sheet.details          ? 
# 
loop_
_struct_sheet_order.sheet_id 
_struct_sheet_order.range_id_1 
_struct_sheet_order.range_id_2 
_struct_sheet_order.offset 
_struct_sheet_order.sense 
A 1 2 ? parallel 
A 2 3 ? parallel 
A 3 4 ? parallel 
A 4 5 ? parallel 
# 
loop_
_struct_sheet_range.sheet_id 
_struct_sheet_range.id 
_struct_sheet_range.beg_label_comp_id 
_struct_sheet_range.beg_label_asym_id 
_struct_sheet_range.beg_label_seq_id 
_struct_sheet_range.pdbx_beg_PDB_ins_code 
_struct_sheet_range.end_label_comp_id 
_struct_sheet_range.end_label_asym_id 
_struct_sheet_range.end_label_seq_id 
_struct_sheet_range.pdbx_end_PDB_ins_code 
_struct_sheet_range.beg_auth_comp_id 
_struct_sheet_range.beg_auth_asym_id 
_struct_sheet_range.beg_auth_seq_id 
_struct_sheet_range.end_auth_comp_id 
_struct_sheet_range.end_auth_asym_id 
_struct_sheet_range.end_auth_seq_id 
A 1 VAL A 68  ? GLY A 72  ? VAL A 68  GLY A 72  
A 2 VAL A 34  ? ALA A 39  ? VAL A 34  ALA A 39  
A 3 THR A 113 ? TYR A 119 ? THR A 113 TYR A 119 
A 4 ILE A 141 ? PHE A 147 ? ILE A 141 PHE A 147 
A 5 THR A 167 ? PHE A 170 ? THR A 167 PHE A 170 
# 
loop_
_pdbx_struct_sheet_hbond.sheet_id 
_pdbx_struct_sheet_hbond.range_id_1 
_pdbx_struct_sheet_hbond.range_id_2 
_pdbx_struct_sheet_hbond.range_1_label_atom_id 
_pdbx_struct_sheet_hbond.range_1_label_comp_id 
_pdbx_struct_sheet_hbond.range_1_label_asym_id 
_pdbx_struct_sheet_hbond.range_1_label_seq_id 
_pdbx_struct_sheet_hbond.range_1_PDB_ins_code 
_pdbx_struct_sheet_hbond.range_1_auth_atom_id 
_pdbx_struct_sheet_hbond.range_1_auth_comp_id 
_pdbx_struct_sheet_hbond.range_1_auth_asym_id 
_pdbx_struct_sheet_hbond.range_1_auth_seq_id 
_pdbx_struct_sheet_hbond.range_2_label_atom_id 
_pdbx_struct_sheet_hbond.range_2_label_comp_id 
_pdbx_struct_sheet_hbond.range_2_label_asym_id 
_pdbx_struct_sheet_hbond.range_2_label_seq_id 
_pdbx_struct_sheet_hbond.range_2_PDB_ins_code 
_pdbx_struct_sheet_hbond.range_2_auth_atom_id 
_pdbx_struct_sheet_hbond.range_2_auth_comp_id 
_pdbx_struct_sheet_hbond.range_2_auth_asym_id 
_pdbx_struct_sheet_hbond.range_2_auth_seq_id 
A 1 2 O TRP A 69  ? O TRP A 69  N PHE A 36  ? N PHE A 36  
A 2 3 N ILE A 35  ? N ILE A 35  O ILE A 115 ? O ILE A 115 
A 3 4 N ALA A 116 ? N ALA A 116 O VAL A 145 ? O VAL A 145 
A 4 5 N LEU A 146 ? N LEU A 146 O PHE A 170 ? O PHE A 170 
# 
_struct_site.id                   AC1 
_struct_site.pdbx_evidence_code   Software 
_struct_site.pdbx_auth_asym_id    A 
_struct_site.pdbx_auth_comp_id    SXC 
_struct_site.pdbx_auth_seq_id     215 
_struct_site.pdbx_auth_ins_code   ? 
_struct_site.pdbx_num_residues    10 
_struct_site.details              'BINDING SITE FOR RESIDUE SXC A 215' 
# 
loop_
_struct_site_gen.id 
_struct_site_gen.site_id 
_struct_site_gen.pdbx_num_res 
_struct_site_gen.label_comp_id 
_struct_site_gen.label_asym_id 
_struct_site_gen.label_seq_id 
_struct_site_gen.pdbx_auth_ins_code 
_struct_site_gen.auth_comp_id 
_struct_site_gen.auth_asym_id 
_struct_site_gen.auth_seq_id 
_struct_site_gen.label_atom_id 
_struct_site_gen.label_alt_id 
_struct_site_gen.symmetry 
_struct_site_gen.details 
1  AC1 10 SER A 42  ? SER A 42  . ? 1_555 ? 
2  AC1 10 LEU A 81  ? LEU A 81  . ? 1_555 ? 
3  AC1 10 GLY A 82  ? GLY A 82  . ? 1_555 ? 
4  AC1 10 ASN A 84  ? ASN A 84  . ? 1_555 ? 
5  AC1 10 TYR A 119 ? TYR A 119 . ? 1_555 ? 
6  AC1 10 SER A 120 ? SER A 120 . ? 1_555 ? 
7  AC1 10 GLN A 121 ? GLN A 121 . ? 1_555 ? 
8  AC1 10 LEU A 182 ? LEU A 182 . ? 1_555 ? 
9  AC1 10 ILE A 183 ? ILE A 183 . ? 1_555 ? 
10 AC1 10 HIS A 188 ? HIS A 188 . ? 1_555 ? 
# 
_pdbx_entry_details.sequence_details           'SEE REFERENCE 2 IN UNIPROT DATABASE P00590' 
_pdbx_entry_details.entry_id                   3ESD 
_pdbx_entry_details.compound_details           ? 
_pdbx_entry_details.source_details             ? 
_pdbx_entry_details.nonpolymer_details         ? 
_pdbx_entry_details.has_ligand_of_interest     ? 
_pdbx_entry_details.has_protein_modification   Y 
# 
loop_
_pdbx_validate_rmsd_bond.id 
_pdbx_validate_rmsd_bond.PDB_model_num 
_pdbx_validate_rmsd_bond.auth_atom_id_1 
_pdbx_validate_rmsd_bond.auth_asym_id_1 
_pdbx_validate_rmsd_bond.auth_comp_id_1 
_pdbx_validate_rmsd_bond.auth_seq_id_1 
_pdbx_validate_rmsd_bond.PDB_ins_code_1 
_pdbx_validate_rmsd_bond.label_alt_id_1 
_pdbx_validate_rmsd_bond.auth_atom_id_2 
_pdbx_validate_rmsd_bond.auth_asym_id_2 
_pdbx_validate_rmsd_bond.auth_comp_id_2 
_pdbx_validate_rmsd_bond.auth_seq_id_2 
_pdbx_validate_rmsd_bond.PDB_ins_code_2 
_pdbx_validate_rmsd_bond.label_alt_id_2 
_pdbx_validate_rmsd_bond.bond_value 
_pdbx_validate_rmsd_bond.bond_target_value 
_pdbx_validate_rmsd_bond.bond_deviation 
_pdbx_validate_rmsd_bond.bond_standard_deviation 
_pdbx_validate_rmsd_bond.linker_flag 
1 1 NE A ARG 40 ? ? CZ  A ARG 40 ? ? 1.230 1.326 -0.096 0.013 N 
2 1 CZ A ARG 40 ? ? NH1 A ARG 40 ? ? 1.437 1.326 0.111  0.013 N 
# 
loop_
_pdbx_validate_rmsd_angle.id 
_pdbx_validate_rmsd_angle.PDB_model_num 
_pdbx_validate_rmsd_angle.auth_atom_id_1 
_pdbx_validate_rmsd_angle.auth_asym_id_1 
_pdbx_validate_rmsd_angle.auth_comp_id_1 
_pdbx_validate_rmsd_angle.auth_seq_id_1 
_pdbx_validate_rmsd_angle.PDB_ins_code_1 
_pdbx_validate_rmsd_angle.label_alt_id_1 
_pdbx_validate_rmsd_angle.auth_atom_id_2 
_pdbx_validate_rmsd_angle.auth_asym_id_2 
_pdbx_validate_rmsd_angle.auth_comp_id_2 
_pdbx_validate_rmsd_angle.auth_seq_id_2 
_pdbx_validate_rmsd_angle.PDB_ins_code_2 
_pdbx_validate_rmsd_angle.label_alt_id_2 
_pdbx_validate_rmsd_angle.auth_atom_id_3 
_pdbx_validate_rmsd_angle.auth_asym_id_3 
_pdbx_validate_rmsd_angle.auth_comp_id_3 
_pdbx_validate_rmsd_angle.auth_seq_id_3 
_pdbx_validate_rmsd_angle.PDB_ins_code_3 
_pdbx_validate_rmsd_angle.label_alt_id_3 
_pdbx_validate_rmsd_angle.angle_value 
_pdbx_validate_rmsd_angle.angle_target_value 
_pdbx_validate_rmsd_angle.angle_deviation 
_pdbx_validate_rmsd_angle.angle_standard_deviation 
_pdbx_validate_rmsd_angle.linker_flag 
1  1 NE  A ARG 20  ? ? CZ  A ARG 20  ? ? NH1 A ARG 20  ? ? 131.28 120.30 10.98  0.50 N 
2  1 NE  A ARG 20  ? ? CZ  A ARG 20  ? ? NH2 A ARG 20  ? ? 113.29 120.30 -7.01  0.50 N 
3  1 CA  A ASP 22  ? ? CB  A ASP 22  ? ? CG  A ASP 22  ? ? 129.05 113.40 15.65  2.20 N 
4  1 OD1 A ASP 22  ? ? CG  A ASP 22  ? ? OD2 A ASP 22  ? ? 108.98 123.30 -14.32 1.90 N 
5  1 CB  A ASP 22  ? ? CG  A ASP 22  ? ? OD1 A ASP 22  ? ? 111.32 118.30 -6.98  0.90 N 
6  1 CB  A ASP 22  ? ? CG  A ASP 22  ? ? OD2 A ASP 22  ? ? 139.38 118.30 21.08  0.90 N 
7  1 O   A LEU 23  ? ? C   A LEU 23  ? ? N   A ILE 24  ? ? 112.01 122.70 -10.69 1.60 Y 
8  1 O   A ALA 32  ? ? C   A ALA 32  ? ? N   A ASP 33  ? ? 141.19 122.70 18.49  1.60 Y 
9  1 CB  A TYR 38  ? ? CG  A TYR 38  ? ? CD2 A TYR 38  ? ? 124.65 121.00 3.65   0.60 N 
10 1 CB  A TYR 38  ? ? CG  A TYR 38  ? ? CD1 A TYR 38  ? ? 116.71 121.00 -4.29  0.60 N 
11 1 CD  A ARG 40  ? ? NE  A ARG 40  ? ? CZ  A ARG 40  ? ? 143.28 123.60 19.68  1.40 N 
12 1 NH1 A ARG 40  ? ? CZ  A ARG 40  ? ? NH2 A ARG 40  ? ? 104.15 119.40 -15.25 1.10 N 
13 1 NE  A ARG 40  ? ? CZ  A ARG 40  ? ? NH1 A ARG 40  ? ? 111.37 120.30 -8.93  0.50 N 
14 1 NE  A ARG 40  ? ? CZ  A ARG 40  ? ? NH2 A ARG 40  ? ? 144.44 120.30 24.14  0.50 N 
15 1 O   A ARG 40  ? ? C   A ARG 40  ? ? N   A GLY 41  ? ? 134.16 123.20 10.96  1.70 Y 
16 1 CA  A GLU 44  ? ? C   A GLU 44  ? ? N   A THR 45  ? ? 101.38 117.20 -15.82 2.20 Y 
17 1 O   A GLU 44  ? ? C   A GLU 44  ? ? N   A THR 45  ? ? 144.00 122.70 21.30  1.60 Y 
18 1 OD1 A ASN 47  ? ? CG  A ASN 47  ? ? ND2 A ASN 47  ? ? 141.76 121.90 19.86  2.30 N 
19 1 CB  A ASN 47  ? ? CG  A ASN 47  ? ? ND2 A ASN 47  ? ? 100.00 116.70 -16.70 2.40 N 
20 1 CA  A GLY 49  ? ? C   A GLY 49  ? ? O   A GLY 49  ? ? 131.91 120.60 11.31  1.80 N 
21 1 O   A GLY 49  ? ? C   A GLY 49  ? ? N   A THR 50  ? ? 109.54 122.70 -13.16 1.60 Y 
22 1 CB  A TYR 77  ? ? CG  A TYR 77  ? ? CD2 A TYR 77  ? ? 125.58 121.00 4.58   0.60 N 
23 1 CB  A TYR 77  ? ? CG  A TYR 77  ? ? CD1 A TYR 77  ? ? 116.30 121.00 -4.70  0.60 N 
24 1 CG  A TYR 77  ? ? CD1 A TYR 77  ? ? CE1 A TYR 77  ? ? 115.33 121.30 -5.97  0.80 N 
25 1 CD1 A TYR 77  ? ? CE1 A TYR 77  ? ? CZ  A TYR 77  ? ? 126.73 119.80 6.93   0.90 N 
26 1 CA  A ARG 78  ? ? CB  A ARG 78  ? ? CG  A ARG 78  ? ? 126.88 113.40 13.48  2.20 N 
27 1 O   A ALA 79  ? ? C   A ALA 79  ? ? N   A THR 80  ? ? 137.31 122.70 14.61  1.60 Y 
28 1 NE  A ARG 88  ? ? CZ  A ARG 88  ? ? NH1 A ARG 88  ? ? 124.28 120.30 3.98   0.50 N 
29 1 CA  A ALA 112 ? ? C   A ALA 112 ? ? O   A ALA 112 ? ? 106.59 120.10 -13.51 2.10 N 
30 1 CA  A ALA 112 ? ? C   A ALA 112 ? ? N   A THR 113 ? ? 103.49 117.20 -13.71 2.20 Y 
31 1 O   A ALA 112 ? ? C   A ALA 112 ? ? N   A THR 113 ? ? 149.91 122.70 27.21  1.60 Y 
32 1 CA  A LEU 125 ? ? C   A LEU 125 ? ? O   A LEU 125 ? ? 104.02 120.10 -16.08 2.10 N 
33 1 O   A LEU 125 ? ? C   A LEU 125 ? ? N   A ALA 126 ? ? 139.87 122.70 17.17  1.60 Y 
34 1 CD  A ARG 138 ? ? NE  A ARG 138 ? ? CZ  A ARG 138 ? ? 136.40 123.60 12.80  1.40 N 
35 1 NE  A ARG 138 ? ? CZ  A ARG 138 ? ? NH1 A ARG 138 ? ? 127.85 120.30 7.55   0.50 N 
36 1 NE  A ARG 138 ? ? CZ  A ARG 138 ? ? NH2 A ARG 138 ? ? 114.18 120.30 -6.12  0.50 N 
37 1 CA  A ARG 138 ? ? C   A ARG 138 ? ? O   A ARG 138 ? ? 132.95 120.10 12.85  2.10 N 
38 1 O   A ARG 138 ? ? C   A ARG 138 ? ? N   A ASP 139 ? ? 109.45 122.70 -13.25 1.60 Y 
39 1 CA  A ASP 139 ? ? C   A ASP 139 ? ? O   A ASP 139 ? ? 134.20 120.10 14.10  2.10 N 
40 1 CB  A PHE 147 ? ? CG  A PHE 147 ? ? CD1 A PHE 147 ? ? 113.78 120.80 -7.02  0.70 N 
41 1 CA  A GLY 148 ? ? C   A GLY 148 ? ? O   A GLY 148 ? ? 146.78 120.60 26.18  1.80 N 
42 1 O   A GLY 148 ? ? C   A GLY 148 ? ? N   A TYR 149 ? ? 105.72 122.70 -16.98 1.60 Y 
43 1 CB  A TYR 149 ? ? CG  A TYR 149 ? ? CD1 A TYR 149 ? ? 125.34 121.00 4.34   0.60 N 
44 1 CG  A TYR 149 ? ? CD1 A TYR 149 ? ? CE1 A TYR 149 ? ? 128.90 121.30 7.60   0.80 N 
45 1 CG  A TYR 149 ? ? CD2 A TYR 149 ? ? CE2 A TYR 149 ? ? 113.46 121.30 -7.84  0.80 N 
46 1 CZ  A TYR 149 ? ? CE2 A TYR 149 ? ? CD2 A TYR 149 ? ? 131.84 119.80 12.04  0.90 N 
47 1 CG  A GLN 154 ? ? CD  A GLN 154 ? ? OE1 A GLN 154 ? ? 134.52 121.60 12.92  2.00 N 
48 1 CA  A GLY 157 ? ? C   A GLY 157 ? ? O   A GLY 157 ? ? 104.50 120.60 -16.10 1.80 N 
49 1 O   A GLY 157 ? ? C   A GLY 157 ? ? N   A ARG 158 ? ? 147.64 122.70 24.94  1.60 Y 
50 1 CD  A ARG 158 ? ? NE  A ARG 158 ? ? CZ  A ARG 158 ? ? 133.83 123.60 10.23  1.40 N 
51 1 NE  A ARG 158 ? ? CZ  A ARG 158 ? ? NH1 A ARG 158 ? ? 125.56 120.30 5.26   0.50 N 
52 1 NE  A ARG 158 ? ? CZ  A ARG 158 ? ? NH2 A ARG 158 ? ? 117.22 120.30 -3.08  0.50 N 
53 1 CB  A TYR 162 ? ? CG  A TYR 162 ? ? CD1 A TYR 162 ? ? 126.41 121.00 5.41   0.60 N 
54 1 CG  A TYR 162 ? ? CD1 A TYR 162 ? ? CE1 A TYR 162 ? ? 115.99 121.30 -5.31  0.80 N 
55 1 CG  A TYR 162 ? ? CD2 A TYR 162 ? ? CE2 A TYR 162 ? ? 133.66 121.30 12.36  0.80 N 
56 1 CD1 A TYR 162 ? ? CE1 A TYR 162 ? ? CZ  A TYR 162 ? ? 127.66 119.80 7.86   0.90 N 
57 1 CZ  A TYR 162 ? ? CE2 A TYR 162 ? ? CD2 A TYR 162 ? ? 111.40 119.80 -8.40  0.90 N 
58 1 O   A LYS 172 ? ? C   A LYS 172 ? ? N   A THR 173 ? ? 137.03 122.70 14.33  1.60 Y 
59 1 CB  A ASP 175 ? ? CG  A ASP 175 ? ? OD1 A ASP 175 ? ? 126.15 118.30 7.85   0.90 N 
60 1 CA  A VAL 177 ? ? C   A VAL 177 ? ? O   A VAL 177 ? ? 101.93 120.10 -18.17 2.10 N 
61 1 CA  A VAL 177 ? ? C   A VAL 177 ? ? N   A CYS 178 ? ? 101.66 117.20 -15.54 2.20 Y 
62 1 O   A VAL 177 ? ? C   A VAL 177 ? ? N   A CYS 178 ? ? 156.38 122.70 33.68  1.60 Y 
63 1 C   A THR 179 ? ? N   A GLY 180 ? ? CA  A GLY 180 ? ? 135.49 122.30 13.19  2.10 Y 
64 1 N   A ALA 186 ? ? CA  A ALA 186 ? ? CB  A ALA 186 ? ? 119.95 110.10 9.85   1.40 N 
65 1 CD1 A PHE 202 ? ? CE1 A PHE 202 ? ? CZ  A PHE 202 ? ? 128.73 120.10 8.63   1.20 N 
66 1 NH1 A ARG 211 ? ? CZ  A ARG 211 ? ? NH2 A ARG 211 ? ? 112.31 119.40 -7.09  1.10 N 
67 1 NE  A ARG 211 ? ? CZ  A ARG 211 ? ? NH1 A ARG 211 ? ? 133.20 120.30 12.90  0.50 N 
68 1 NE  A ARG 211 ? ? CZ  A ARG 211 ? ? NH2 A ARG 211 ? ? 114.49 120.30 -5.81  0.50 N 
# 
_pdbx_validate_torsion.id              1 
_pdbx_validate_torsion.PDB_model_num   1 
_pdbx_validate_torsion.auth_comp_id    SER 
_pdbx_validate_torsion.auth_asym_id    A 
_pdbx_validate_torsion.auth_seq_id     120 
_pdbx_validate_torsion.PDB_ins_code    ? 
_pdbx_validate_torsion.label_alt_id    ? 
_pdbx_validate_torsion.phi             56.38 
_pdbx_validate_torsion.psi             -117.12 
# 
_pdbx_struct_special_symmetry.id              1 
_pdbx_struct_special_symmetry.PDB_model_num   1 
_pdbx_struct_special_symmetry.auth_asym_id    A 
_pdbx_struct_special_symmetry.auth_comp_id    HOH 
_pdbx_struct_special_symmetry.auth_seq_id     284 
_pdbx_struct_special_symmetry.PDB_ins_code    ? 
_pdbx_struct_special_symmetry.label_asym_id   C 
_pdbx_struct_special_symmetry.label_comp_id   HOH 
_pdbx_struct_special_symmetry.label_seq_id    . 
# 
loop_
_pdbx_unobs_or_zero_occ_residues.id 
_pdbx_unobs_or_zero_occ_residues.PDB_model_num 
_pdbx_unobs_or_zero_occ_residues.polymer_flag 
_pdbx_unobs_or_zero_occ_residues.occupancy_flag 
_pdbx_unobs_or_zero_occ_residues.auth_asym_id 
_pdbx_unobs_or_zero_occ_residues.auth_comp_id 
_pdbx_unobs_or_zero_occ_residues.auth_seq_id 
_pdbx_unobs_or_zero_occ_residues.PDB_ins_code 
_pdbx_unobs_or_zero_occ_residues.label_asym_id 
_pdbx_unobs_or_zero_occ_residues.label_comp_id 
_pdbx_unobs_or_zero_occ_residues.label_seq_id 
1  1 Y 1 A LEU 1   ? A LEU 1   
2  1 Y 1 A PRO 2   ? A PRO 2   
3  1 Y 1 A THR 3   ? A THR 3   
4  1 Y 1 A SER 4   ? A SER 4   
5  1 Y 1 A ASN 5   ? A ASN 5   
6  1 Y 1 A PRO 6   ? A PRO 6   
7  1 Y 1 A ALA 7   ? A ALA 7   
8  1 Y 1 A GLN 8   ? A GLN 8   
9  1 Y 1 A GLU 9   ? A GLU 9   
10 1 Y 1 A LEU 10  ? A LEU 10  
11 1 Y 1 A GLU 11  ? A GLU 11  
12 1 Y 1 A ALA 12  ? A ALA 12  
13 1 Y 1 A ARG 13  ? A ARG 13  
14 1 Y 1 A GLN 14  ? A GLN 14  
15 1 Y 1 A LEU 15  ? A LEU 15  
16 1 Y 1 A GLY 16  ? A GLY 16  
17 1 Y 1 A GLY 212 ? A GLY 212 
18 1 Y 1 A SER 213 ? A SER 213 
19 1 Y 1 A ALA 214 ? A ALA 214 
# 
loop_
_chem_comp_atom.comp_id 
_chem_comp_atom.atom_id 
_chem_comp_atom.type_symbol 
_chem_comp_atom.pdbx_aromatic_flag 
_chem_comp_atom.pdbx_stereo_config 
_chem_comp_atom.pdbx_ordinal 
ALA N    N  N N 1   
ALA CA   C  N S 2   
ALA C    C  N N 3   
ALA O    O  N N 4   
ALA CB   C  N N 5   
ALA OXT  O  N N 6   
ALA H    H  N N 7   
ALA H2   H  N N 8   
ALA HA   H  N N 9   
ALA HB1  H  N N 10  
ALA HB2  H  N N 11  
ALA HB3  H  N N 12  
ALA HXT  H  N N 13  
ARG N    N  N N 14  
ARG CA   C  N S 15  
ARG C    C  N N 16  
ARG O    O  N N 17  
ARG CB   C  N N 18  
ARG CG   C  N N 19  
ARG CD   C  N N 20  
ARG NE   N  N N 21  
ARG CZ   C  N N 22  
ARG NH1  N  N N 23  
ARG NH2  N  N N 24  
ARG OXT  O  N N 25  
ARG H    H  N N 26  
ARG H2   H  N N 27  
ARG HA   H  N N 28  
ARG HB2  H  N N 29  
ARG HB3  H  N N 30  
ARG HG2  H  N N 31  
ARG HG3  H  N N 32  
ARG HD2  H  N N 33  
ARG HD3  H  N N 34  
ARG HE   H  N N 35  
ARG HH11 H  N N 36  
ARG HH12 H  N N 37  
ARG HH21 H  N N 38  
ARG HH22 H  N N 39  
ARG HXT  H  N N 40  
ASN N    N  N N 41  
ASN CA   C  N S 42  
ASN C    C  N N 43  
ASN O    O  N N 44  
ASN CB   C  N N 45  
ASN CG   C  N N 46  
ASN OD1  O  N N 47  
ASN ND2  N  N N 48  
ASN OXT  O  N N 49  
ASN H    H  N N 50  
ASN H2   H  N N 51  
ASN HA   H  N N 52  
ASN HB2  H  N N 53  
ASN HB3  H  N N 54  
ASN HD21 H  N N 55  
ASN HD22 H  N N 56  
ASN HXT  H  N N 57  
ASP N    N  N N 58  
ASP CA   C  N S 59  
ASP C    C  N N 60  
ASP O    O  N N 61  
ASP CB   C  N N 62  
ASP CG   C  N N 63  
ASP OD1  O  N N 64  
ASP OD2  O  N N 65  
ASP OXT  O  N N 66  
ASP H    H  N N 67  
ASP H2   H  N N 68  
ASP HA   H  N N 69  
ASP HB2  H  N N 70  
ASP HB3  H  N N 71  
ASP HD2  H  N N 72  
ASP HXT  H  N N 73  
CYS N    N  N N 74  
CYS CA   C  N R 75  
CYS C    C  N N 76  
CYS O    O  N N 77  
CYS CB   C  N N 78  
CYS SG   S  N N 79  
CYS OXT  O  N N 80  
CYS H    H  N N 81  
CYS H2   H  N N 82  
CYS HA   H  N N 83  
CYS HB2  H  N N 84  
CYS HB3  H  N N 85  
CYS HG   H  N N 86  
CYS HXT  H  N N 87  
GLN N    N  N N 88  
GLN CA   C  N S 89  
GLN C    C  N N 90  
GLN O    O  N N 91  
GLN CB   C  N N 92  
GLN CG   C  N N 93  
GLN CD   C  N N 94  
GLN OE1  O  N N 95  
GLN NE2  N  N N 96  
GLN OXT  O  N N 97  
GLN H    H  N N 98  
GLN H2   H  N N 99  
GLN HA   H  N N 100 
GLN HB2  H  N N 101 
GLN HB3  H  N N 102 
GLN HG2  H  N N 103 
GLN HG3  H  N N 104 
GLN HE21 H  N N 105 
GLN HE22 H  N N 106 
GLN HXT  H  N N 107 
GLU N    N  N N 108 
GLU CA   C  N S 109 
GLU C    C  N N 110 
GLU O    O  N N 111 
GLU CB   C  N N 112 
GLU CG   C  N N 113 
GLU CD   C  N N 114 
GLU OE1  O  N N 115 
GLU OE2  O  N N 116 
GLU OXT  O  N N 117 
GLU H    H  N N 118 
GLU H2   H  N N 119 
GLU HA   H  N N 120 
GLU HB2  H  N N 121 
GLU HB3  H  N N 122 
GLU HG2  H  N N 123 
GLU HG3  H  N N 124 
GLU HE2  H  N N 125 
GLU HXT  H  N N 126 
GLY N    N  N N 127 
GLY CA   C  N N 128 
GLY C    C  N N 129 
GLY O    O  N N 130 
GLY OXT  O  N N 131 
GLY H    H  N N 132 
GLY H2   H  N N 133 
GLY HA2  H  N N 134 
GLY HA3  H  N N 135 
GLY HXT  H  N N 136 
HIS N    N  N N 137 
HIS CA   C  N S 138 
HIS C    C  N N 139 
HIS O    O  N N 140 
HIS CB   C  N N 141 
HIS CG   C  Y N 142 
HIS ND1  N  Y N 143 
HIS CD2  C  Y N 144 
HIS CE1  C  Y N 145 
HIS NE2  N  Y N 146 
HIS OXT  O  N N 147 
HIS H    H  N N 148 
HIS H2   H  N N 149 
HIS HA   H  N N 150 
HIS HB2  H  N N 151 
HIS HB3  H  N N 152 
HIS HD1  H  N N 153 
HIS HD2  H  N N 154 
HIS HE1  H  N N 155 
HIS HE2  H  N N 156 
HIS HXT  H  N N 157 
HOH O    O  N N 158 
HOH H1   H  N N 159 
HOH H2   H  N N 160 
ILE N    N  N N 161 
ILE CA   C  N S 162 
ILE C    C  N N 163 
ILE O    O  N N 164 
ILE CB   C  N S 165 
ILE CG1  C  N N 166 
ILE CG2  C  N N 167 
ILE CD1  C  N N 168 
ILE OXT  O  N N 169 
ILE H    H  N N 170 
ILE H2   H  N N 171 
ILE HA   H  N N 172 
ILE HB   H  N N 173 
ILE HG12 H  N N 174 
ILE HG13 H  N N 175 
ILE HG21 H  N N 176 
ILE HG22 H  N N 177 
ILE HG23 H  N N 178 
ILE HD11 H  N N 179 
ILE HD12 H  N N 180 
ILE HD13 H  N N 181 
ILE HXT  H  N N 182 
LEU N    N  N N 183 
LEU CA   C  N S 184 
LEU C    C  N N 185 
LEU O    O  N N 186 
LEU CB   C  N N 187 
LEU CG   C  N N 188 
LEU CD1  C  N N 189 
LEU CD2  C  N N 190 
LEU OXT  O  N N 191 
LEU H    H  N N 192 
LEU H2   H  N N 193 
LEU HA   H  N N 194 
LEU HB2  H  N N 195 
LEU HB3  H  N N 196 
LEU HG   H  N N 197 
LEU HD11 H  N N 198 
LEU HD12 H  N N 199 
LEU HD13 H  N N 200 
LEU HD21 H  N N 201 
LEU HD22 H  N N 202 
LEU HD23 H  N N 203 
LEU HXT  H  N N 204 
LYS N    N  N N 205 
LYS CA   C  N S 206 
LYS C    C  N N 207 
LYS O    O  N N 208 
LYS CB   C  N N 209 
LYS CG   C  N N 210 
LYS CD   C  N N 211 
LYS CE   C  N N 212 
LYS NZ   N  N N 213 
LYS OXT  O  N N 214 
LYS H    H  N N 215 
LYS H2   H  N N 216 
LYS HA   H  N N 217 
LYS HB2  H  N N 218 
LYS HB3  H  N N 219 
LYS HG2  H  N N 220 
LYS HG3  H  N N 221 
LYS HD2  H  N N 222 
LYS HD3  H  N N 223 
LYS HE2  H  N N 224 
LYS HE3  H  N N 225 
LYS HZ1  H  N N 226 
LYS HZ2  H  N N 227 
LYS HZ3  H  N N 228 
LYS HXT  H  N N 229 
MET N    N  N N 230 
MET CA   C  N S 231 
MET C    C  N N 232 
MET O    O  N N 233 
MET CB   C  N N 234 
MET CG   C  N N 235 
MET SD   S  N N 236 
MET CE   C  N N 237 
MET OXT  O  N N 238 
MET H    H  N N 239 
MET H2   H  N N 240 
MET HA   H  N N 241 
MET HB2  H  N N 242 
MET HB3  H  N N 243 
MET HG2  H  N N 244 
MET HG3  H  N N 245 
MET HE1  H  N N 246 
MET HE2  H  N N 247 
MET HE3  H  N N 248 
MET HXT  H  N N 249 
PHE N    N  N N 250 
PHE CA   C  N S 251 
PHE C    C  N N 252 
PHE O    O  N N 253 
PHE CB   C  N N 254 
PHE CG   C  Y N 255 
PHE CD1  C  Y N 256 
PHE CD2  C  Y N 257 
PHE CE1  C  Y N 258 
PHE CE2  C  Y N 259 
PHE CZ   C  Y N 260 
PHE OXT  O  N N 261 
PHE H    H  N N 262 
PHE H2   H  N N 263 
PHE HA   H  N N 264 
PHE HB2  H  N N 265 
PHE HB3  H  N N 266 
PHE HD1  H  N N 267 
PHE HD2  H  N N 268 
PHE HE1  H  N N 269 
PHE HE2  H  N N 270 
PHE HZ   H  N N 271 
PHE HXT  H  N N 272 
PRO N    N  N N 273 
PRO CA   C  N S 274 
PRO C    C  N N 275 
PRO O    O  N N 276 
PRO CB   C  N N 277 
PRO CG   C  N N 278 
PRO CD   C  N N 279 
PRO OXT  O  N N 280 
PRO H    H  N N 281 
PRO HA   H  N N 282 
PRO HB2  H  N N 283 
PRO HB3  H  N N 284 
PRO HG2  H  N N 285 
PRO HG3  H  N N 286 
PRO HD2  H  N N 287 
PRO HD3  H  N N 288 
PRO HXT  H  N N 289 
SER N    N  N N 290 
SER CA   C  N S 291 
SER C    C  N N 292 
SER O    O  N N 293 
SER CB   C  N N 294 
SER OG   O  N N 295 
SER OXT  O  N N 296 
SER H    H  N N 297 
SER H2   H  N N 298 
SER HA   H  N N 299 
SER HB2  H  N N 300 
SER HB3  H  N N 301 
SER HG   H  N N 302 
SER HXT  H  N N 303 
SXC BR1  BR N N 304 
SXC PD1  PD N S 305 
SXC S1   S  N R 306 
SXC S2   S  N R 307 
SXC P1   P  N R 308 
SXC O1   O  N N 309 
SXC O2   O  N N 310 
SXC C1   C  Y N 311 
SXC C2   C  Y N 312 
SXC C3   C  Y N 313 
SXC C4   C  Y N 314 
SXC C5   C  Y N 315 
SXC C6   C  Y N 316 
SXC C7   C  N N 317 
SXC C9   C  N N 318 
SXC C10  C  N N 319 
SXC C12  C  N N 320 
SXC C13  C  N N 321 
SXC C14  C  N N 322 
SXC C15  C  N N 323 
SXC C16  C  N N 324 
SXC C17  C  N N 325 
SXC O3   O  N N 326 
SXC H3   H  N N 327 
SXC H5   H  N N 328 
SXC H17  H  N N 329 
SXC H27  H  N N 330 
SXC H19  H  N N 331 
SXC H29  H  N N 332 
SXC H39  H  N N 333 
SXC H110 H  N N 334 
SXC H210 H  N N 335 
SXC H112 H  N N 336 
SXC H212 H  N N 337 
SXC H312 H  N N 338 
SXC H113 H  N N 339 
SXC H213 H  N N 340 
SXC H114 H  N N 341 
SXC H214 H  N N 342 
SXC H115 H  N N 343 
SXC H215 H  N N 344 
SXC H116 H  N N 345 
SXC H216 H  N N 346 
SXC H117 H  N N 347 
SXC H217 H  N N 348 
SXC H317 H  N N 349 
SXC C161 C  Y N 350 
SXC C171 C  Y N 351 
SXC C18  C  Y N 352 
SXC C19  C  Y N 353 
SXC C20  C  Y N 354 
SXC C21  C  Y N 355 
SXC N1   N  N N 356 
SXC O4   O  N N 357 
SXC O5   O  N N 358 
SXC H24  H  N N 359 
SXC H25  H  N N 360 
SXC H26  H  N N 361 
SXC H271 H  N N 362 
THR N    N  N N 363 
THR CA   C  N S 364 
THR C    C  N N 365 
THR O    O  N N 366 
THR CB   C  N R 367 
THR OG1  O  N N 368 
THR CG2  C  N N 369 
THR OXT  O  N N 370 
THR H    H  N N 371 
THR H2   H  N N 372 
THR HA   H  N N 373 
THR HB   H  N N 374 
THR HG1  H  N N 375 
THR HG21 H  N N 376 
THR HG22 H  N N 377 
THR HG23 H  N N 378 
THR HXT  H  N N 379 
TRP N    N  N N 380 
TRP CA   C  N S 381 
TRP C    C  N N 382 
TRP O    O  N N 383 
TRP CB   C  N N 384 
TRP CG   C  Y N 385 
TRP CD1  C  Y N 386 
TRP CD2  C  Y N 387 
TRP NE1  N  Y N 388 
TRP CE2  C  Y N 389 
TRP CE3  C  Y N 390 
TRP CZ2  C  Y N 391 
TRP CZ3  C  Y N 392 
TRP CH2  C  Y N 393 
TRP OXT  O  N N 394 
TRP H    H  N N 395 
TRP H2   H  N N 396 
TRP HA   H  N N 397 
TRP HB2  H  N N 398 
TRP HB3  H  N N 399 
TRP HD1  H  N N 400 
TRP HE1  H  N N 401 
TRP HE3  H  N N 402 
TRP HZ2  H  N N 403 
TRP HZ3  H  N N 404 
TRP HH2  H  N N 405 
TRP HXT  H  N N 406 
TYR N    N  N N 407 
TYR CA   C  N S 408 
TYR C    C  N N 409 
TYR O    O  N N 410 
TYR CB   C  N N 411 
TYR CG   C  Y N 412 
TYR CD1  C  Y N 413 
TYR CD2  C  Y N 414 
TYR CE1  C  Y N 415 
TYR CE2  C  Y N 416 
TYR CZ   C  Y N 417 
TYR OH   O  N N 418 
TYR OXT  O  N N 419 
TYR H    H  N N 420 
TYR H2   H  N N 421 
TYR HA   H  N N 422 
TYR HB2  H  N N 423 
TYR HB3  H  N N 424 
TYR HD1  H  N N 425 
TYR HD2  H  N N 426 
TYR HE1  H  N N 427 
TYR HE2  H  N N 428 
TYR HH   H  N N 429 
TYR HXT  H  N N 430 
VAL N    N  N N 431 
VAL CA   C  N S 432 
VAL C    C  N N 433 
VAL O    O  N N 434 
VAL CB   C  N N 435 
VAL CG1  C  N N 436 
VAL CG2  C  N N 437 
VAL OXT  O  N N 438 
VAL H    H  N N 439 
VAL H2   H  N N 440 
VAL HA   H  N N 441 
VAL HB   H  N N 442 
VAL HG11 H  N N 443 
VAL HG12 H  N N 444 
VAL HG13 H  N N 445 
VAL HG21 H  N N 446 
VAL HG22 H  N N 447 
VAL HG23 H  N N 448 
VAL HXT  H  N N 449 
# 
loop_
_chem_comp_bond.comp_id 
_chem_comp_bond.atom_id_1 
_chem_comp_bond.atom_id_2 
_chem_comp_bond.value_order 
_chem_comp_bond.pdbx_aromatic_flag 
_chem_comp_bond.pdbx_stereo_config 
_chem_comp_bond.pdbx_ordinal 
ALA N    CA   sing N N 1   
ALA N    H    sing N N 2   
ALA N    H2   sing N N 3   
ALA CA   C    sing N N 4   
ALA CA   CB   sing N N 5   
ALA CA   HA   sing N N 6   
ALA C    O    doub N N 7   
ALA C    OXT  sing N N 8   
ALA CB   HB1  sing N N 9   
ALA CB   HB2  sing N N 10  
ALA CB   HB3  sing N N 11  
ALA OXT  HXT  sing N N 12  
ARG N    CA   sing N N 13  
ARG N    H    sing N N 14  
ARG N    H2   sing N N 15  
ARG CA   C    sing N N 16  
ARG CA   CB   sing N N 17  
ARG CA   HA   sing N N 18  
ARG C    O    doub N N 19  
ARG C    OXT  sing N N 20  
ARG CB   CG   sing N N 21  
ARG CB   HB2  sing N N 22  
ARG CB   HB3  sing N N 23  
ARG CG   CD   sing N N 24  
ARG CG   HG2  sing N N 25  
ARG CG   HG3  sing N N 26  
ARG CD   NE   sing N N 27  
ARG CD   HD2  sing N N 28  
ARG CD   HD3  sing N N 29  
ARG NE   CZ   sing N N 30  
ARG NE   HE   sing N N 31  
ARG CZ   NH1  sing N N 32  
ARG CZ   NH2  doub N N 33  
ARG NH1  HH11 sing N N 34  
ARG NH1  HH12 sing N N 35  
ARG NH2  HH21 sing N N 36  
ARG NH2  HH22 sing N N 37  
ARG OXT  HXT  sing N N 38  
ASN N    CA   sing N N 39  
ASN N    H    sing N N 40  
ASN N    H2   sing N N 41  
ASN CA   C    sing N N 42  
ASN CA   CB   sing N N 43  
ASN CA   HA   sing N N 44  
ASN C    O    doub N N 45  
ASN C    OXT  sing N N 46  
ASN CB   CG   sing N N 47  
ASN CB   HB2  sing N N 48  
ASN CB   HB3  sing N N 49  
ASN CG   OD1  doub N N 50  
ASN CG   ND2  sing N N 51  
ASN ND2  HD21 sing N N 52  
ASN ND2  HD22 sing N N 53  
ASN OXT  HXT  sing N N 54  
ASP N    CA   sing N N 55  
ASP N    H    sing N N 56  
ASP N    H2   sing N N 57  
ASP CA   C    sing N N 58  
ASP CA   CB   sing N N 59  
ASP CA   HA   sing N N 60  
ASP C    O    doub N N 61  
ASP C    OXT  sing N N 62  
ASP CB   CG   sing N N 63  
ASP CB   HB2  sing N N 64  
ASP CB   HB3  sing N N 65  
ASP CG   OD1  doub N N 66  
ASP CG   OD2  sing N N 67  
ASP OD2  HD2  sing N N 68  
ASP OXT  HXT  sing N N 69  
CYS N    CA   sing N N 70  
CYS N    H    sing N N 71  
CYS N    H2   sing N N 72  
CYS CA   C    sing N N 73  
CYS CA   CB   sing N N 74  
CYS CA   HA   sing N N 75  
CYS C    O    doub N N 76  
CYS C    OXT  sing N N 77  
CYS CB   SG   sing N N 78  
CYS CB   HB2  sing N N 79  
CYS CB   HB3  sing N N 80  
CYS SG   HG   sing N N 81  
CYS OXT  HXT  sing N N 82  
GLN N    CA   sing N N 83  
GLN N    H    sing N N 84  
GLN N    H2   sing N N 85  
GLN CA   C    sing N N 86  
GLN CA   CB   sing N N 87  
GLN CA   HA   sing N N 88  
GLN C    O    doub N N 89  
GLN C    OXT  sing N N 90  
GLN CB   CG   sing N N 91  
GLN CB   HB2  sing N N 92  
GLN CB   HB3  sing N N 93  
GLN CG   CD   sing N N 94  
GLN CG   HG2  sing N N 95  
GLN CG   HG3  sing N N 96  
GLN CD   OE1  doub N N 97  
GLN CD   NE2  sing N N 98  
GLN NE2  HE21 sing N N 99  
GLN NE2  HE22 sing N N 100 
GLN OXT  HXT  sing N N 101 
GLU N    CA   sing N N 102 
GLU N    H    sing N N 103 
GLU N    H2   sing N N 104 
GLU CA   C    sing N N 105 
GLU CA   CB   sing N N 106 
GLU CA   HA   sing N N 107 
GLU C    O    doub N N 108 
GLU C    OXT  sing N N 109 
GLU CB   CG   sing N N 110 
GLU CB   HB2  sing N N 111 
GLU CB   HB3  sing N N 112 
GLU CG   CD   sing N N 113 
GLU CG   HG2  sing N N 114 
GLU CG   HG3  sing N N 115 
GLU CD   OE1  doub N N 116 
GLU CD   OE2  sing N N 117 
GLU OE2  HE2  sing N N 118 
GLU OXT  HXT  sing N N 119 
GLY N    CA   sing N N 120 
GLY N    H    sing N N 121 
GLY N    H2   sing N N 122 
GLY CA   C    sing N N 123 
GLY CA   HA2  sing N N 124 
GLY CA   HA3  sing N N 125 
GLY C    O    doub N N 126 
GLY C    OXT  sing N N 127 
GLY OXT  HXT  sing N N 128 
HIS N    CA   sing N N 129 
HIS N    H    sing N N 130 
HIS N    H2   sing N N 131 
HIS CA   C    sing N N 132 
HIS CA   CB   sing N N 133 
HIS CA   HA   sing N N 134 
HIS C    O    doub N N 135 
HIS C    OXT  sing N N 136 
HIS CB   CG   sing N N 137 
HIS CB   HB2  sing N N 138 
HIS CB   HB3  sing N N 139 
HIS CG   ND1  sing Y N 140 
HIS CG   CD2  doub Y N 141 
HIS ND1  CE1  doub Y N 142 
HIS ND1  HD1  sing N N 143 
HIS CD2  NE2  sing Y N 144 
HIS CD2  HD2  sing N N 145 
HIS CE1  NE2  sing Y N 146 
HIS CE1  HE1  sing N N 147 
HIS NE2  HE2  sing N N 148 
HIS OXT  HXT  sing N N 149 
HOH O    H1   sing N N 150 
HOH O    H2   sing N N 151 
ILE N    CA   sing N N 152 
ILE N    H    sing N N 153 
ILE N    H2   sing N N 154 
ILE CA   C    sing N N 155 
ILE CA   CB   sing N N 156 
ILE CA   HA   sing N N 157 
ILE C    O    doub N N 158 
ILE C    OXT  sing N N 159 
ILE CB   CG1  sing N N 160 
ILE CB   CG2  sing N N 161 
ILE CB   HB   sing N N 162 
ILE CG1  CD1  sing N N 163 
ILE CG1  HG12 sing N N 164 
ILE CG1  HG13 sing N N 165 
ILE CG2  HG21 sing N N 166 
ILE CG2  HG22 sing N N 167 
ILE CG2  HG23 sing N N 168 
ILE CD1  HD11 sing N N 169 
ILE CD1  HD12 sing N N 170 
ILE CD1  HD13 sing N N 171 
ILE OXT  HXT  sing N N 172 
LEU N    CA   sing N N 173 
LEU N    H    sing N N 174 
LEU N    H2   sing N N 175 
LEU CA   C    sing N N 176 
LEU CA   CB   sing N N 177 
LEU CA   HA   sing N N 178 
LEU C    O    doub N N 179 
LEU C    OXT  sing N N 180 
LEU CB   CG   sing N N 181 
LEU CB   HB2  sing N N 182 
LEU CB   HB3  sing N N 183 
LEU CG   CD1  sing N N 184 
LEU CG   CD2  sing N N 185 
LEU CG   HG   sing N N 186 
LEU CD1  HD11 sing N N 187 
LEU CD1  HD12 sing N N 188 
LEU CD1  HD13 sing N N 189 
LEU CD2  HD21 sing N N 190 
LEU CD2  HD22 sing N N 191 
LEU CD2  HD23 sing N N 192 
LEU OXT  HXT  sing N N 193 
LYS N    CA   sing N N 194 
LYS N    H    sing N N 195 
LYS N    H2   sing N N 196 
LYS CA   C    sing N N 197 
LYS CA   CB   sing N N 198 
LYS CA   HA   sing N N 199 
LYS C    O    doub N N 200 
LYS C    OXT  sing N N 201 
LYS CB   CG   sing N N 202 
LYS CB   HB2  sing N N 203 
LYS CB   HB3  sing N N 204 
LYS CG   CD   sing N N 205 
LYS CG   HG2  sing N N 206 
LYS CG   HG3  sing N N 207 
LYS CD   CE   sing N N 208 
LYS CD   HD2  sing N N 209 
LYS CD   HD3  sing N N 210 
LYS CE   NZ   sing N N 211 
LYS CE   HE2  sing N N 212 
LYS CE   HE3  sing N N 213 
LYS NZ   HZ1  sing N N 214 
LYS NZ   HZ2  sing N N 215 
LYS NZ   HZ3  sing N N 216 
LYS OXT  HXT  sing N N 217 
MET N    CA   sing N N 218 
MET N    H    sing N N 219 
MET N    H2   sing N N 220 
MET CA   C    sing N N 221 
MET CA   CB   sing N N 222 
MET CA   HA   sing N N 223 
MET C    O    doub N N 224 
MET C    OXT  sing N N 225 
MET CB   CG   sing N N 226 
MET CB   HB2  sing N N 227 
MET CB   HB3  sing N N 228 
MET CG   SD   sing N N 229 
MET CG   HG2  sing N N 230 
MET CG   HG3  sing N N 231 
MET SD   CE   sing N N 232 
MET CE   HE1  sing N N 233 
MET CE   HE2  sing N N 234 
MET CE   HE3  sing N N 235 
MET OXT  HXT  sing N N 236 
PHE N    CA   sing N N 237 
PHE N    H    sing N N 238 
PHE N    H2   sing N N 239 
PHE CA   C    sing N N 240 
PHE CA   CB   sing N N 241 
PHE CA   HA   sing N N 242 
PHE C    O    doub N N 243 
PHE C    OXT  sing N N 244 
PHE CB   CG   sing N N 245 
PHE CB   HB2  sing N N 246 
PHE CB   HB3  sing N N 247 
PHE CG   CD1  doub Y N 248 
PHE CG   CD2  sing Y N 249 
PHE CD1  CE1  sing Y N 250 
PHE CD1  HD1  sing N N 251 
PHE CD2  CE2  doub Y N 252 
PHE CD2  HD2  sing N N 253 
PHE CE1  CZ   doub Y N 254 
PHE CE1  HE1  sing N N 255 
PHE CE2  CZ   sing Y N 256 
PHE CE2  HE2  sing N N 257 
PHE CZ   HZ   sing N N 258 
PHE OXT  HXT  sing N N 259 
PRO N    CA   sing N N 260 
PRO N    CD   sing N N 261 
PRO N    H    sing N N 262 
PRO CA   C    sing N N 263 
PRO CA   CB   sing N N 264 
PRO CA   HA   sing N N 265 
PRO C    O    doub N N 266 
PRO C    OXT  sing N N 267 
PRO CB   CG   sing N N 268 
PRO CB   HB2  sing N N 269 
PRO CB   HB3  sing N N 270 
PRO CG   CD   sing N N 271 
PRO CG   HG2  sing N N 272 
PRO CG   HG3  sing N N 273 
PRO CD   HD2  sing N N 274 
PRO CD   HD3  sing N N 275 
PRO OXT  HXT  sing N N 276 
SER N    CA   sing N N 277 
SER N    H    sing N N 278 
SER N    H2   sing N N 279 
SER CA   C    sing N N 280 
SER CA   CB   sing N N 281 
SER CA   HA   sing N N 282 
SER C    O    doub N N 283 
SER C    OXT  sing N N 284 
SER CB   OG   sing N N 285 
SER CB   HB2  sing N N 286 
SER CB   HB3  sing N N 287 
SER OG   HG   sing N N 288 
SER OXT  HXT  sing N N 289 
SXC BR1  PD1  sing N N 290 
SXC PD1  C1   sing N N 291 
SXC PD1  S2   sing N N 292 
SXC S1   C7   sing N N 293 
SXC S1   PD1  sing N N 294 
SXC S2   C12  sing N N 295 
SXC S2   C10  sing N N 296 
SXC O3   P1   sing N N 297 
SXC P1   O1   sing N N 298 
SXC O1   C16  sing N N 299 
SXC O2   P1   doub N N 300 
SXC C1   C6   doub Y N 301 
SXC C2   C1   sing Y N 302 
SXC C2   C3   doub Y N 303 
SXC C3   C4   sing Y N 304 
SXC C3   H3   sing N N 305 
SXC C4   C5   doub Y N 306 
SXC C4   C13  sing N N 307 
SXC C5   H5   sing N N 308 
SXC C6   C10  sing N N 309 
SXC C6   C5   sing Y N 310 
SXC C7   C2   sing N N 311 
SXC C7   H17  sing N N 312 
SXC C7   H27  sing N N 313 
SXC C9   S1   sing N N 314 
SXC C9   H19  sing N N 315 
SXC C9   H29  sing N N 316 
SXC C9   H39  sing N N 317 
SXC C10  H110 sing N N 318 
SXC C10  H210 sing N N 319 
SXC C12  H112 sing N N 320 
SXC C12  H212 sing N N 321 
SXC C12  H312 sing N N 322 
SXC C13  C14  sing N N 323 
SXC C13  H113 sing N N 324 
SXC C13  H213 sing N N 325 
SXC C14  C15  sing N N 326 
SXC C14  H114 sing N N 327 
SXC C14  H214 sing N N 328 
SXC C15  P1   sing N N 329 
SXC C15  H115 sing N N 330 
SXC C15  H215 sing N N 331 
SXC C16  C17  sing N N 332 
SXC C16  H116 sing N N 333 
SXC C16  H216 sing N N 334 
SXC C17  H117 sing N N 335 
SXC C17  H217 sing N N 336 
SXC C17  H317 sing N N 337 
SXC O3   C161 sing N N 338 
SXC C19  C161 doub Y N 339 
SXC C161 C20  sing Y N 340 
SXC C171 C18  doub Y N 341 
SXC C18  C19  sing Y N 342 
SXC C20  C21  doub Y N 343 
SXC C171 C21  sing Y N 344 
SXC C171 N1   sing N N 345 
SXC N1   O4   sing N N 346 
SXC N1   O5   doub N N 347 
SXC C18  H24  sing N N 348 
SXC C19  H25  sing N N 349 
SXC C20  H26  sing N N 350 
SXC C21  H271 sing N N 351 
THR N    CA   sing N N 352 
THR N    H    sing N N 353 
THR N    H2   sing N N 354 
THR CA   C    sing N N 355 
THR CA   CB   sing N N 356 
THR CA   HA   sing N N 357 
THR C    O    doub N N 358 
THR C    OXT  sing N N 359 
THR CB   OG1  sing N N 360 
THR CB   CG2  sing N N 361 
THR CB   HB   sing N N 362 
THR OG1  HG1  sing N N 363 
THR CG2  HG21 sing N N 364 
THR CG2  HG22 sing N N 365 
THR CG2  HG23 sing N N 366 
THR OXT  HXT  sing N N 367 
TRP N    CA   sing N N 368 
TRP N    H    sing N N 369 
TRP N    H2   sing N N 370 
TRP CA   C    sing N N 371 
TRP CA   CB   sing N N 372 
TRP CA   HA   sing N N 373 
TRP C    O    doub N N 374 
TRP C    OXT  sing N N 375 
TRP CB   CG   sing N N 376 
TRP CB   HB2  sing N N 377 
TRP CB   HB3  sing N N 378 
TRP CG   CD1  doub Y N 379 
TRP CG   CD2  sing Y N 380 
TRP CD1  NE1  sing Y N 381 
TRP CD1  HD1  sing N N 382 
TRP CD2  CE2  doub Y N 383 
TRP CD2  CE3  sing Y N 384 
TRP NE1  CE2  sing Y N 385 
TRP NE1  HE1  sing N N 386 
TRP CE2  CZ2  sing Y N 387 
TRP CE3  CZ3  doub Y N 388 
TRP CE3  HE3  sing N N 389 
TRP CZ2  CH2  doub Y N 390 
TRP CZ2  HZ2  sing N N 391 
TRP CZ3  CH2  sing Y N 392 
TRP CZ3  HZ3  sing N N 393 
TRP CH2  HH2  sing N N 394 
TRP OXT  HXT  sing N N 395 
TYR N    CA   sing N N 396 
TYR N    H    sing N N 397 
TYR N    H2   sing N N 398 
TYR CA   C    sing N N 399 
TYR CA   CB   sing N N 400 
TYR CA   HA   sing N N 401 
TYR C    O    doub N N 402 
TYR C    OXT  sing N N 403 
TYR CB   CG   sing N N 404 
TYR CB   HB2  sing N N 405 
TYR CB   HB3  sing N N 406 
TYR CG   CD1  doub Y N 407 
TYR CG   CD2  sing Y N 408 
TYR CD1  CE1  sing Y N 409 
TYR CD1  HD1  sing N N 410 
TYR CD2  CE2  doub Y N 411 
TYR CD2  HD2  sing N N 412 
TYR CE1  CZ   doub Y N 413 
TYR CE1  HE1  sing N N 414 
TYR CE2  CZ   sing Y N 415 
TYR CE2  HE2  sing N N 416 
TYR CZ   OH   sing N N 417 
TYR OH   HH   sing N N 418 
TYR OXT  HXT  sing N N 419 
VAL N    CA   sing N N 420 
VAL N    H    sing N N 421 
VAL N    H2   sing N N 422 
VAL CA   C    sing N N 423 
VAL CA   CB   sing N N 424 
VAL CA   HA   sing N N 425 
VAL C    O    doub N N 426 
VAL C    OXT  sing N N 427 
VAL CB   CG1  sing N N 428 
VAL CB   CG2  sing N N 429 
VAL CB   HB   sing N N 430 
VAL CG1  HG11 sing N N 431 
VAL CG1  HG12 sing N N 432 
VAL CG1  HG13 sing N N 433 
VAL CG2  HG21 sing N N 434 
VAL CG2  HG22 sing N N 435 
VAL CG2  HG23 sing N N 436 
VAL OXT  HXT  sing N N 437 
# 
_pdbx_initial_refinement_model.id               1 
_pdbx_initial_refinement_model.entity_id_list   ? 
_pdbx_initial_refinement_model.type             'experimental model' 
_pdbx_initial_refinement_model.source_name      PDB 
_pdbx_initial_refinement_model.accession_code   1CUA 
_pdbx_initial_refinement_model.details          ? 
# 
_atom_sites.entry_id                    3ESD 
_atom_sites.fract_transf_matrix[1][1]   -0.01171674 
_atom_sites.fract_transf_matrix[1][2]   -0.00811922 
_atom_sites.fract_transf_matrix[1][3]   -0.00717309 
_atom_sites.fract_transf_matrix[2][1]   -0.00867757 
_atom_sites.fract_transf_matrix[2][2]   0.00695260 
_atom_sites.fract_transf_matrix[2][3]   -0.01144635 
_atom_sites.fract_transf_matrix[3][1]   0.00584594 
_atom_sites.fract_transf_matrix[3][2]   -0.00294202 
_atom_sites.fract_transf_matrix[3][3]   -0.00621886 
_atom_sites.fract_transf_vector[1]      0.661470 
_atom_sites.fract_transf_vector[2]      0.003656 
_atom_sites.fract_transf_vector[3]      0.120433 
# 
loop_
_atom_type.symbol 
BR 
C  
N  
O  
P  
PD 
S  
# 
loop_
_atom_site.group_PDB 
_atom_site.id 
_atom_site.type_symbol 
_atom_site.label_atom_id 
_atom_site.label_alt_id 
_atom_site.label_comp_id 
_atom_site.label_asym_id 
_atom_site.label_entity_id 
_atom_site.label_seq_id 
_atom_site.pdbx_PDB_ins_code 
_atom_site.Cartn_x 
_atom_site.Cartn_y 
_atom_site.Cartn_z 
_atom_site.occupancy 
_atom_site.B_iso_or_equiv 
_atom_site.pdbx_formal_charge 
_atom_site.auth_seq_id 
_atom_site.auth_comp_id 
_atom_site.auth_asym_id 
_atom_site.auth_atom_id 
_atom_site.pdbx_PDB_model_num 
ATOM   1    N  N   . ARG A 1 17  ? -6.496  -8.642  -12.632 1.00 30.97 ? 17  ARG A N   1 
ATOM   2    C  CA  . ARG A 1 17  ? -7.767  -8.171  -12.117 1.00 24.45 ? 17  ARG A CA  1 
ATOM   3    C  C   . ARG A 1 17  ? -7.570  -7.038  -11.109 1.00 23.07 ? 17  ARG A C   1 
ATOM   4    O  O   . ARG A 1 17  ? -6.623  -7.091  -10.326 1.00 22.74 ? 17  ARG A O   1 
ATOM   5    C  CB  . ARG A 1 17  ? -8.616  -9.255  -11.432 1.00 41.55 ? 17  ARG A CB  1 
ATOM   6    C  CG  . ARG A 1 17  ? -9.455  -8.755  -10.258 1.00 46.49 ? 17  ARG A CG  1 
ATOM   7    C  CD  . ARG A 1 17  ? -10.887 -8.441  -10.589 1.00 29.49 ? 17  ARG A CD  1 
ATOM   8    N  NE  . ARG A 1 17  ? -11.370 -7.104  -10.392 1.00 36.76 ? 17  ARG A NE  1 
ATOM   9    C  CZ  . ARG A 1 17  ? -12.566 -6.577  -10.611 1.00 35.15 ? 17  ARG A CZ  1 
ATOM   10   N  NH1 . ARG A 1 17  ? -13.575 -7.290  -11.087 1.00 32.93 ? 17  ARG A NH1 1 
ATOM   11   N  NH2 . ARG A 1 17  ? -12.784 -5.282  -10.354 1.00 28.27 ? 17  ARG A NH2 1 
ATOM   12   N  N   . THR A 1 18  ? -8.486  -6.078  -11.160 1.00 26.22 ? 18  THR A N   1 
ATOM   13   C  CA  . THR A 1 18  ? -8.343  -4.901  -10.320 1.00 13.64 ? 18  THR A CA  1 
ATOM   14   C  C   . THR A 1 18  ? -9.063  -4.938  -9.022  1.00 13.72 ? 18  THR A C   1 
ATOM   15   O  O   . THR A 1 18  ? -9.131  -4.015  -8.241  1.00 16.55 ? 18  THR A O   1 
ATOM   16   C  CB  . THR A 1 18  ? -8.814  -3.673  -11.158 1.00 16.82 ? 18  THR A CB  1 
ATOM   17   O  OG1 . THR A 1 18  ? -10.141 -3.964  -11.638 1.00 26.20 ? 18  THR A OG1 1 
ATOM   18   C  CG2 . THR A 1 18  ? -7.863  -3.517  -12.310 1.00 16.23 ? 18  THR A CG2 1 
ATOM   19   N  N   . THR A 1 19  ? -9.629  -6.094  -8.599  1.00 11.58 ? 19  THR A N   1 
ATOM   20   C  CA  . THR A 1 19  ? -10.237 -6.184  -7.319  1.00 13.08 ? 19  THR A CA  1 
ATOM   21   C  C   . THR A 1 19  ? -9.672  -7.503  -6.733  1.00 21.68 ? 19  THR A C   1 
ATOM   22   O  O   . THR A 1 19  ? -9.877  -8.519  -7.386  1.00 22.54 ? 19  THR A O   1 
ATOM   23   C  CB  . THR A 1 19  ? -11.769 -6.301  -7.281  1.00 16.08 ? 19  THR A CB  1 
ATOM   24   O  OG1 . THR A 1 19  ? -12.319 -5.098  -7.911  1.00 18.67 ? 19  THR A OG1 1 
ATOM   25   C  CG2 . THR A 1 19  ? -12.268 -6.393  -5.854  1.00 16.38 ? 19  THR A CG2 1 
ATOM   26   N  N   . ARG A 1 20  ? -8.978  -7.423  -5.616  1.00 17.83 ? 20  ARG A N   1 
ATOM   27   C  CA  . ARG A 1 20  ? -8.437  -8.612  -4.899  1.00 15.07 ? 20  ARG A CA  1 
ATOM   28   C  C   . ARG A 1 20  ? -8.905  -8.482  -3.462  1.00 15.50 ? 20  ARG A C   1 
ATOM   29   O  O   . ARG A 1 20  ? -8.893  -7.470  -2.759  1.00 16.70 ? 20  ARG A O   1 
ATOM   30   C  CB  . ARG A 1 20  ? -6.937  -8.720  -5.083  1.00 12.57 ? 20  ARG A CB  1 
ATOM   31   C  CG  . ARG A 1 20  ? -6.395  -9.048  -6.433  1.00 12.77 ? 20  ARG A CG  1 
ATOM   32   C  CD  . ARG A 1 20  ? -6.967  -10.409 -6.944  1.00 12.96 ? 20  ARG A CD  1 
ATOM   33   N  NE  . ARG A 1 20  ? -6.139  -11.433 -6.251  1.00 17.57 ? 20  ARG A NE  1 
ATOM   34   C  CZ  . ARG A 1 20  ? -4.995  -11.855 -6.652  1.00 12.94 ? 20  ARG A CZ  1 
ATOM   35   N  NH1 . ARG A 1 20  ? -4.259  -11.509 -7.678  1.00 16.26 ? 20  ARG A NH1 1 
ATOM   36   N  NH2 . ARG A 1 20  ? -4.449  -12.820 -5.829  1.00 17.57 ? 20  ARG A NH2 1 
ATOM   37   N  N   . ASP A 1 21  ? -9.452  -9.555  -2.850  1.00 10.18 ? 21  ASP A N   1 
ATOM   38   C  CA  . ASP A 1 21  ? -10.053 -9.650  -1.586  1.00 14.74 ? 21  ASP A CA  1 
ATOM   39   C  C   . ASP A 1 21  ? -9.508  -10.965 -0.944  1.00 24.30 ? 21  ASP A C   1 
ATOM   40   O  O   . ASP A 1 21  ? -10.257 -11.683 -0.281  1.00 18.84 ? 21  ASP A O   1 
ATOM   41   C  CB  . ASP A 1 21  ? -11.596 -9.699  -1.641  1.00 23.58 ? 21  ASP A CB  1 
ATOM   42   C  CG  . ASP A 1 21  ? -12.156 -8.296  -1.826  1.00 40.99 ? 21  ASP A CG  1 
ATOM   43   O  OD1 . ASP A 1 21  ? -11.493 -7.380  -1.269  1.00 19.57 ? 21  ASP A OD1 1 
ATOM   44   O  OD2 . ASP A 1 21  ? -13.207 -8.103  -2.491  1.00 22.38 ? 21  ASP A OD2 1 
ATOM   45   N  N   . ASP A 1 22  ? -8.227  -11.235 -1.179  1.00 16.19 ? 22  ASP A N   1 
ATOM   46   C  CA  . ASP A 1 22  ? -7.660  -12.558 -0.774  1.00 14.59 ? 22  ASP A CA  1 
ATOM   47   C  C   . ASP A 1 22  ? -7.749  -12.696 0.724   1.00 22.93 ? 22  ASP A C   1 
ATOM   48   O  O   . ASP A 1 22  ? -8.030  -13.800 1.251   1.00 22.91 ? 22  ASP A O   1 
ATOM   49   C  CB  . ASP A 1 22  ? -6.278  -12.730 -1.304  1.00 10.93 ? 22  ASP A CB  1 
ATOM   50   C  CG  . ASP A 1 22  ? -5.836  -12.845 -2.676  1.00 7.42  ? 22  ASP A CG  1 
ATOM   51   O  OD1 . ASP A 1 22  ? -6.868  -12.849 -3.518  1.00 22.64 ? 22  ASP A OD1 1 
ATOM   52   O  OD2 . ASP A 1 22  ? -4.826  -13.042 -3.295  1.00 13.21 ? 22  ASP A OD2 1 
ATOM   53   N  N   . LEU A 1 23  ? -7.523  -11.628 1.499   1.00 16.60 ? 23  LEU A N   1 
ATOM   54   C  CA  . LEU A 1 23  ? -7.621  -11.743 2.957   1.00 25.81 ? 23  LEU A CA  1 
ATOM   55   C  C   . LEU A 1 23  ? -9.016  -11.738 3.517   1.00 23.58 ? 23  LEU A C   1 
ATOM   56   O  O   . LEU A 1 23  ? -9.460  -12.589 4.308   1.00 20.54 ? 23  LEU A O   1 
ATOM   57   C  CB  . LEU A 1 23  ? -6.754  -10.597 3.535   1.00 24.58 ? 23  LEU A CB  1 
ATOM   58   C  CG  . LEU A 1 23  ? -7.014  -10.261 4.995   1.00 17.16 ? 23  LEU A CG  1 
ATOM   59   C  CD1 . LEU A 1 23  ? -6.550  -11.403 5.892   1.00 28.84 ? 23  LEU A CD1 1 
ATOM   60   C  CD2 . LEU A 1 23  ? -6.299  -8.959  5.386   1.00 20.16 ? 23  LEU A CD2 1 
ATOM   61   N  N   . ILE A 1 24  ? -9.937  -10.836 3.183   1.00 17.33 ? 24  ILE A N   1 
ATOM   62   C  CA  . ILE A 1 24  ? -11.274 -10.808 3.707   1.00 15.36 ? 24  ILE A CA  1 
ATOM   63   C  C   . ILE A 1 24  ? -12.017 -12.094 3.275   1.00 17.10 ? 24  ILE A C   1 
ATOM   64   O  O   . ILE A 1 24  ? -12.960 -12.484 3.956   1.00 25.81 ? 24  ILE A O   1 
ATOM   65   C  CB  . ILE A 1 24  ? -12.038 -9.600  3.155   1.00 32.66 ? 24  ILE A CB  1 
ATOM   66   C  CG1 . ILE A 1 24  ? -13.506 -9.430  3.548   1.00 41.78 ? 24  ILE A CG1 1 
ATOM   67   C  CG2 . ILE A 1 24  ? -11.964 -9.604  1.631   1.00 35.43 ? 24  ILE A CG2 1 
ATOM   68   C  CD1 . ILE A 1 24  ? -14.036 -8.092  3.052   1.00 37.13 ? 24  ILE A CD1 1 
ATOM   69   N  N   . ASN A 1 25  ? -11.570 -12.693 2.195   1.00 16.30 ? 25  ASN A N   1 
ATOM   70   C  CA  . ASN A 1 25  ? -12.399 -13.860 1.797   1.00 27.69 ? 25  ASN A CA  1 
ATOM   71   C  C   . ASN A 1 25  ? -11.674 -15.143 2.159   1.00 34.94 ? 25  ASN A C   1 
ATOM   72   O  O   . ASN A 1 25  ? -12.090 -16.276 1.920   1.00 21.11 ? 25  ASN A O   1 
ATOM   73   C  CB  . ASN A 1 25  ? -12.728 -13.843 0.307   1.00 21.50 ? 25  ASN A CB  1 
ATOM   74   C  CG  . ASN A 1 25  ? -13.733 -12.760 -0.062  1.00 7.88  ? 25  ASN A CG  1 
ATOM   75   O  OD1 . ASN A 1 25  ? -14.534 -12.372 0.741   1.00 13.76 ? 25  ASN A OD1 1 
ATOM   76   N  ND2 . ASN A 1 25  ? -13.549 -12.335 -1.331  1.00 19.72 ? 25  ASN A ND2 1 
ATOM   77   N  N   . GLY A 1 26  ? -10.519 -14.933 2.782   1.00 25.86 ? 26  GLY A N   1 
ATOM   78   C  CA  . GLY A 1 26  ? -9.639  -16.050 3.046   1.00 22.45 ? 26  GLY A CA  1 
ATOM   79   C  C   . GLY A 1 26  ? -9.996  -16.818 4.304   1.00 17.32 ? 26  GLY A C   1 
ATOM   80   O  O   . GLY A 1 26  ? -10.525 -16.298 5.267   1.00 22.42 ? 26  GLY A O   1 
ATOM   81   N  N   . ASN A 1 27  ? -9.678  -18.115 4.182   1.00 26.57 ? 27  ASN A N   1 
ATOM   82   C  CA  . ASN A 1 27  ? -9.823  -18.996 5.329   1.00 27.89 ? 27  ASN A CA  1 
ATOM   83   C  C   . ASN A 1 27  ? -8.420  -19.320 5.875   1.00 9.14  ? 27  ASN A C   1 
ATOM   84   O  O   . ASN A 1 27  ? -7.475  -19.462 5.134   1.00 12.91 ? 27  ASN A O   1 
ATOM   85   C  CB  . ASN A 1 27  ? -10.536 -20.298 5.028   1.00 26.50 ? 27  ASN A CB  1 
ATOM   86   C  CG  . ASN A 1 27  ? -9.656  -21.350 4.408   1.00 29.66 ? 27  ASN A CG  1 
ATOM   87   O  OD1 . ASN A 1 27  ? -9.285  -22.330 5.076   1.00 64.03 ? 27  ASN A OD1 1 
ATOM   88   N  ND2 . ASN A 1 27  ? -9.303  -21.208 3.133   1.00 68.01 ? 27  ASN A ND2 1 
ATOM   89   N  N   . SER A 1 28  ? -8.472  -19.448 7.192   1.00 28.80 ? 28  SER A N   1 
ATOM   90   C  CA  . SER A 1 28  ? -7.348  -19.765 8.065   1.00 31.58 ? 28  SER A CA  1 
ATOM   91   C  C   . SER A 1 28  ? -6.395  -20.795 7.511   1.00 25.55 ? 28  SER A C   1 
ATOM   92   O  O   . SER A 1 28  ? -5.160  -20.663 7.481   1.00 26.38 ? 28  SER A O   1 
ATOM   93   C  CB  . SER A 1 28  ? -7.919  -20.268 9.409   1.00 38.15 ? 28  SER A CB  1 
ATOM   94   O  OG  . SER A 1 28  ? -8.194  -19.169 10.260  1.00 59.25 ? 28  SER A OG  1 
ATOM   95   N  N   . ALA A 1 29  ? -6.949  -21.908 7.030   1.00 21.42 ? 29  ALA A N   1 
ATOM   96   C  CA  . ALA A 1 29  ? -6.187  -23.096 6.650   1.00 26.81 ? 29  ALA A CA  1 
ATOM   97   C  C   . ALA A 1 29  ? -5.217  -22.837 5.520   1.00 16.62 ? 29  ALA A C   1 
ATOM   98   O  O   . ALA A 1 29  ? -4.198  -23.443 5.222   1.00 17.93 ? 29  ALA A O   1 
ATOM   99   C  CB  . ALA A 1 29  ? -7.144  -24.222 6.234   1.00 16.68 ? 29  ALA A CB  1 
ATOM   100  N  N   . SER A 1 30  ? -5.677  -21.802 4.788   1.00 24.91 ? 30  SER A N   1 
ATOM   101  C  CA  . SER A 1 30  ? -5.137  -21.360 3.525   1.00 26.36 ? 30  SER A CA  1 
ATOM   102  C  C   . SER A 1 30  ? -4.322  -20.069 3.652   1.00 28.81 ? 30  SER A C   1 
ATOM   103  O  O   . SER A 1 30  ? -3.879  -19.559 2.625   1.00 22.66 ? 30  SER A O   1 
ATOM   104  C  CB  . SER A 1 30  ? -6.277  -21.159 2.508   1.00 36.97 ? 30  SER A CB  1 
ATOM   105  O  OG  . SER A 1 30  ? -6.848  -22.434 2.200   1.00 26.33 ? 30  SER A OG  1 
ATOM   106  N  N   . CYS A 1 31  ? -4.131  -19.622 4.876   1.00 32.63 ? 31  CYS A N   1 
ATOM   107  C  CA  . CYS A 1 31  ? -3.314  -18.453 5.187   1.00 18.30 ? 31  CYS A CA  1 
ATOM   108  C  C   . CYS A 1 31  ? -2.034  -18.480 4.397   1.00 19.65 ? 31  CYS A C   1 
ATOM   109  O  O   . CYS A 1 31  ? -1.272  -19.423 4.183   1.00 24.14 ? 31  CYS A O   1 
ATOM   110  C  CB  . CYS A 1 31  ? -3.017  -18.395 6.695   1.00 16.53 ? 31  CYS A CB  1 
ATOM   111  S  SG  . CYS A 1 31  ? -4.180  -17.526 7.731   1.00 26.02 ? 31  CYS A SG  1 
ATOM   112  N  N   . ALA A 1 32  ? -1.717  -17.313 3.800   1.00 23.53 ? 32  ALA A N   1 
ATOM   113  C  CA  . ALA A 1 32  ? -0.467  -17.202 3.075   1.00 20.35 ? 32  ALA A CA  1 
ATOM   114  C  C   . ALA A 1 32  ? 0.679   -16.733 4.032   1.00 9.61  ? 32  ALA A C   1 
ATOM   115  O  O   . ALA A 1 32  ? 0.237   -16.171 5.019   1.00 17.61 ? 32  ALA A O   1 
ATOM   116  C  CB  . ALA A 1 32  ? -0.533  -16.202 1.930   1.00 27.66 ? 32  ALA A CB  1 
ATOM   117  N  N   . ASP A 1 33  ? 1.811   -17.111 3.496   1.00 14.51 ? 33  ASP A N   1 
ATOM   118  C  CA  . ASP A 1 33  ? 3.061   -16.740 4.209   1.00 15.92 ? 33  ASP A CA  1 
ATOM   119  C  C   . ASP A 1 33  ? 3.168   -15.211 4.198   1.00 30.76 ? 33  ASP A C   1 
ATOM   120  O  O   . ASP A 1 33  ? 3.693   -14.599 5.140   1.00 19.85 ? 33  ASP A O   1 
ATOM   121  C  CB  . ASP A 1 33  ? 4.228   -17.441 3.539   1.00 18.11 ? 33  ASP A CB  1 
ATOM   122  C  CG  . ASP A 1 33  ? 4.545   -18.867 4.062   1.00 16.57 ? 33  ASP A CG  1 
ATOM   123  O  OD1 . ASP A 1 33  ? 3.795   -19.315 4.927   1.00 27.69 ? 33  ASP A OD1 1 
ATOM   124  O  OD2 . ASP A 1 33  ? 5.551   -19.396 3.568   1.00 24.48 ? 33  ASP A OD2 1 
ATOM   125  N  N   . VAL A 1 34  ? 2.691   -14.564 3.132   1.00 27.07 ? 34  VAL A N   1 
ATOM   126  C  CA  . VAL A 1 34  ? 2.800   -13.124 2.888   1.00 24.99 ? 34  VAL A CA  1 
ATOM   127  C  C   . VAL A 1 34  ? 1.449   -12.500 2.553   1.00 26.35 ? 34  VAL A C   1 
ATOM   128  O  O   . VAL A 1 34  ? 0.684   -13.029 1.733   1.00 22.75 ? 34  VAL A O   1 
ATOM   129  C  CB  . VAL A 1 34  ? 3.700   -12.759 1.698   1.00 19.22 ? 34  VAL A CB  1 
ATOM   130  C  CG1 . VAL A 1 34  ? 4.053   -11.267 1.742   1.00 14.55 ? 34  VAL A CG1 1 
ATOM   131  C  CG2 . VAL A 1 34  ? 4.982   -13.562 1.670   1.00 23.44 ? 34  VAL A CG2 1 
ATOM   132  N  N   . ILE A 1 35  ? 1.190   -11.363 3.179   1.00 23.31 ? 35  ILE A N   1 
ATOM   133  C  CA  . ILE A 1 35  ? -0.096  -10.693 2.946   1.00 10.95 ? 35  ILE A CA  1 
ATOM   134  C  C   . ILE A 1 35  ? 0.197   -9.258  2.454   1.00 29.49 ? 35  ILE A C   1 
ATOM   135  O  O   . ILE A 1 35  ? 0.928   -8.554  3.158   1.00 22.34 ? 35  ILE A O   1 
ATOM   136  C  CB  . ILE A 1 35  ? -0.997  -10.721 4.127   1.00 9.35  ? 35  ILE A CB  1 
ATOM   137  C  CG1 . ILE A 1 35  ? -1.371  -12.216 4.457   1.00 13.08 ? 35  ILE A CG1 1 
ATOM   138  C  CG2 . ILE A 1 35  ? -2.325  -9.978  4.018   1.00 20.46 ? 35  ILE A CG2 1 
ATOM   139  C  CD1 . ILE A 1 35  ? -2.310  -12.339 5.608   1.00 17.94 ? 35  ILE A CD1 1 
ATOM   140  N  N   . PHE A 1 36  ? -0.334  -8.879  1.289   1.00 15.97 ? 36  PHE A N   1 
ATOM   141  C  CA  . PHE A 1 36  ? -0.046  -7.535  0.728   1.00 14.41 ? 36  PHE A CA  1 
ATOM   142  C  C   . PHE A 1 36  ? -1.315  -6.700  0.715   1.00 20.41 ? 36  PHE A C   1 
ATOM   143  O  O   . PHE A 1 36  ? -2.314  -7.139  0.100   1.00 19.43 ? 36  PHE A O   1 
ATOM   144  C  CB  . PHE A 1 36  ? 0.594   -7.659  -0.627  1.00 17.19 ? 36  PHE A CB  1 
ATOM   145  C  CG  . PHE A 1 36  ? 0.805   -6.396  -1.449  1.00 25.54 ? 36  PHE A CG  1 
ATOM   146  C  CD1 . PHE A 1 36  ? 1.637   -5.429  -0.912  1.00 20.93 ? 36  PHE A CD1 1 
ATOM   147  C  CD2 . PHE A 1 36  ? 0.238   -6.167  -2.696  1.00 23.04 ? 36  PHE A CD2 1 
ATOM   148  C  CE1 . PHE A 1 36  ? 1.917   -4.247  -1.555  1.00 16.35 ? 36  PHE A CE1 1 
ATOM   149  C  CE2 . PHE A 1 36  ? 0.523   -4.983  -3.362  1.00 24.54 ? 36  PHE A CE2 1 
ATOM   150  C  CZ  . PHE A 1 36  ? 1.368   -4.029  -2.831  1.00 12.32 ? 36  PHE A CZ  1 
ATOM   151  N  N   . ILE A 1 37  ? -1.285  -5.548  1.376   1.00 17.01 ? 37  ILE A N   1 
ATOM   152  C  CA  . ILE A 1 37  ? -2.419  -4.655  1.543   1.00 18.15 ? 37  ILE A CA  1 
ATOM   153  C  C   . ILE A 1 37  ? -2.128  -3.369  0.771   1.00 20.67 ? 37  ILE A C   1 
ATOM   154  O  O   . ILE A 1 37  ? -1.130  -2.683  1.002   1.00 16.85 ? 37  ILE A O   1 
ATOM   155  C  CB  . ILE A 1 37  ? -2.740  -4.428  3.029   1.00 17.78 ? 37  ILE A CB  1 
ATOM   156  C  CG1 . ILE A 1 37  ? -2.910  -5.803  3.737   1.00 19.45 ? 37  ILE A CG1 1 
ATOM   157  C  CG2 . ILE A 1 37  ? -3.893  -3.492  3.288   1.00 15.35 ? 37  ILE A CG2 1 
ATOM   158  C  CD1 . ILE A 1 37  ? -3.406  -5.752  5.146   1.00 18.76 ? 37  ILE A CD1 1 
ATOM   159  N  N   . TYR A 1 38  ? -2.979  -3.022  -0.203  1.00 13.25 ? 38  TYR A N   1 
ATOM   160  C  CA  . TYR A 1 38  ? -2.590  -1.990  -1.148  1.00 16.29 ? 38  TYR A CA  1 
ATOM   161  C  C   . TYR A 1 38  ? -3.757  -1.019  -1.257  1.00 16.97 ? 38  TYR A C   1 
ATOM   162  O  O   . TYR A 1 38  ? -4.913  -1.435  -1.419  1.00 17.93 ? 38  TYR A O   1 
ATOM   163  C  CB  . TYR A 1 38  ? -2.220  -2.580  -2.498  1.00 14.38 ? 38  TYR A CB  1 
ATOM   164  C  CG  . TYR A 1 38  ? -1.999  -1.473  -3.536  1.00 15.20 ? 38  TYR A CG  1 
ATOM   165  C  CD1 . TYR A 1 38  ? -0.721  -0.895  -3.580  1.00 20.09 ? 38  TYR A CD1 1 
ATOM   166  C  CD2 . TYR A 1 38  ? -2.961  -1.024  -4.424  1.00 18.95 ? 38  TYR A CD2 1 
ATOM   167  C  CE1 . TYR A 1 38  ? -0.434  0.111   -4.498  1.00 14.26 ? 38  TYR A CE1 1 
ATOM   168  C  CE2 . TYR A 1 38  ? -2.709  -0.008  -5.349  1.00 12.64 ? 38  TYR A CE2 1 
ATOM   169  C  CZ  . TYR A 1 38  ? -1.441  0.529   -5.344  1.00 18.24 ? 38  TYR A CZ  1 
ATOM   170  O  OH  . TYR A 1 38  ? -1.137  1.533   -6.249  1.00 16.49 ? 38  TYR A OH  1 
ATOM   171  N  N   . ALA A 1 39  ? -3.492  0.271   -1.240  1.00 13.68 ? 39  ALA A N   1 
ATOM   172  C  CA  . ALA A 1 39  ? -4.553  1.265   -1.436  1.00 17.52 ? 39  ALA A CA  1 
ATOM   173  C  C   . ALA A 1 39  ? -4.325  1.985   -2.763  1.00 17.22 ? 39  ALA A C   1 
ATOM   174  O  O   . ALA A 1 39  ? -3.211  2.419   -3.078  1.00 15.61 ? 39  ALA A O   1 
ATOM   175  C  CB  . ALA A 1 39  ? -4.603  2.241   -0.277  1.00 14.01 ? 39  ALA A CB  1 
ATOM   176  N  N   . ARG A 1 40  ? -5.361  2.145   -3.600  1.00 15.16 ? 40  ARG A N   1 
ATOM   177  C  CA  . ARG A 1 40  ? -5.296  2.682   -4.938  1.00 11.64 ? 40  ARG A CA  1 
ATOM   178  C  C   . ARG A 1 40  ? -5.332  4.245   -4.911  1.00 8.09  ? 40  ARG A C   1 
ATOM   179  O  O   . ARG A 1 40  ? -5.667  4.721   -3.865  1.00 10.99 ? 40  ARG A O   1 
ATOM   180  C  CB  . ARG A 1 40  ? -6.475  2.069   -5.714  1.00 14.67 ? 40  ARG A CB  1 
ATOM   181  C  CG  . ARG A 1 40  ? -7.837  2.580   -5.287  1.00 13.83 ? 40  ARG A CG  1 
ATOM   182  C  CD  . ARG A 1 40  ? -8.982  1.907   -6.066  1.00 11.21 ? 40  ARG A CD  1 
ATOM   183  N  NE  . ARG A 1 40  ? -10.222 2.499   -5.640  1.00 8.26  ? 40  ARG A NE  1 
ATOM   184  C  CZ  . ARG A 1 40  ? -10.991 2.597   -4.685  1.00 5.75  ? 40  ARG A CZ  1 
ATOM   185  N  NH1 . ARG A 1 40  ? -10.552 1.797   -3.575  1.00 15.09 ? 40  ARG A NH1 1 
ATOM   186  N  NH2 . ARG A 1 40  ? -12.092 3.123   -4.278  1.00 13.52 ? 40  ARG A NH2 1 
ATOM   187  N  N   . GLY A 1 41  ? -5.088  4.740   -6.111  1.00 13.88 ? 41  GLY A N   1 
ATOM   188  C  CA  . GLY A 1 41  ? -5.250  6.187   -6.320  1.00 12.64 ? 41  GLY A CA  1 
ATOM   189  C  C   . GLY A 1 41  ? -6.676  6.673   -6.320  1.00 22.02 ? 41  GLY A C   1 
ATOM   190  O  O   . GLY A 1 41  ? -7.728  5.949   -6.370  1.00 12.56 ? 41  GLY A O   1 
ATOM   191  N  N   . SER A 1 42  ? -6.862  8.010   -6.279  1.00 12.96 ? 42  SER A N   1 
ATOM   192  C  CA  . SER A 1 42  ? -8.217  8.572   -6.333  1.00 14.56 ? 42  SER A CA  1 
ATOM   193  C  C   . SER A 1 42  ? -8.860  8.216   -7.694  1.00 9.14  ? 42  SER A C   1 
ATOM   194  O  O   . SER A 1 42  ? -8.197  8.127   -8.715  1.00 12.43 ? 42  SER A O   1 
ATOM   195  C  CB  . SER A 1 42  ? -8.309  10.086  -6.227  1.00 13.21 ? 42  SER A CB  1 
ATOM   196  O  OG  . SER A 1 42  ? -7.474  10.656  -5.212  1.00 11.31 ? 42  SER A OG  1 
ATOM   197  N  N   . THR A 1 43  ? -10.135 7.980   -7.500  1.00 14.28 ? 43  THR A N   1 
ATOM   198  C  CA  . THR A 1 43  ? -11.030 7.591   -8.585  1.00 16.64 ? 43  THR A CA  1 
ATOM   199  C  C   . THR A 1 43  ? -10.525 6.418   -9.385  1.00 17.26 ? 43  THR A C   1 
ATOM   200  O  O   . THR A 1 43  ? -10.830 6.248   -10.570 1.00 20.60 ? 43  THR A O   1 
ATOM   201  C  CB  . THR A 1 43  ? -11.278 8.829   -9.476  1.00 26.43 ? 43  THR A CB  1 
ATOM   202  O  OG1 . THR A 1 43  ? -10.046 9.374   -9.940  1.00 23.27 ? 43  THR A OG1 1 
ATOM   203  C  CG2 . THR A 1 43  ? -11.975 9.922   -8.684  1.00 27.37 ? 43  THR A CG2 1 
ATOM   204  N  N   . GLU A 1 44  ? -9.756  5.471   -8.800  1.00 17.89 ? 44  GLU A N   1 
ATOM   205  C  CA  . GLU A 1 44  ? -9.369  4.318   -9.545  1.00 9.64  ? 44  GLU A CA  1 
ATOM   206  C  C   . GLU A 1 44  ? -10.360 3.048   -9.364  1.00 0.99  ? 44  GLU A C   1 
ATOM   207  O  O   . GLU A 1 44  ? -11.108 3.150   -8.509  1.00 6.38  ? 44  GLU A O   1 
ATOM   208  C  CB  . GLU A 1 44  ? -7.944  3.811   -9.217  1.00 15.57 ? 44  GLU A CB  1 
ATOM   209  C  CG  . GLU A 1 44  ? -6.890  4.896   -9.511  1.00 15.37 ? 44  GLU A CG  1 
ATOM   210  C  CD  . GLU A 1 44  ? -5.538  4.244   -9.628  1.00 11.63 ? 44  GLU A CD  1 
ATOM   211  O  OE1 . GLU A 1 44  ? -5.121  3.661   -8.565  1.00 18.28 ? 44  GLU A OE1 1 
ATOM   212  O  OE2 . GLU A 1 44  ? -4.827  4.258   -10.617 1.00 18.32 ? 44  GLU A OE2 1 
ATOM   213  N  N   . THR A 1 45  ? -10.000 2.302   -10.349 1.00 10.40 ? 45  THR A N   1 
ATOM   214  C  CA  . THR A 1 45  ? -10.893 1.103   -10.526 1.00 15.08 ? 45  THR A CA  1 
ATOM   215  C  C   . THR A 1 45  ? -10.696 0.001   -9.496  1.00 17.10 ? 45  THR A C   1 
ATOM   216  O  O   . THR A 1 45  ? -9.541  -0.211  -9.110  1.00 17.34 ? 45  THR A O   1 
ATOM   217  C  CB  . THR A 1 45  ? -10.662 0.494   -11.921 1.00 22.44 ? 45  THR A CB  1 
ATOM   218  O  OG1 . THR A 1 45  ? -10.530 1.531   -12.903 1.00 33.76 ? 45  THR A OG1 1 
ATOM   219  C  CG2 . THR A 1 45  ? -11.905 -0.337  -12.253 1.00 19.72 ? 45  THR A CG2 1 
ATOM   220  N  N   . GLY A 1 46  ? -11.748 -0.700  -9.091  1.00 22.73 ? 46  GLY A N   1 
ATOM   221  C  CA  . GLY A 1 46  ? -11.612 -1.873  -8.198  1.00 15.32 ? 46  GLY A CA  1 
ATOM   222  C  C   . GLY A 1 46  ? -11.128 -1.485  -6.821  1.00 17.71 ? 46  GLY A C   1 
ATOM   223  O  O   . GLY A 1 46  ? -11.465 -0.484  -6.209  1.00 17.47 ? 46  GLY A O   1 
ATOM   224  N  N   . ASN A 1 47  ? -10.263 -2.393  -6.275  1.00 15.52 ? 47  ASN A N   1 
ATOM   225  C  CA  . ASN A 1 47  ? -9.596  -1.937  -5.042  1.00 12.90 ? 47  ASN A CA  1 
ATOM   226  C  C   . ASN A 1 47  ? -8.086  -1.896  -5.256  1.00 14.77 ? 47  ASN A C   1 
ATOM   227  O  O   . ASN A 1 47  ? -7.372  -1.568  -4.237  1.00 14.15 ? 47  ASN A O   1 
ATOM   228  C  CB  . ASN A 1 47  ? -9.945  -2.774  -3.836  1.00 12.85 ? 47  ASN A CB  1 
ATOM   229  C  CG  . ASN A 1 47  ? -9.692  -4.324  -3.944  1.00 2.11  ? 47  ASN A CG  1 
ATOM   230  O  OD1 . ASN A 1 47  ? -8.988  -4.699  -4.757  1.00 7.28  ? 47  ASN A OD1 1 
ATOM   231  N  ND2 . ASN A 1 47  ? -10.445 -4.743  -2.977  1.00 14.05 ? 47  ASN A ND2 1 
ATOM   232  N  N   . LEU A 1 48  ? -7.543  -2.167  -6.398  1.00 11.57 ? 48  LEU A N   1 
ATOM   233  C  CA  . LEU A 1 48  ? -6.168  -2.202  -6.792  1.00 9.33  ? 48  LEU A CA  1 
ATOM   234  C  C   . LEU A 1 48  ? -5.787  -1.106  -7.814  1.00 18.94 ? 48  LEU A C   1 
ATOM   235  O  O   . LEU A 1 48  ? -4.642  -0.707  -8.004  1.00 16.67 ? 48  LEU A O   1 
ATOM   236  C  CB  . LEU A 1 48  ? -5.676  -3.513  -7.380  1.00 13.97 ? 48  LEU A CB  1 
ATOM   237  C  CG  . LEU A 1 48  ? -5.806  -4.725  -6.443  1.00 19.05 ? 48  LEU A CG  1 
ATOM   238  C  CD1 . LEU A 1 48  ? -5.199  -5.942  -7.124  1.00 13.89 ? 48  LEU A CD1 1 
ATOM   239  C  CD2 . LEU A 1 48  ? -5.126  -4.443  -5.095  1.00 15.90 ? 48  LEU A CD2 1 
ATOM   240  N  N   . GLY A 1 49  ? -6.809  -0.616  -8.514  1.00 14.40 ? 49  GLY A N   1 
ATOM   241  C  CA  . GLY A 1 49  ? -6.474  0.380   -9.548  1.00 15.15 ? 49  GLY A CA  1 
ATOM   242  C  C   . GLY A 1 49  ? -5.456  0.061   -10.553 1.00 11.01 ? 49  GLY A C   1 
ATOM   243  O  O   . GLY A 1 49  ? -5.142  -0.993  -11.094 1.00 16.59 ? 49  GLY A O   1 
ATOM   244  N  N   . THR A 1 50  ? -4.662  1.104   -11.060 1.00 13.44 ? 50  THR A N   1 
ATOM   245  C  CA  . THR A 1 50  ? -3.727  0.914   -12.099 1.00 7.31  ? 50  THR A CA  1 
ATOM   246  C  C   . THR A 1 50  ? -2.384  0.299   -11.732 1.00 12.73 ? 50  THR A C   1 
ATOM   247  O  O   . THR A 1 50  ? -1.782  -0.293  -12.637 1.00 20.37 ? 50  THR A O   1 
ATOM   248  C  CB  . THR A 1 50  ? -3.255  2.277   -12.715 1.00 15.57 ? 50  THR A CB  1 
ATOM   249  O  OG1 . THR A 1 50  ? -2.715  3.011   -11.589 1.00 19.45 ? 50  THR A OG1 1 
ATOM   250  C  CG2 . THR A 1 50  ? -4.394  3.073   -13.304 1.00 18.18 ? 50  THR A CG2 1 
ATOM   251  N  N   . LEU A 1 51  ? -1.903  0.500   -10.500 1.00 15.15 ? 51  LEU A N   1 
ATOM   252  C  CA  . LEU A 1 51  ? -0.588  -0.087  -10.191 1.00 18.01 ? 51  LEU A CA  1 
ATOM   253  C  C   . LEU A 1 51  ? -0.682  -1.429  -9.465  1.00 17.37 ? 51  LEU A C   1 
ATOM   254  O  O   . LEU A 1 51  ? 0.224   -2.272  -9.627  1.00 21.79 ? 51  LEU A O   1 
ATOM   255  C  CB  . LEU A 1 51  ? 0.249   0.916   -9.347  1.00 15.89 ? 51  LEU A CB  1 
ATOM   256  C  CG  . LEU A 1 51  ? 0.442   2.240   -10.097 1.00 15.11 ? 51  LEU A CG  1 
ATOM   257  C  CD1 . LEU A 1 51  ? 1.223   3.176   -9.153  1.00 14.75 ? 51  LEU A CD1 1 
ATOM   258  C  CD2 . LEU A 1 51  ? 1.108   2.074   -11.432 1.00 20.91 ? 51  LEU A CD2 1 
ATOM   259  N  N   . GLY A 1 52  ? -1.700  -1.561  -8.673  1.00 16.51 ? 52  GLY A N   1 
ATOM   260  C  CA  . GLY A 1 52  ? -1.890  -2.704  -7.778  1.00 19.14 ? 52  GLY A CA  1 
ATOM   261  C  C   . GLY A 1 52  ? -1.755  -4.052  -8.429  1.00 23.74 ? 52  GLY A C   1 
ATOM   262  O  O   . GLY A 1 52  ? -1.017  -4.928  -7.951  1.00 21.82 ? 52  GLY A O   1 
ATOM   263  N  N   . PRO A 1 53  ? -2.498  -4.306  -9.497  1.00 18.54 ? 53  PRO A N   1 
ATOM   264  C  CA  . PRO A 1 53  ? -2.326  -5.571  -10.240 1.00 17.76 ? 53  PRO A CA  1 
ATOM   265  C  C   . PRO A 1 53  ? -0.917  -5.875  -10.695 1.00 24.58 ? 53  PRO A C   1 
ATOM   266  O  O   . PRO A 1 53  ? -0.504  -7.046  -10.733 1.00 20.48 ? 53  PRO A O   1 
ATOM   267  C  CB  . PRO A 1 53  ? -3.257  -5.336  -11.465 1.00 19.95 ? 53  PRO A CB  1 
ATOM   268  C  CG  . PRO A 1 53  ? -4.308  -4.415  -10.930 1.00 14.15 ? 53  PRO A CG  1 
ATOM   269  C  CD  . PRO A 1 53  ? -3.584  -3.467  -10.016 1.00 22.15 ? 53  PRO A CD  1 
ATOM   270  N  N   . SER A 1 54  ? -0.068  -4.906  -11.062 1.00 20.59 ? 54  SER A N   1 
ATOM   271  C  CA  . SER A 1 54  ? 1.237   -5.143  -11.630 1.00 19.15 ? 54  SER A CA  1 
ATOM   272  C  C   . SER A 1 54  ? 2.184   -5.650  -10.533 1.00 19.85 ? 54  SER A C   1 
ATOM   273  O  O   . SER A 1 54  ? 2.910   -6.603  -10.746 1.00 24.74 ? 54  SER A O   1 
ATOM   274  C  CB  . SER A 1 54  ? 1.816   -3.890  -12.290 1.00 15.73 ? 54  SER A CB  1 
ATOM   275  O  OG  . SER A 1 54  ? 1.334   -3.737  -13.618 1.00 25.36 ? 54  SER A OG  1 
ATOM   276  N  N   . ILE A 1 55  ? 2.057   -4.983  -9.410  1.00 22.66 ? 55  ILE A N   1 
ATOM   277  C  CA  . ILE A 1 55  ? 2.694   -5.367  -8.153  1.00 17.09 ? 55  ILE A CA  1 
ATOM   278  C  C   . ILE A 1 55  ? 2.219   -6.758  -7.725  1.00 17.13 ? 55  ILE A C   1 
ATOM   279  O  O   . ILE A 1 55  ? 3.099   -7.614  -7.515  1.00 21.71 ? 55  ILE A O   1 
ATOM   280  C  CB  . ILE A 1 55  ? 2.411   -4.363  -7.046  1.00 15.76 ? 55  ILE A CB  1 
ATOM   281  C  CG1 . ILE A 1 55  ? 2.760   -2.887  -7.373  1.00 13.39 ? 55  ILE A CG1 1 
ATOM   282  C  CG2 . ILE A 1 55  ? 3.161   -4.729  -5.776  1.00 20.02 ? 55  ILE A CG2 1 
ATOM   283  C  CD1 . ILE A 1 55  ? 2.144   -1.960  -6.354  1.00 19.87 ? 55  ILE A CD1 1 
ATOM   284  N  N   . ALA A 1 56  ? 0.923   -7.052  -7.619  1.00 20.48 ? 56  ALA A N   1 
ATOM   285  C  CA  . ALA A 1 56  ? 0.492   -8.428  -7.283  1.00 17.49 ? 56  ALA A CA  1 
ATOM   286  C  C   . ALA A 1 56  ? 1.109   -9.456  -8.190  1.00 21.10 ? 56  ALA A C   1 
ATOM   287  O  O   . ALA A 1 56  ? 1.723   -10.445 -7.719  1.00 24.95 ? 56  ALA A O   1 
ATOM   288  C  CB  . ALA A 1 56  ? -1.029  -8.481  -7.314  1.00 32.45 ? 56  ALA A CB  1 
ATOM   289  N  N   . SER A 1 57  ? 1.070   -9.299  -9.497  1.00 18.45 ? 57  SER A N   1 
ATOM   290  C  CA  . SER A 1 57  ? 1.562   -10.226 -10.492 1.00 25.36 ? 57  SER A CA  1 
ATOM   291  C  C   . SER A 1 57  ? 2.974   -10.724 -10.232 1.00 29.19 ? 57  SER A C   1 
ATOM   292  O  O   . SER A 1 57  ? 3.245   -11.929 -10.301 1.00 25.48 ? 57  SER A O   1 
ATOM   293  C  CB  . SER A 1 57  ? 1.529   -9.545  -11.883 1.00 26.42 ? 57  SER A CB  1 
ATOM   294  O  OG  . SER A 1 57  ? 0.476   -10.087 -12.656 1.00 53.37 ? 57  SER A OG  1 
ATOM   295  N  N   . ASN A 1 58  ? 3.824   -9.743  -9.960  1.00 19.18 ? 58  ASN A N   1 
ATOM   296  C  CA  . ASN A 1 58  ? 5.212   -9.876  -9.618  1.00 21.56 ? 58  ASN A CA  1 
ATOM   297  C  C   . ASN A 1 58  ? 5.407   -10.627 -8.291  1.00 14.77 ? 58  ASN A C   1 
ATOM   298  O  O   . ASN A 1 58  ? 6.401   -11.373 -8.343  1.00 29.09 ? 58  ASN A O   1 
ATOM   299  C  CB  . ASN A 1 58  ? 5.826   -8.476  -9.546  1.00 24.90 ? 58  ASN A CB  1 
ATOM   300  C  CG  . ASN A 1 58  ? 7.338   -8.541  -9.657  1.00 42.42 ? 58  ASN A CG  1 
ATOM   301  O  OD1 . ASN A 1 58  ? 7.934   -9.031  -8.702  1.00 30.21 ? 58  ASN A OD1 1 
ATOM   302  N  ND2 . ASN A 1 58  ? 7.876   -8.078  -10.776 1.00 55.09 ? 58  ASN A ND2 1 
ATOM   303  N  N   . LEU A 1 59  ? 4.591   -10.421 -7.284  1.00 13.35 ? 59  LEU A N   1 
ATOM   304  C  CA  . LEU A 1 59  ? 4.665   -11.040 -5.951  1.00 21.80 ? 59  LEU A CA  1 
ATOM   305  C  C   . LEU A 1 59  ? 4.227   -12.499 -6.068  1.00 34.09 ? 59  LEU A C   1 
ATOM   306  O  O   . LEU A 1 59  ? 4.735   -13.450 -5.468  1.00 23.70 ? 59  LEU A O   1 
ATOM   307  C  CB  . LEU A 1 59  ? 3.831   -10.288 -4.926  1.00 23.26 ? 59  LEU A CB  1 
ATOM   308  C  CG  . LEU A 1 59  ? 4.208   -8.830  -4.564  1.00 15.42 ? 59  LEU A CG  1 
ATOM   309  C  CD1 . LEU A 1 59  ? 3.240   -8.200  -3.589  1.00 16.66 ? 59  LEU A CD1 1 
ATOM   310  C  CD2 . LEU A 1 59  ? 5.628   -8.749  -4.002  1.00 25.81 ? 59  LEU A CD2 1 
ATOM   311  N  N   . GLU A 1 60  ? 3.202   -12.699 -6.899  1.00 24.70 ? 60  GLU A N   1 
ATOM   312  C  CA  . GLU A 1 60  ? 2.731   -14.055 -7.169  1.00 29.85 ? 60  GLU A CA  1 
ATOM   313  C  C   . GLU A 1 60  ? 3.805   -14.925 -7.792  1.00 38.69 ? 60  GLU A C   1 
ATOM   314  O  O   . GLU A 1 60  ? 3.961   -16.135 -7.559  1.00 29.45 ? 60  GLU A O   1 
ATOM   315  C  CB  . GLU A 1 60  ? 1.502   -13.934 -8.097  1.00 18.88 ? 60  GLU A CB  1 
ATOM   316  C  CG  . GLU A 1 60  ? 0.290   -13.590 -7.214  1.00 20.12 ? 60  GLU A CG  1 
ATOM   317  C  CD  . GLU A 1 60  ? -0.943  -13.249 -8.066  1.00 14.64 ? 60  GLU A CD  1 
ATOM   318  O  OE1 . GLU A 1 60  ? -0.807  -13.440 -9.261  1.00 20.64 ? 60  GLU A OE1 1 
ATOM   319  O  OE2 . GLU A 1 60  ? -1.902  -12.807 -7.438  1.00 20.27 ? 60  GLU A OE2 1 
ATOM   320  N  N   . SER A 1 61  ? 4.601   -14.274 -8.639  1.00 21.24 ? 61  SER A N   1 
ATOM   321  C  CA  . SER A 1 61  ? 5.709   -14.965 -9.286  1.00 27.54 ? 61  SER A CA  1 
ATOM   322  C  C   . SER A 1 61  ? 6.864   -15.268 -8.332  1.00 38.62 ? 61  SER A C   1 
ATOM   323  O  O   . SER A 1 61  ? 7.595   -16.233 -8.575  1.00 32.04 ? 61  SER A O   1 
ATOM   324  C  CB  . SER A 1 61  ? 6.291   -14.117 -10.420 1.00 28.18 ? 61  SER A CB  1 
ATOM   325  O  OG  . SER A 1 61  ? 5.610   -14.383 -11.631 1.00 36.27 ? 61  SER A OG  1 
ATOM   326  N  N   . ALA A 1 62  ? 7.034   -14.446 -7.305  1.00 30.26 ? 62  ALA A N   1 
ATOM   327  C  CA  . ALA A 1 62  ? 8.120   -14.639 -6.351  1.00 36.83 ? 62  ALA A CA  1 
ATOM   328  C  C   . ALA A 1 62  ? 7.766   -15.713 -5.323  1.00 39.98 ? 62  ALA A C   1 
ATOM   329  O  O   . ALA A 1 62  ? 8.557   -16.576 -4.942  1.00 35.33 ? 62  ALA A O   1 
ATOM   330  C  CB  . ALA A 1 62  ? 8.471   -13.352 -5.613  1.00 17.23 ? 62  ALA A CB  1 
ATOM   331  N  N   . PHE A 1 63  ? 6.522   -15.640 -4.853  1.00 36.54 ? 63  PHE A N   1 
ATOM   332  C  CA  . PHE A 1 63  ? 6.111   -16.519 -3.771  1.00 21.64 ? 63  PHE A CA  1 
ATOM   333  C  C   . PHE A 1 63  ? 5.152   -17.598 -4.255  1.00 34.39 ? 63  PHE A C   1 
ATOM   334  O  O   . PHE A 1 63  ? 4.750   -18.413 -3.424  1.00 33.44 ? 63  PHE A O   1 
ATOM   335  C  CB  . PHE A 1 63  ? 5.407   -15.738 -2.669  1.00 18.27 ? 63  PHE A CB  1 
ATOM   336  C  CG  . PHE A 1 63  ? 6.265   -14.558 -2.211  1.00 33.40 ? 63  PHE A CG  1 
ATOM   337  C  CD1 . PHE A 1 63  ? 5.798   -13.267 -2.348  1.00 27.70 ? 63  PHE A CD1 1 
ATOM   338  C  CD2 . PHE A 1 63  ? 7.512   -14.771 -1.662  1.00 37.60 ? 63  PHE A CD2 1 
ATOM   339  C  CE1 . PHE A 1 63  ? 6.565   -12.191 -1.926  1.00 34.47 ? 63  PHE A CE1 1 
ATOM   340  C  CE2 . PHE A 1 63  ? 8.286   -13.704 -1.232  1.00 22.72 ? 63  PHE A CE2 1 
ATOM   341  C  CZ  . PHE A 1 63  ? 7.809   -12.413 -1.360  1.00 32.43 ? 63  PHE A CZ  1 
ATOM   342  N  N   . GLY A 1 64  ? 4.767   -17.556 -5.529  1.00 35.03 ? 64  GLY A N   1 
ATOM   343  C  CA  . GLY A 1 64  ? 3.703   -18.478 -5.933  1.00 24.07 ? 64  GLY A CA  1 
ATOM   344  C  C   . GLY A 1 64  ? 2.358   -17.984 -5.482  1.00 18.00 ? 64  GLY A C   1 
ATOM   345  O  O   . GLY A 1 64  ? 2.189   -17.237 -4.538  1.00 23.83 ? 64  GLY A O   1 
ATOM   346  N  N   . LYS A 1 65  ? 1.299   -18.378 -6.209  1.00 27.60 ? 65  LYS A N   1 
ATOM   347  C  CA  . LYS A 1 65  ? -0.046  -17.913 -5.953  1.00 33.34 ? 65  LYS A CA  1 
ATOM   348  C  C   . LYS A 1 65  ? -0.527  -18.273 -4.562  1.00 31.82 ? 65  LYS A C   1 
ATOM   349  O  O   . LYS A 1 65  ? -1.157  -17.463 -3.903  1.00 31.90 ? 65  LYS A O   1 
ATOM   350  C  CB  . LYS A 1 65  ? -0.987  -18.527 -7.003  1.00 50.31 ? 65  LYS A CB  1 
ATOM   351  C  CG  . LYS A 1 65  ? -0.437  -18.438 -8.423  1.00 57.12 ? 65  LYS A CG  1 
ATOM   352  C  CD  . LYS A 1 65  ? -0.501  -17.003 -8.937  1.00 67.42 ? 65  LYS A CD  1 
ATOM   353  C  CE  . LYS A 1 65  ? -0.189  -16.925 -10.429 1.00 73.65 ? 65  LYS A CE  1 
ATOM   354  N  NZ  . LYS A 1 65  ? -0.158  -15.532 -10.937 1.00 81.41 ? 65  LYS A NZ  1 
ATOM   355  N  N   . ASP A 1 66  ? -0.231  -19.492 -4.112  1.00 34.74 ? 66  ASP A N   1 
ATOM   356  C  CA  . ASP A 1 66  ? -0.585  -19.965 -2.781  1.00 30.26 ? 66  ASP A CA  1 
ATOM   357  C  C   . ASP A 1 66  ? 0.295   -19.311 -1.707  1.00 24.38 ? 66  ASP A C   1 
ATOM   358  O  O   . ASP A 1 66  ? -0.080  -19.358 -0.535  1.00 31.18 ? 66  ASP A O   1 
ATOM   359  C  CB  . ASP A 1 66  ? -0.495  -21.497 -2.699  1.00 23.91 ? 66  ASP A CB  1 
ATOM   360  C  CG  . ASP A 1 66  ? -1.672  -22.203 -3.354  1.00 47.14 ? 66  ASP A CG  1 
ATOM   361  O  OD1 . ASP A 1 66  ? -2.474  -21.502 -4.030  1.00 30.81 ? 66  ASP A OD1 1 
ATOM   362  O  OD2 . ASP A 1 66  ? -1.811  -23.453 -3.210  1.00 28.22 ? 66  ASP A OD2 1 
ATOM   363  N  N   . GLY A 1 67  ? 1.414   -18.680 -2.103  1.00 21.47 ? 67  GLY A N   1 
ATOM   364  C  CA  . GLY A 1 67  ? 2.224   -18.055 -1.080  1.00 26.74 ? 67  GLY A CA  1 
ATOM   365  C  C   . GLY A 1 67  ? 2.028   -16.626 -0.664  1.00 39.89 ? 67  GLY A C   1 
ATOM   366  O  O   . GLY A 1 67  ? 2.824   -16.154 0.172   1.00 29.39 ? 67  GLY A O   1 
ATOM   367  N  N   . VAL A 1 68  ? 1.052   -15.890 -1.175  1.00 33.18 ? 68  VAL A N   1 
ATOM   368  C  CA  . VAL A 1 68  ? 0.848   -14.454 -0.969  1.00 22.64 ? 68  VAL A CA  1 
ATOM   369  C  C   . VAL A 1 68  ? -0.627  -14.130 -1.190  1.00 15.56 ? 68  VAL A C   1 
ATOM   370  O  O   . VAL A 1 68  ? -1.171  -14.656 -2.180  1.00 25.94 ? 68  VAL A O   1 
ATOM   371  C  CB  . VAL A 1 68  ? 1.669   -13.600 -1.956  1.00 30.72 ? 68  VAL A CB  1 
ATOM   372  C  CG1 . VAL A 1 68  ? 1.180   -13.755 -3.393  1.00 26.14 ? 68  VAL A CG1 1 
ATOM   373  C  CG2 . VAL A 1 68  ? 1.632   -12.136 -1.539  1.00 13.57 ? 68  VAL A CG2 1 
ATOM   374  N  N   . TRP A 1 69  ? -1.207  -13.411 -0.269  1.00 16.23 ? 69  TRP A N   1 
ATOM   375  C  CA  . TRP A 1 69  ? -2.580  -12.953 -0.368  1.00 21.20 ? 69  TRP A CA  1 
ATOM   376  C  C   . TRP A 1 69  ? -2.572  -11.480 -0.798  1.00 26.79 ? 69  TRP A C   1 
ATOM   377  O  O   . TRP A 1 69  ? -1.842  -10.684 -0.216  1.00 25.11 ? 69  TRP A O   1 
ATOM   378  C  CB  . TRP A 1 69  ? -3.344  -13.080 0.928   1.00 17.89 ? 69  TRP A CB  1 
ATOM   379  C  CG  . TRP A 1 69  ? -3.959  -14.438 1.187   1.00 12.75 ? 69  TRP A CG  1 
ATOM   380  C  CD1 . TRP A 1 69  ? -3.865  -15.500 0.346   1.00 21.91 ? 69  TRP A CD1 1 
ATOM   381  C  CD2 . TRP A 1 69  ? -4.715  -14.776 2.323   1.00 14.59 ? 69  TRP A CD2 1 
ATOM   382  N  NE1 . TRP A 1 69  ? -4.548  -16.543 0.923   1.00 22.63 ? 69  TRP A NE1 1 
ATOM   383  C  CE2 . TRP A 1 69  ? -5.076  -16.144 2.119   1.00 21.22 ? 69  TRP A CE2 1 
ATOM   384  C  CE3 . TRP A 1 69  ? -5.154  -14.180 3.489   1.00 22.52 ? 69  TRP A CE3 1 
ATOM   385  C  CZ2 . TRP A 1 69  ? -5.830  -16.843 3.039   1.00 18.47 ? 69  TRP A CZ2 1 
ATOM   386  C  CZ3 . TRP A 1 69  ? -5.910  -14.888 4.399   1.00 26.42 ? 69  TRP A CZ3 1 
ATOM   387  C  CH2 . TRP A 1 69  ? -6.264  -16.233 4.184   1.00 18.84 ? 69  TRP A CH2 1 
ATOM   388  N  N   . ILE A 1 70  ? -3.391  -11.167 -1.796  1.00 17.49 ? 70  ILE A N   1 
ATOM   389  C  CA  . ILE A 1 70  ? -3.448  -9.809  -2.333  1.00 22.69 ? 70  ILE A CA  1 
ATOM   390  C  C   . ILE A 1 70  ? -4.745  -9.176  -1.872  1.00 26.06 ? 70  ILE A C   1 
ATOM   391  O  O   . ILE A 1 70  ? -5.802  -9.764  -2.104  1.00 20.30 ? 70  ILE A O   1 
ATOM   392  C  CB  . ILE A 1 70  ? -3.393  -9.816  -3.856  1.00 13.66 ? 70  ILE A CB  1 
ATOM   393  C  CG1 . ILE A 1 70  ? -2.175  -10.465 -4.500  1.00 19.25 ? 70  ILE A CG1 1 
ATOM   394  C  CG2 . ILE A 1 70  ? -3.500  -8.378  -4.387  1.00 17.91 ? 70  ILE A CG2 1 
ATOM   395  C  CD1 . ILE A 1 70  ? -0.893  -9.796  -3.991  1.00 16.57 ? 70  ILE A CD1 1 
ATOM   396  N  N   . GLN A 1 71  ? -4.696  -8.020  -1.236  1.00 13.94 ? 71  GLN A N   1 
ATOM   397  C  CA  . GLN A 1 71  ? -5.834  -7.459  -0.568  1.00 13.37 ? 71  GLN A CA  1 
ATOM   398  C  C   . GLN A 1 71  ? -5.793  -5.954  -0.835  1.00 21.06 ? 71  GLN A C   1 
ATOM   399  O  O   . GLN A 1 71  ? -4.955  -5.207  -0.339  1.00 17.28 ? 71  GLN A O   1 
ATOM   400  C  CB  . GLN A 1 71  ? -5.945  -7.691  0.934   1.00 16.78 ? 71  GLN A CB  1 
ATOM   401  C  CG  . GLN A 1 71  ? -7.121  -7.094  1.679   1.00 15.36 ? 71  GLN A CG  1 
ATOM   402  C  CD  . GLN A 1 71  ? -8.453  -7.484  1.069   1.00 26.39 ? 71  GLN A CD  1 
ATOM   403  O  OE1 . GLN A 1 71  ? -9.258  -6.755  0.493   1.00 18.92 ? 71  GLN A OE1 1 
ATOM   404  N  NE2 . GLN A 1 71  ? -8.731  -8.778  1.225   1.00 9.82  ? 71  GLN A NE2 1 
ATOM   405  N  N   . GLY A 1 72  ? -6.734  -5.556  -1.672  1.00 15.03 ? 72  GLY A N   1 
ATOM   406  C  CA  . GLY A 1 72  ? -6.799  -4.087  -1.851  1.00 12.60 ? 72  GLY A CA  1 
ATOM   407  C  C   . GLY A 1 72  ? -7.665  -3.465  -0.835  1.00 12.32 ? 72  GLY A C   1 
ATOM   408  O  O   . GLY A 1 72  ? -8.569  -3.966  -0.156  1.00 15.96 ? 72  GLY A O   1 
ATOM   409  N  N   . VAL A 1 73  ? -7.442  -2.114  -0.635  1.00 12.80 ? 73  VAL A N   1 
ATOM   410  C  CA  . VAL A 1 73  ? -8.238  -1.411  0.326   1.00 11.67 ? 73  VAL A CA  1 
ATOM   411  C  C   . VAL A 1 73  ? -9.534  -0.935  -0.322  1.00 27.24 ? 73  VAL A C   1 
ATOM   412  O  O   . VAL A 1 73  ? -9.560  0.019   -1.096  1.00 18.10 ? 73  VAL A O   1 
ATOM   413  C  CB  . VAL A 1 73  ? -7.565  -0.184  1.001   1.00 9.09  ? 73  VAL A CB  1 
ATOM   414  C  CG1 . VAL A 1 73  ? -8.467  0.420   1.985   1.00 10.37 ? 73  VAL A CG1 1 
ATOM   415  C  CG2 . VAL A 1 73  ? -6.260  -0.698  1.676   1.00 14.14 ? 73  VAL A CG2 1 
ATOM   416  N  N   . GLY A 1 74  ? -10.604 -1.640  0.000   1.00 20.37 ? 74  GLY A N   1 
ATOM   417  C  CA  . GLY A 1 74  ? -11.895 -1.216  -0.579  1.00 14.67 ? 74  GLY A CA  1 
ATOM   418  C  C   . GLY A 1 74  ? -12.817 -0.760  0.480   1.00 13.23 ? 74  GLY A C   1 
ATOM   419  O  O   . GLY A 1 74  ? -12.624 0.080   1.352   1.00 15.44 ? 74  GLY A O   1 
ATOM   420  N  N   . GLY A 1 75  ? -14.050 -1.359  0.522   1.00 15.71 ? 75  GLY A N   1 
ATOM   421  C  CA  . GLY A 1 75  ? -14.955 -0.995  1.592   1.00 15.70 ? 75  GLY A CA  1 
ATOM   422  C  C   . GLY A 1 75  ? -15.358 0.469   1.681   1.00 23.34 ? 75  GLY A C   1 
ATOM   423  O  O   . GLY A 1 75  ? -15.917 0.966   0.716   1.00 28.32 ? 75  GLY A O   1 
ATOM   424  N  N   . ALA A 1 76  ? -15.093 1.163   2.756   1.00 20.69 ? 76  ALA A N   1 
ATOM   425  C  CA  . ALA A 1 76  ? -15.279 2.574   3.025   1.00 22.68 ? 76  ALA A CA  1 
ATOM   426  C  C   . ALA A 1 76  ? -14.246 3.446   2.312   1.00 20.05 ? 76  ALA A C   1 
ATOM   427  O  O   . ALA A 1 76  ? -14.512 4.664   2.213   1.00 19.99 ? 76  ALA A O   1 
ATOM   428  C  CB  . ALA A 1 76  ? -15.208 2.887   4.517   1.00 21.12 ? 76  ALA A CB  1 
ATOM   429  N  N   . TYR A 1 77  ? -13.134 2.916   1.844   1.00 16.93 ? 77  TYR A N   1 
ATOM   430  C  CA  . TYR A 1 77  ? -12.230 3.811   1.101   1.00 18.07 ? 77  TYR A CA  1 
ATOM   431  C  C   . TYR A 1 77  ? -12.811 4.029   -0.289  1.00 27.16 ? 77  TYR A C   1 
ATOM   432  O  O   . TYR A 1 77  ? -12.739 3.109   -1.103  1.00 23.86 ? 77  TYR A O   1 
ATOM   433  C  CB  . TYR A 1 77  ? -10.824 3.218   1.034   1.00 14.84 ? 77  TYR A CB  1 
ATOM   434  C  CG  . TYR A 1 77  ? -9.838  3.981   0.183   1.00 12.02 ? 77  TYR A CG  1 
ATOM   435  C  CD1 . TYR A 1 77  ? -9.828  5.382   0.342   1.00 25.06 ? 77  TYR A CD1 1 
ATOM   436  C  CD2 . TYR A 1 77  ? -8.953  3.428   -0.693  1.00 11.01 ? 77  TYR A CD2 1 
ATOM   437  C  CE1 . TYR A 1 77  ? -8.921  6.061   -0.450  1.00 7.62  ? 77  TYR A CE1 1 
ATOM   438  C  CE2 . TYR A 1 77  ? -8.048  4.128   -1.469  1.00 17.58 ? 77  TYR A CE2 1 
ATOM   439  C  CZ  . TYR A 1 77  ? -8.074  5.536   -1.293  1.00 9.55  ? 77  TYR A CZ  1 
ATOM   440  O  OH  . TYR A 1 77  ? -7.129  6.173   -2.084  1.00 14.03 ? 77  TYR A OH  1 
ATOM   441  N  N   . ARG A 1 78  ? -13.384 5.227   -0.486  1.00 20.51 ? 78  ARG A N   1 
ATOM   442  C  CA  . ARG A 1 78  ? -14.079 5.379   -1.783  1.00 18.41 ? 78  ARG A CA  1 
ATOM   443  C  C   . ARG A 1 78  ? -13.172 6.046   -2.810  1.00 28.96 ? 78  ARG A C   1 
ATOM   444  O  O   . ARG A 1 78  ? -13.569 6.112   -3.980  1.00 20.52 ? 78  ARG A O   1 
ATOM   445  C  CB  . ARG A 1 78  ? -15.313 6.202   -1.636  1.00 14.30 ? 78  ARG A CB  1 
ATOM   446  C  CG  . ARG A 1 78  ? -16.389 6.035   -0.606  1.00 31.42 ? 78  ARG A CG  1 
ATOM   447  C  CD  . ARG A 1 78  ? -17.505 5.132   -1.132  1.00 45.32 ? 78  ARG A CD  1 
ATOM   448  N  NE  . ARG A 1 78  ? -16.941 3.894   -1.661  1.00 49.86 ? 78  ARG A NE  1 
ATOM   449  C  CZ  . ARG A 1 78  ? -17.072 2.688   -1.139  1.00 48.12 ? 78  ARG A CZ  1 
ATOM   450  N  NH1 . ARG A 1 78  ? -17.762 2.470   -0.024  1.00 35.79 ? 78  ARG A NH1 1 
ATOM   451  N  NH2 . ARG A 1 78  ? -16.500 1.636   -1.721  1.00 30.47 ? 78  ARG A NH2 1 
ATOM   452  N  N   . ALA A 1 79  ? -12.032 6.531   -2.345  1.00 23.63 ? 79  ALA A N   1 
ATOM   453  C  CA  . ALA A 1 79  ? -11.018 7.167   -3.156  1.00 16.24 ? 79  ALA A CA  1 
ATOM   454  C  C   . ALA A 1 79  ? -11.567 8.438   -3.917  1.00 5.89  ? 79  ALA A C   1 
ATOM   455  O  O   . ALA A 1 79  ? -11.152 8.434   -5.066  1.00 13.15 ? 79  ALA A O   1 
ATOM   456  C  CB  . ALA A 1 79  ? -10.424 6.191   -4.127  1.00 17.99 ? 79  ALA A CB  1 
ATOM   457  N  N   . THR A 1 80  ? -12.258 9.200   -3.182  1.00 8.41  ? 80  THR A N   1 
ATOM   458  C  CA  . THR A 1 80  ? -12.841 10.437  -3.833  1.00 12.52 ? 80  THR A CA  1 
ATOM   459  C  C   . THR A 1 80  ? -11.798 11.512  -4.045  1.00 17.71 ? 80  THR A C   1 
ATOM   460  O  O   . THR A 1 80  ? -10.822 11.667  -3.321  1.00 15.06 ? 80  THR A O   1 
ATOM   461  C  CB  . THR A 1 80  ? -13.947 11.028  -2.951  1.00 21.70 ? 80  THR A CB  1 
ATOM   462  O  OG1 . THR A 1 80  ? -14.746 9.940   -2.421  1.00 40.99 ? 80  THR A OG1 1 
ATOM   463  C  CG2 . THR A 1 80  ? -14.897 11.932  -3.715  1.00 37.02 ? 80  THR A CG2 1 
ATOM   464  N  N   . LEU A 1 81  ? -11.947 12.364  -5.063  1.00 21.39 ? 81  LEU A N   1 
ATOM   465  C  CA  . LEU A 1 81  ? -11.001 13.472  -5.301  1.00 16.63 ? 81  LEU A CA  1 
ATOM   466  C  C   . LEU A 1 81  ? -10.961 14.485  -4.179  1.00 14.10 ? 81  LEU A C   1 
ATOM   467  O  O   . LEU A 1 81  ? -9.846  14.896  -3.744  1.00 19.47 ? 81  LEU A O   1 
ATOM   468  C  CB  . LEU A 1 81  ? -11.377 14.219  -6.580  1.00 19.75 ? 81  LEU A CB  1 
ATOM   469  C  CG  . LEU A 1 81  ? -10.488 14.180  -7.810  1.00 22.67 ? 81  LEU A CG  1 
ATOM   470  C  CD1 . LEU A 1 81  ? -9.346  13.196  -7.720  1.00 13.15 ? 81  LEU A CD1 1 
ATOM   471  C  CD2 . LEU A 1 81  ? -11.323 13.909  -9.061  1.00 16.29 ? 81  LEU A CD2 1 
ATOM   472  N  N   . GLY A 1 82  ? -12.070 14.920  -3.648  1.00 16.38 ? 82  GLY A N   1 
ATOM   473  C  CA  . GLY A 1 82  ? -12.275 15.818  -2.539  1.00 16.41 ? 82  GLY A CA  1 
ATOM   474  C  C   . GLY A 1 82  ? -11.484 15.390  -1.327  1.00 21.78 ? 82  GLY A C   1 
ATOM   475  O  O   . GLY A 1 82  ? -10.870 16.186  -0.614  1.00 19.56 ? 82  GLY A O   1 
ATOM   476  N  N   . ASP A 1 83  ? -11.502 14.068  -1.067  1.00 20.60 ? 83  ASP A N   1 
ATOM   477  C  CA  . ASP A 1 83  ? -10.796 13.681  0.170   1.00 14.81 ? 83  ASP A CA  1 
ATOM   478  C  C   . ASP A 1 83  ? -9.302  13.942  0.172   1.00 14.77 ? 83  ASP A C   1 
ATOM   479  O  O   . ASP A 1 83  ? -8.710  13.910  1.270   1.00 20.55 ? 83  ASP A O   1 
ATOM   480  C  CB  . ASP A 1 83  ? -11.054 12.180  0.421   1.00 21.21 ? 83  ASP A CB  1 
ATOM   481  C  CG  . ASP A 1 83  ? -12.459 11.981  0.938   1.00 17.77 ? 83  ASP A CG  1 
ATOM   482  O  OD1 . ASP A 1 83  ? -13.147 12.962  1.264   1.00 19.23 ? 83  ASP A OD1 1 
ATOM   483  O  OD2 . ASP A 1 83  ? -12.907 10.817  1.052   1.00 22.55 ? 83  ASP A OD2 1 
ATOM   484  N  N   . ASN A 1 84  ? -8.643  14.199  -0.939  1.00 14.59 ? 84  ASN A N   1 
ATOM   485  C  CA  . ASN A 1 84  ? -7.233  14.580  -0.867  1.00 12.10 ? 84  ASN A CA  1 
ATOM   486  C  C   . ASN A 1 84  ? -7.100  15.926  -0.130  1.00 20.29 ? 84  ASN A C   1 
ATOM   487  O  O   . ASN A 1 84  ? -5.976  16.203  0.290   1.00 20.25 ? 84  ASN A O   1 
ATOM   488  C  CB  . ASN A 1 84  ? -6.538  14.699  -2.187  1.00 14.24 ? 84  ASN A CB  1 
ATOM   489  C  CG  . ASN A 1 84  ? -6.541  13.502  -3.106  1.00 13.80 ? 84  ASN A CG  1 
ATOM   490  O  OD1 . ASN A 1 84  ? -7.524  13.382  -3.870  1.00 17.46 ? 84  ASN A OD1 1 
ATOM   491  N  ND2 . ASN A 1 84  ? -5.503  12.734  -3.079  1.00 14.51 ? 84  ASN A ND2 1 
ATOM   492  N  N   . ALA A 1 85  ? -8.138  16.734  0.010   1.00 17.04 ? 85  ALA A N   1 
ATOM   493  C  CA  . ALA A 1 85  ? -7.985  18.064  0.606   1.00 25.31 ? 85  ALA A CA  1 
ATOM   494  C  C   . ALA A 1 85  ? -8.225  18.010  2.097   1.00 24.15 ? 85  ALA A C   1 
ATOM   495  O  O   . ALA A 1 85  ? -8.022  18.998  2.807   1.00 32.29 ? 85  ALA A O   1 
ATOM   496  C  CB  . ALA A 1 85  ? -8.918  19.076  -0.072  1.00 22.49 ? 85  ALA A CB  1 
ATOM   497  N  N   . LEU A 1 86  ? -8.598  16.849  2.641   1.00 18.67 ? 86  LEU A N   1 
ATOM   498  C  CA  . LEU A 1 86  ? -8.609  16.716  4.104   1.00 20.10 ? 86  LEU A CA  1 
ATOM   499  C  C   . LEU A 1 86  ? -7.203  16.711  4.728   1.00 13.62 ? 86  LEU A C   1 
ATOM   500  O  O   . LEU A 1 86  ? -6.229  16.386  4.089   1.00 15.21 ? 86  LEU A O   1 
ATOM   501  C  CB  . LEU A 1 86  ? -9.339  15.404  4.444   1.00 17.75 ? 86  LEU A CB  1 
ATOM   502  C  CG  . LEU A 1 86  ? -10.760 15.252  3.914   1.00 21.13 ? 86  LEU A CG  1 
ATOM   503  C  CD1 . LEU A 1 86  ? -11.217 13.805  4.069   1.00 22.40 ? 86  LEU A CD1 1 
ATOM   504  C  CD2 . LEU A 1 86  ? -11.749 16.150  4.633   1.00 21.47 ? 86  LEU A CD2 1 
ATOM   505  N  N   . PRO A 1 87  ? -7.113  17.019  6.017   1.00 20.85 ? 87  PRO A N   1 
ATOM   506  C  CA  . PRO A 1 87  ? -5.827  17.123  6.740   1.00 21.72 ? 87  PRO A CA  1 
ATOM   507  C  C   . PRO A 1 87  ? -4.790  16.066  6.439   1.00 20.43 ? 87  PRO A C   1 
ATOM   508  O  O   . PRO A 1 87  ? -3.649  16.306  6.047   1.00 26.50 ? 87  PRO A O   1 
ATOM   509  C  CB  . PRO A 1 87  ? -6.280  16.951  8.199   1.00 25.85 ? 87  PRO A CB  1 
ATOM   510  C  CG  . PRO A 1 87  ? -7.653  17.532  8.255   1.00 29.30 ? 87  PRO A CG  1 
ATOM   511  C  CD  . PRO A 1 87  ? -8.252  17.312  6.898   1.00 26.91 ? 87  PRO A CD  1 
ATOM   512  N  N   . ARG A 1 88  ? -5.178  14.787  6.616   1.00 22.67 ? 88  ARG A N   1 
ATOM   513  C  CA  . ARG A 1 88  ? -4.187  13.731  6.405   1.00 28.02 ? 88  ARG A CA  1 
ATOM   514  C  C   . ARG A 1 88  ? -4.099  13.254  4.970   1.00 14.22 ? 88  ARG A C   1 
ATOM   515  O  O   . ARG A 1 88  ? -3.284  12.432  4.558   1.00 16.51 ? 88  ARG A O   1 
ATOM   516  C  CB  . ARG A 1 88  ? -4.463  12.578  7.385   1.00 31.29 ? 88  ARG A CB  1 
ATOM   517  C  CG  . ARG A 1 88  ? -4.540  13.035  8.831   1.00 26.79 ? 88  ARG A CG  1 
ATOM   518  C  CD  . ARG A 1 88  ? -4.808  11.905  9.805   1.00 27.86 ? 88  ARG A CD  1 
ATOM   519  N  NE  . ARG A 1 88  ? -3.654  11.069  10.085  1.00 28.48 ? 88  ARG A NE  1 
ATOM   520  C  CZ  . ARG A 1 88  ? -3.650  9.896   10.706  1.00 34.00 ? 88  ARG A CZ  1 
ATOM   521  N  NH1 . ARG A 1 88  ? -4.733  9.292   11.163  1.00 27.57 ? 88  ARG A NH1 1 
ATOM   522  N  NH2 . ARG A 1 88  ? -2.487  9.273   10.871  1.00 22.03 ? 88  ARG A NH2 1 
ATOM   523  N  N   . GLY A 1 89  ? -4.933  13.856  4.056   1.00 18.67 ? 89  GLY A N   1 
ATOM   524  C  CA  . GLY A 1 89  ? -4.723  13.412  2.694   1.00 21.50 ? 89  GLY A CA  1 
ATOM   525  C  C   . GLY A 1 89  ? -5.755  12.358  2.212   1.00 16.59 ? 89  GLY A C   1 
ATOM   526  O  O   . GLY A 1 89  ? -5.592  11.935  1.056   1.00 12.24 ? 89  GLY A O   1 
ATOM   527  N  N   . THR A 1 90  ? -6.650  12.061  3.133   1.00 15.95 ? 90  THR A N   1 
ATOM   528  C  CA  . THR A 1 90  ? -7.678  11.020  2.889   1.00 18.03 ? 90  THR A CA  1 
ATOM   529  C  C   . THR A 1 90  ? -8.664  11.099  4.044   1.00 26.16 ? 90  THR A C   1 
ATOM   530  O  O   . THR A 1 90  ? -8.271  11.833  4.965   1.00 21.35 ? 90  THR A O   1 
ATOM   531  C  CB  . THR A 1 90  ? -7.017  9.650   2.727   1.00 19.56 ? 90  THR A CB  1 
ATOM   532  O  OG1 . THR A 1 90  ? -8.010  8.727   2.191   1.00 17.48 ? 90  THR A OG1 1 
ATOM   533  C  CG2 . THR A 1 90  ? -6.487  9.082   4.041   1.00 16.71 ? 90  THR A CG2 1 
ATOM   534  N  N   . SER A 1 91  ? -9.814  10.465  4.053   1.00 15.13 ? 91  SER A N   1 
ATOM   535  C  CA  . SER A 1 91  ? -10.816 10.470  5.086   1.00 12.78 ? 91  SER A CA  1 
ATOM   536  C  C   . SER A 1 91  ? -10.474 9.492   6.242   1.00 15.38 ? 91  SER A C   1 
ATOM   537  O  O   . SER A 1 91  ? -9.713  8.570   6.012   1.00 19.42 ? 91  SER A O   1 
ATOM   538  C  CB  . SER A 1 91  ? -12.188 10.049  4.561   1.00 33.10 ? 91  SER A CB  1 
ATOM   539  O  OG  . SER A 1 91  ? -12.151 8.666   4.241   1.00 30.80 ? 91  SER A OG  1 
ATOM   540  N  N   . SER A 1 92  ? -11.068 9.812   7.369   1.00 19.35 ? 92  SER A N   1 
ATOM   541  C  CA  . SER A 1 92  ? -10.970 9.035   8.596   1.00 22.95 ? 92  SER A CA  1 
ATOM   542  C  C   . SER A 1 92  ? -11.498 7.634   8.370   1.00 30.29 ? 92  SER A C   1 
ATOM   543  O  O   . SER A 1 92  ? -11.018 6.592   8.799   1.00 24.12 ? 92  SER A O   1 
ATOM   544  C  CB  . SER A 1 92  ? -11.826 9.737   9.652   1.00 26.44 ? 92  SER A CB  1 
ATOM   545  O  OG  . SER A 1 92  ? -12.597 8.748   10.322  1.00 38.26 ? 92  SER A OG  1 
ATOM   546  N  N   . ALA A 1 93  ? -12.602 7.596   7.611   1.00 20.83 ? 93  ALA A N   1 
ATOM   547  C  CA  . ALA A 1 93  ? -13.165 6.267   7.363   1.00 30.05 ? 93  ALA A CA  1 
ATOM   548  C  C   . ALA A 1 93  ? -12.212 5.433   6.528   1.00 33.32 ? 93  ALA A C   1 
ATOM   549  O  O   . ALA A 1 93  ? -12.103 4.214   6.734   1.00 24.03 ? 93  ALA A O   1 
ATOM   550  C  CB  . ALA A 1 93  ? -14.529 6.357   6.687   1.00 20.92 ? 93  ALA A CB  1 
ATOM   551  N  N   . ALA A 1 94  ? -11.493 6.046   5.575   1.00 14.62 ? 94  ALA A N   1 
ATOM   552  C  CA  . ALA A 1 94  ? -10.593 5.227   4.802   1.00 14.78 ? 94  ALA A CA  1 
ATOM   553  C  C   . ALA A 1 94  ? -9.454  4.721   5.689   1.00 16.62 ? 94  ALA A C   1 
ATOM   554  O  O   . ALA A 1 94  ? -8.902  3.637   5.598   1.00 19.73 ? 94  ALA A O   1 
ATOM   555  C  CB  . ALA A 1 94  ? -10.007 5.971   3.615   1.00 28.75 ? 94  ALA A CB  1 
ATOM   556  N  N   . ILE A 1 95  ? -9.018  5.581   6.609   1.00 20.41 ? 95  ILE A N   1 
ATOM   557  C  CA  . ILE A 1 95  ? -7.870  5.078   7.396   1.00 21.26 ? 95  ILE A CA  1 
ATOM   558  C  C   . ILE A 1 95  ? -8.304  3.947   8.314   1.00 22.27 ? 95  ILE A C   1 
ATOM   559  O  O   . ILE A 1 95  ? -7.540  2.996   8.532   1.00 24.64 ? 95  ILE A O   1 
ATOM   560  C  CB  . ILE A 1 95  ? -7.265  6.235   8.199   1.00 21.17 ? 95  ILE A CB  1 
ATOM   561  C  CG1 . ILE A 1 95  ? -6.529  7.234   7.275   1.00 19.85 ? 95  ILE A CG1 1 
ATOM   562  C  CG2 . ILE A 1 95  ? -6.376  5.758   9.336   1.00 35.90 ? 95  ILE A CG2 1 
ATOM   563  C  CD1 . ILE A 1 95  ? -6.658  8.602   7.929   1.00 17.67 ? 95  ILE A CD1 1 
ATOM   564  N  N   . ARG A 1 96  ? -9.520  4.072   8.807   1.00 24.11 ? 96  ARG A N   1 
ATOM   565  C  CA  . ARG A 1 96  ? -10.021 3.004   9.717   1.00 16.82 ? 96  ARG A CA  1 
ATOM   566  C  C   . ARG A 1 96  ? -10.287 1.761   8.878   1.00 28.67 ? 96  ARG A C   1 
ATOM   567  O  O   . ARG A 1 96  ? -10.126 0.623   9.352   1.00 24.76 ? 96  ARG A O   1 
ATOM   568  C  CB  . ARG A 1 96  ? -11.117 3.596   10.558  1.00 18.30 ? 96  ARG A CB  1 
ATOM   569  C  CG  . ARG A 1 96  ? -12.550 3.296   10.165  1.00 26.78 ? 96  ARG A CG  1 
ATOM   570  C  CD  . ARG A 1 96  ? -13.472 3.986   11.162  1.00 39.06 ? 96  ARG A CD  1 
ATOM   571  N  NE  . ARG A 1 96  ? -13.923 3.140   12.244  1.00 45.41 ? 96  ARG A NE  1 
ATOM   572  C  CZ  . ARG A 1 96  ? -14.466 1.935   12.184  1.00 59.91 ? 96  ARG A CZ  1 
ATOM   573  N  NH1 . ARG A 1 96  ? -14.651 1.332   11.014  1.00 63.05 ? 96  ARG A NH1 1 
ATOM   574  N  NH2 . ARG A 1 96  ? -14.828 1.313   13.307  1.00 53.68 ? 96  ARG A NH2 1 
ATOM   575  N  N   . GLU A 1 97  ? -10.619 1.842   7.594   1.00 22.58 ? 97  GLU A N   1 
ATOM   576  C  CA  . GLU A 1 97  ? -10.706 0.620   6.790   1.00 31.17 ? 97  GLU A CA  1 
ATOM   577  C  C   . GLU A 1 97  ? -9.362  -0.077  6.628   1.00 27.91 ? 97  GLU A C   1 
ATOM   578  O  O   . GLU A 1 97  ? -9.322  -1.317  6.751   1.00 26.36 ? 97  GLU A O   1 
ATOM   579  C  CB  . GLU A 1 97  ? -11.294 0.923   5.412   1.00 25.01 ? 97  GLU A CB  1 
ATOM   580  C  CG  . GLU A 1 97  ? -11.618 -0.244  4.505   1.00 19.06 ? 97  GLU A CG  1 
ATOM   581  C  CD  . GLU A 1 97  ? -12.881 -0.999  4.895   1.00 33.10 ? 97  GLU A CD  1 
ATOM   582  O  OE1 . GLU A 1 97  ? -13.953 -0.418  5.144   1.00 27.41 ? 97  GLU A OE1 1 
ATOM   583  O  OE2 . GLU A 1 97  ? -12.777 -2.245  4.962   1.00 44.75 ? 97  GLU A OE2 1 
ATOM   584  N  N   . MET A 1 98  ? -8.263  0.647   6.345   1.00 22.96 ? 98  MET A N   1 
ATOM   585  C  CA  . MET A 1 98  ? -6.993  -0.021  6.150   1.00 19.75 ? 98  MET A CA  1 
ATOM   586  C  C   . MET A 1 98  ? -6.457  -0.581  7.494   1.00 17.65 ? 98  MET A C   1 
ATOM   587  O  O   . MET A 1 98  ? -5.877  -1.660  7.442   1.00 20.66 ? 98  MET A O   1 
ATOM   588  C  CB  . MET A 1 98  ? -5.902  0.893   5.601   1.00 12.34 ? 98  MET A CB  1 
ATOM   589  C  CG  . MET A 1 98  ? -4.744  0.198   4.951   1.00 13.98 ? 98  MET A CG  1 
ATOM   590  S  SD  . MET A 1 98  ? -3.752  1.328   3.934   1.00 18.62 ? 98  MET A SD  1 
ATOM   591  C  CE  . MET A 1 98  ? -2.758  0.188   3.035   1.00 14.45 ? 98  MET A CE  1 
ATOM   592  N  N   . LEU A 1 99  ? -6.676  0.182   8.541   1.00 18.73 ? 99  LEU A N   1 
ATOM   593  C  CA  . LEU A 1 99  ? -6.344  -0.271  9.897   1.00 23.48 ? 99  LEU A CA  1 
ATOM   594  C  C   . LEU A 1 99  ? -6.993  -1.627  10.138  1.00 20.88 ? 99  LEU A C   1 
ATOM   595  O  O   . LEU A 1 99  ? -6.309  -2.571  10.514  1.00 26.31 ? 99  LEU A O   1 
ATOM   596  C  CB  . LEU A 1 99  ? -6.821  0.702   10.966  1.00 18.30 ? 99  LEU A CB  1 
ATOM   597  C  CG  . LEU A 1 99  ? -5.884  1.905   11.142  1.00 20.21 ? 99  LEU A CG  1 
ATOM   598  C  CD1 . LEU A 1 99  ? -6.459  2.838   12.176  1.00 22.68 ? 99  LEU A CD1 1 
ATOM   599  C  CD2 . LEU A 1 99  ? -4.505  1.373   11.499  1.00 19.89 ? 99  LEU A CD2 1 
ATOM   600  N  N   . GLY A 1 100 ? -8.300  -1.730  9.923   1.00 26.98 ? 100 GLY A N   1 
ATOM   601  C  CA  . GLY A 1 100 ? -8.962  -3.017  10.153  1.00 29.62 ? 100 GLY A CA  1 
ATOM   602  C  C   . GLY A 1 100 ? -8.355  -4.131  9.340   1.00 29.81 ? 100 GLY A C   1 
ATOM   603  O  O   . GLY A 1 100 ? -8.213  -5.264  9.828   1.00 24.23 ? 100 GLY A O   1 
ATOM   604  N  N   . LEU A 1 101 ? -7.949  -3.877  8.089   1.00 20.34 ? 101 LEU A N   1 
ATOM   605  C  CA  . LEU A 1 101 ? -7.388  -4.990  7.312   1.00 18.33 ? 101 LEU A CA  1 
ATOM   606  C  C   . LEU A 1 101 ? -6.051  -5.470  7.870   1.00 26.45 ? 101 LEU A C   1 
ATOM   607  O  O   . LEU A 1 101 ? -5.774  -6.668  8.025   1.00 24.97 ? 101 LEU A O   1 
ATOM   608  C  CB  . LEU A 1 101 ? -7.210  -4.609  5.851   1.00 26.09 ? 101 LEU A CB  1 
ATOM   609  C  CG  . LEU A 1 101 ? -8.450  -4.301  5.005   1.00 21.33 ? 101 LEU A CG  1 
ATOM   610  C  CD1 . LEU A 1 101 ? -8.017  -3.739  3.664   1.00 22.90 ? 101 LEU A CD1 1 
ATOM   611  C  CD2 . LEU A 1 101 ? -9.304  -5.541  4.763   1.00 22.65 ? 101 LEU A CD2 1 
ATOM   612  N  N   . PHE A 1 102 ? -5.172  -4.541  8.213   1.00 20.68 ? 102 PHE A N   1 
ATOM   613  C  CA  . PHE A 1 102 ? -3.896  -4.935  8.859   1.00 16.48 ? 102 PHE A CA  1 
ATOM   614  C  C   . PHE A 1 102 ? -4.217  -5.728  10.136  1.00 13.78 ? 102 PHE A C   1 
ATOM   615  O  O   . PHE A 1 102 ? -3.462  -6.695  10.350  1.00 22.47 ? 102 PHE A O   1 
ATOM   616  C  CB  . PHE A 1 102 ? -3.048  -3.720  9.136   1.00 19.39 ? 102 PHE A CB  1 
ATOM   617  C  CG  . PHE A 1 102 ? -2.269  -3.003  8.051   1.00 14.73 ? 102 PHE A CG  1 
ATOM   618  C  CD1 . PHE A 1 102 ? -1.247  -3.541  7.344   1.00 10.73 ? 102 PHE A CD1 1 
ATOM   619  C  CD2 . PHE A 1 102 ? -2.635  -1.677  7.766   1.00 29.42 ? 102 PHE A CD2 1 
ATOM   620  C  CE1 . PHE A 1 102 ? -0.541  -2.831  6.377   1.00 21.70 ? 102 PHE A CE1 1 
ATOM   621  C  CE2 . PHE A 1 102 ? -1.930  -0.961  6.824   1.00 12.93 ? 102 PHE A CE2 1 
ATOM   622  C  CZ  . PHE A 1 102 ? -0.902  -1.507  6.123   1.00 11.89 ? 102 PHE A CZ  1 
ATOM   623  N  N   . GLN A 1 103 ? -5.225  -5.359  10.873  1.00 14.80 ? 103 GLN A N   1 
ATOM   624  C  CA  . GLN A 1 103 ? -5.828  -5.946  12.031  1.00 20.36 ? 103 GLN A CA  1 
ATOM   625  C  C   . GLN A 1 103 ? -6.364  -7.322  11.645  1.00 29.36 ? 103 GLN A C   1 
ATOM   626  O  O   . GLN A 1 103 ? -6.175  -8.315  12.351  1.00 31.04 ? 103 GLN A O   1 
ATOM   627  C  CB  . GLN A 1 103 ? -6.954  -5.106  12.620  1.00 26.39 ? 103 GLN A CB  1 
ATOM   628  C  CG  . GLN A 1 103 ? -6.521  -3.859  13.388  1.00 20.88 ? 103 GLN A CG  1 
ATOM   629  C  CD  . GLN A 1 103 ? -7.735  -3.046  13.800  1.00 23.41 ? 103 GLN A CD  1 
ATOM   630  O  OE1 . GLN A 1 103 ? -8.861  -3.536  13.750  1.00 43.54 ? 103 GLN A OE1 1 
ATOM   631  N  NE2 . GLN A 1 103 ? -7.530  -1.807  14.220  1.00 47.64 ? 103 GLN A NE2 1 
ATOM   632  N  N   . GLN A 1 104 ? -7.042  -7.442  10.506  1.00 23.77 ? 104 GLN A N   1 
ATOM   633  C  CA  . GLN A 1 104 ? -7.459  -8.814  10.158  1.00 22.58 ? 104 GLN A CA  1 
ATOM   634  C  C   . GLN A 1 104 ? -6.293  -9.682  9.749   1.00 19.82 ? 104 GLN A C   1 
ATOM   635  O  O   . GLN A 1 104 ? -6.248  -10.878 10.082  1.00 35.39 ? 104 GLN A O   1 
ATOM   636  C  CB  . GLN A 1 104 ? -8.463  -8.783  9.012   1.00 26.86 ? 104 GLN A CB  1 
ATOM   637  C  CG  . GLN A 1 104 ? -8.716  -10.170 8.408   1.00 27.28 ? 104 GLN A CG  1 
ATOM   638  C  CD  . GLN A 1 104 ? -10.057 -10.083 7.692   1.00 27.37 ? 104 GLN A CD  1 
ATOM   639  O  OE1 . GLN A 1 104 ? -10.867 -9.234  8.072   1.00 47.04 ? 104 GLN A OE1 1 
ATOM   640  N  NE2 . GLN A 1 104 ? -10.275 -10.900 6.680   1.00 32.33 ? 104 GLN A NE2 1 
ATOM   641  N  N   . ALA A 1 105 ? -5.335  -9.171  8.998   1.00 20.54 ? 105 ALA A N   1 
ATOM   642  C  CA  . ALA A 1 105 ? -4.134  -9.931  8.665   1.00 30.38 ? 105 ALA A CA  1 
ATOM   643  C  C   . ALA A 1 105 ? -3.425  -10.457 9.926   1.00 24.33 ? 105 ALA A C   1 
ATOM   644  O  O   . ALA A 1 105 ? -2.957  -11.594 9.868   1.00 23.12 ? 105 ALA A O   1 
ATOM   645  C  CB  . ALA A 1 105 ? -3.159  -9.092  7.864   1.00 33.15 ? 105 ALA A CB  1 
ATOM   646  N  N   . ASN A 1 106 ? -3.339  -9.668  10.964  1.00 23.00 ? 106 ASN A N   1 
ATOM   647  C  CA  . ASN A 1 106 ? -2.690  -9.898  12.238  1.00 25.01 ? 106 ASN A CA  1 
ATOM   648  C  C   . ASN A 1 106 ? -3.326  -11.110 12.927  1.00 25.83 ? 106 ASN A C   1 
ATOM   649  O  O   . ASN A 1 106 ? -2.657  -12.029 13.397  1.00 27.94 ? 106 ASN A O   1 
ATOM   650  C  CB  . ASN A 1 106 ? -2.796  -8.695  13.181  1.00 18.50 ? 106 ASN A CB  1 
ATOM   651  C  CG  . ASN A 1 106 ? -2.103  -8.987  14.540  1.00 15.13 ? 106 ASN A CG  1 
ATOM   652  O  OD1 . ASN A 1 106 ? -0.955  -9.408  14.433  1.00 24.33 ? 106 ASN A OD1 1 
ATOM   653  N  ND2 . ASN A 1 106 ? -2.866  -8.697  15.576  1.00 17.73 ? 106 ASN A ND2 1 
ATOM   654  N  N   . THR A 1 107 ? -4.646  -11.077 12.962  1.00 24.66 ? 107 THR A N   1 
ATOM   655  C  CA  . THR A 1 107 ? -5.514  -12.030 13.631  1.00 25.48 ? 107 THR A CA  1 
ATOM   656  C  C   . THR A 1 107 ? -5.765  -13.259 12.786  1.00 30.32 ? 107 THR A C   1 
ATOM   657  O  O   . THR A 1 107 ? -5.607  -14.352 13.334  1.00 23.61 ? 107 THR A O   1 
ATOM   658  C  CB  . THR A 1 107 ? -6.867  -11.387 14.010  1.00 20.79 ? 107 THR A CB  1 
ATOM   659  O  OG1 . THR A 1 107 ? -6.626  -10.134 14.676  1.00 29.23 ? 107 THR A OG1 1 
ATOM   660  C  CG2 . THR A 1 107 ? -7.647  -12.252 14.992  1.00 21.44 ? 107 THR A CG2 1 
ATOM   661  N  N   . LYS A 1 108 ? -6.159  -13.172 11.516  1.00 24.73 ? 108 LYS A N   1 
ATOM   662  C  CA  . LYS A 1 108 ? -6.498  -14.396 10.807  1.00 25.28 ? 108 LYS A CA  1 
ATOM   663  C  C   . LYS A 1 108 ? -5.287  -15.267 10.508  1.00 30.73 ? 108 LYS A C   1 
ATOM   664  O  O   . LYS A 1 108 ? -5.394  -16.495 10.425  1.00 21.78 ? 108 LYS A O   1 
ATOM   665  C  CB  . LYS A 1 108 ? -7.200  -14.083 9.473   1.00 27.18 ? 108 LYS A CB  1 
ATOM   666  C  CG  . LYS A 1 108 ? -7.600  -15.355 8.726   1.00 30.43 ? 108 LYS A CG  1 
ATOM   667  C  CD  . LYS A 1 108 ? -8.338  -15.022 7.441   1.00 25.78 ? 108 LYS A CD  1 
ATOM   668  C  CE  . LYS A 1 108 ? -9.718  -14.437 7.745   1.00 30.30 ? 108 LYS A CE  1 
ATOM   669  N  NZ  . LYS A 1 108 ? -10.341 -13.914 6.483   1.00 21.30 ? 108 LYS A NZ  1 
ATOM   670  N  N   . CYS A 1 109 ? -4.127  -14.677 10.317  1.00 18.43 ? 109 CYS A N   1 
ATOM   671  C  CA  . CYS A 1 109 ? -2.905  -15.296 9.906   1.00 21.23 ? 109 CYS A CA  1 
ATOM   672  C  C   . CYS A 1 109 ? -1.725  -14.740 10.719  1.00 31.22 ? 109 CYS A C   1 
ATOM   673  O  O   . CYS A 1 109 ? -0.949  -13.952 10.191  1.00 18.46 ? 109 CYS A O   1 
ATOM   674  C  CB  . CYS A 1 109 ? -2.554  -15.029 8.447   1.00 21.28 ? 109 CYS A CB  1 
ATOM   675  S  SG  . CYS A 1 109 ? -3.835  -15.561 7.281   1.00 24.10 ? 109 CYS A SG  1 
ATOM   676  N  N   . PRO A 1 110 ? -1.611  -15.174 11.951  1.00 27.38 ? 110 PRO A N   1 
ATOM   677  C  CA  . PRO A 1 110 ? -0.692  -14.532 12.900  1.00 32.97 ? 110 PRO A CA  1 
ATOM   678  C  C   . PRO A 1 110 ? 0.772   -14.710 12.551  1.00 24.93 ? 110 PRO A C   1 
ATOM   679  O  O   . PRO A 1 110 ? 1.629   -14.026 13.111  1.00 30.01 ? 110 PRO A O   1 
ATOM   680  C  CB  . PRO A 1 110 ? -1.028  -15.264 14.203  1.00 27.28 ? 110 PRO A CB  1 
ATOM   681  C  CG  . PRO A 1 110 ? -1.492  -16.602 13.756  1.00 43.28 ? 110 PRO A CG  1 
ATOM   682  C  CD  . PRO A 1 110 ? -2.340  -16.309 12.549  1.00 34.71 ? 110 PRO A CD  1 
ATOM   683  N  N   . ASP A 1 111 ? 1.144   -15.582 11.638  1.00 18.44 ? 111 ASP A N   1 
ATOM   684  C  CA  . ASP A 1 111 ? 2.534   -15.902 11.382  1.00 26.35 ? 111 ASP A CA  1 
ATOM   685  C  C   . ASP A 1 111 ? 2.998   -15.455 10.013  1.00 14.97 ? 111 ASP A C   1 
ATOM   686  O  O   . ASP A 1 111 ? 3.987   -15.866 9.424   1.00 20.63 ? 111 ASP A O   1 
ATOM   687  C  CB  . ASP A 1 111 ? 2.758   -17.419 11.527  1.00 47.25 ? 111 ASP A CB  1 
ATOM   688  C  CG  . ASP A 1 111 ? 3.373   -17.775 12.869  1.00 53.90 ? 111 ASP A CG  1 
ATOM   689  O  OD1 . ASP A 1 111 ? 4.425   -17.210 13.240  1.00 73.07 ? 111 ASP A OD1 1 
ATOM   690  O  OD2 . ASP A 1 111 ? 2.807   -18.632 13.571  1.00 50.00 ? 111 ASP A OD2 1 
ATOM   691  N  N   . ALA A 1 112 ? 2.214   -14.563 9.370   1.00 27.34 ? 112 ALA A N   1 
ATOM   692  C  CA  . ALA A 1 112 ? 2.661   -14.100 8.072   1.00 24.16 ? 112 ALA A CA  1 
ATOM   693  C  C   . ALA A 1 112 ? 3.247   -12.624 8.146   1.00 5.55  ? 112 ALA A C   1 
ATOM   694  O  O   . ALA A 1 112 ? 2.740   -12.101 9.106   1.00 13.32 ? 112 ALA A O   1 
ATOM   695  C  CB  . ALA A 1 112 ? 1.534   -14.131 7.065   1.00 63.68 ? 112 ALA A CB  1 
ATOM   696  N  N   . THR A 1 113 ? 4.045   -12.568 7.144   1.00 10.65 ? 113 THR A N   1 
ATOM   697  C  CA  . THR A 1 113 ? 4.729   -11.251 6.983   1.00 17.82 ? 113 THR A CA  1 
ATOM   698  C  C   . THR A 1 113 ? 3.767   -10.283 6.314   1.00 19.38 ? 113 THR A C   1 
ATOM   699  O  O   . THR A 1 113 ? 3.166   -10.660 5.298   1.00 25.85 ? 113 THR A O   1 
ATOM   700  C  CB  . THR A 1 113 ? 5.984   -11.439 6.171   1.00 16.55 ? 113 THR A CB  1 
ATOM   701  O  OG1 . THR A 1 113 ? 6.733   -12.483 6.856   1.00 30.26 ? 113 THR A OG1 1 
ATOM   702  C  CG2 . THR A 1 113 ? 6.823   -10.166 6.167   1.00 23.17 ? 113 THR A CG2 1 
ATOM   703  N  N   . LEU A 1 114 ? 3.610   -9.065  6.800   1.00 21.86 ? 114 LEU A N   1 
ATOM   704  C  CA  . LEU A 1 114 ? 2.746   -8.105  6.045   1.00 12.26 ? 114 LEU A CA  1 
ATOM   705  C  C   . LEU A 1 114 ? 3.617   -7.296  5.114   1.00 19.95 ? 114 LEU A C   1 
ATOM   706  O  O   . LEU A 1 114 ? 4.781   -7.049  5.439   1.00 22.71 ? 114 LEU A O   1 
ATOM   707  C  CB  . LEU A 1 114 ? 1.957   -7.330  7.052   1.00 16.79 ? 114 LEU A CB  1 
ATOM   708  C  CG  . LEU A 1 114 ? 1.234   -8.152  8.132   1.00 16.47 ? 114 LEU A CG  1 
ATOM   709  C  CD1 . LEU A 1 114 ? 0.369   -7.352  9.054   1.00 19.04 ? 114 LEU A CD1 1 
ATOM   710  C  CD2 . LEU A 1 114 ? 0.424   -9.252  7.412   1.00 18.78 ? 114 LEU A CD2 1 
ATOM   711  N  N   . ILE A 1 115 ? 3.072   -6.922  3.966   1.00 18.00 ? 115 ILE A N   1 
ATOM   712  C  CA  . ILE A 1 115 ? 3.767   -5.891  3.143   1.00 19.59 ? 115 ILE A CA  1 
ATOM   713  C  C   . ILE A 1 115 ? 2.700   -4.869  2.750   1.00 19.14 ? 115 ILE A C   1 
ATOM   714  O  O   . ILE A 1 115 ? 1.521   -5.187  2.830   1.00 20.10 ? 115 ILE A O   1 
ATOM   715  C  CB  . ILE A 1 115 ? 4.490   -6.464  1.947   1.00 21.09 ? 115 ILE A CB  1 
ATOM   716  C  CG1 . ILE A 1 115 ? 3.823   -7.695  1.271   1.00 12.80 ? 115 ILE A CG1 1 
ATOM   717  C  CG2 . ILE A 1 115 ? 5.945   -6.790  2.312   1.00 21.06 ? 115 ILE A CG2 1 
ATOM   718  C  CD1 . ILE A 1 115 ? 4.401   -8.041  -0.067  1.00 12.45 ? 115 ILE A CD1 1 
ATOM   719  N  N   . ALA A 1 116 ? 3.023   -3.622  2.357   1.00 19.25 ? 116 ALA A N   1 
ATOM   720  C  CA  . ALA A 1 116 ? 1.955   -2.636  2.106   1.00 19.24 ? 116 ALA A CA  1 
ATOM   721  C  C   . ALA A 1 116 ? 2.341   -1.715  0.966   1.00 11.61 ? 116 ALA A C   1 
ATOM   722  O  O   . ALA A 1 116 ? 3.437   -1.660  0.461   1.00 12.92 ? 116 ALA A O   1 
ATOM   723  C  CB  . ALA A 1 116 ? 1.630   -1.870  3.382   1.00 19.77 ? 116 ALA A CB  1 
ATOM   724  N  N   . GLY A 1 117 ? 1.298   -1.009  0.425   1.00 19.22 ? 117 GLY A N   1 
ATOM   725  C  CA  . GLY A 1 117 ? 1.589   -0.152  -0.728  1.00 19.96 ? 117 GLY A CA  1 
ATOM   726  C  C   . GLY A 1 117 ? 0.455   0.803   -1.003  1.00 13.61 ? 117 GLY A C   1 
ATOM   727  O  O   . GLY A 1 117 ? -0.665  0.715   -0.521  1.00 13.70 ? 117 GLY A O   1 
ATOM   728  N  N   . GLY A 1 118 ? 0.744   1.888   -1.773  1.00 13.52 ? 118 GLY A N   1 
ATOM   729  C  CA  . GLY A 1 118 ? -0.415  2.761   -2.082  1.00 17.47 ? 118 GLY A CA  1 
ATOM   730  C  C   . GLY A 1 118 ? 0.093   3.843   -3.053  1.00 26.74 ? 118 GLY A C   1 
ATOM   731  O  O   . GLY A 1 118 ? 1.286   4.162   -3.071  1.00 12.99 ? 118 GLY A O   1 
ATOM   732  N  N   . TYR A 1 119 ? -0.797  4.338   -3.885  1.00 16.20 ? 119 TYR A N   1 
ATOM   733  C  CA  . TYR A 1 119 ? -0.618  5.296   -4.975  1.00 18.00 ? 119 TYR A CA  1 
ATOM   734  C  C   . TYR A 1 119 ? -1.481  6.523   -4.755  1.00 11.73 ? 119 TYR A C   1 
ATOM   735  O  O   . TYR A 1 119 ? -2.658  6.544   -4.498  1.00 11.03 ? 119 TYR A O   1 
ATOM   736  C  CB  . TYR A 1 119 ? -1.011  4.669   -6.311  1.00 18.35 ? 119 TYR A CB  1 
ATOM   737  C  CG  . TYR A 1 119 ? -1.079  5.597   -7.512  1.00 17.14 ? 119 TYR A CG  1 
ATOM   738  C  CD1 . TYR A 1 119 ? -0.088  6.547   -7.734  1.00 18.27 ? 119 TYR A CD1 1 
ATOM   739  C  CD2 . TYR A 1 119 ? -2.137  5.482   -8.426  1.00 19.30 ? 119 TYR A CD2 1 
ATOM   740  C  CE1 . TYR A 1 119 ? -0.139  7.394   -8.830  1.00 16.78 ? 119 TYR A CE1 1 
ATOM   741  C  CE2 . TYR A 1 119 ? -2.180  6.329   -9.526  1.00 13.13 ? 119 TYR A CE2 1 
ATOM   742  C  CZ  . TYR A 1 119 ? -1.187  7.250   -9.704  1.00 11.90 ? 119 TYR A CZ  1 
ATOM   743  O  OH  . TYR A 1 119 ? -1.204  8.123   -10.801 1.00 16.59 ? 119 TYR A OH  1 
ATOM   744  N  N   . SER A 1 120 ? -0.755  7.683   -4.807  1.00 17.41 ? 120 SER A N   1 
ATOM   745  C  CA  . SER A 1 120 ? -1.411  8.990   -4.680  1.00 12.82 ? 120 SER A CA  1 
ATOM   746  C  C   . SER A 1 120 ? -2.190  9.069   -3.400  1.00 17.14 ? 120 SER A C   1 
ATOM   747  O  O   . SER A 1 120 ? -1.610  8.912   -2.283  1.00 12.62 ? 120 SER A O   1 
ATOM   748  C  CB  . SER A 1 120 ? -2.263  9.168   -5.950  1.00 11.84 ? 120 SER A CB  1 
ATOM   749  O  OG  . SER A 1 120 ? -2.635  10.531  -6.094  1.00 14.58 ? 120 SER A OG  1 
ATOM   750  N  N   . GLN A 1 121 ? -3.524  9.226   -3.418  1.00 10.37 ? 121 GLN A N   1 
ATOM   751  C  CA  . GLN A 1 121 ? -4.279  9.235   -2.190  1.00 11.82 ? 121 GLN A CA  1 
ATOM   752  C  C   . GLN A 1 121 ? -4.055  7.929   -1.380  1.00 11.23 ? 121 GLN A C   1 
ATOM   753  O  O   . GLN A 1 121 ? -4.105  7.994   -0.153  1.00 12.21 ? 121 GLN A O   1 
ATOM   754  C  CB  . GLN A 1 121 ? -5.800  9.405   -2.441  1.00 9.65  ? 121 GLN A CB  1 
ATOM   755  C  CG  . GLN A 1 121 ? -6.586  9.581   -1.205  1.00 11.36 ? 121 GLN A CG  1 
ATOM   756  C  CD  . GLN A 1 121 ? -8.086  9.685   -1.224  1.00 6.87  ? 121 GLN A CD  1 
ATOM   757  O  OE1 . GLN A 1 121 ? -8.824  9.764   -0.301  1.00 10.46 ? 121 GLN A OE1 1 
ATOM   758  N  NE2 . GLN A 1 121 ? -8.570  9.811   -2.479  1.00 13.25 ? 121 GLN A NE2 1 
ATOM   759  N  N   . GLY A 1 122 ? -3.793  6.897   -2.097  1.00 12.45 ? 122 GLY A N   1 
ATOM   760  C  CA  . GLY A 1 122 ? -3.633  5.566   -1.478  1.00 16.41 ? 122 GLY A CA  1 
ATOM   761  C  C   . GLY A 1 122 ? -2.316  5.531   -0.700  1.00 19.39 ? 122 GLY A C   1 
ATOM   762  O  O   . GLY A 1 122 ? -2.255  4.778   0.269   1.00 12.07 ? 122 GLY A O   1 
ATOM   763  N  N   . ALA A 1 123 ? -1.345  6.301   -1.138  1.00 15.49 ? 123 ALA A N   1 
ATOM   764  C  CA  . ALA A 1 123 ? -0.045  6.501   -0.525  1.00 26.23 ? 123 ALA A CA  1 
ATOM   765  C  C   . ALA A 1 123 ? -0.272  7.262   0.767   1.00 22.69 ? 123 ALA A C   1 
ATOM   766  O  O   . ALA A 1 123 ? 0.249   6.870   1.819   1.00 13.77 ? 123 ALA A O   1 
ATOM   767  C  CB  . ALA A 1 123 ? 0.938   7.265   -1.412  1.00 11.27 ? 123 ALA A CB  1 
ATOM   768  N  N   . ALA A 1 124 ? -1.067  8.319   0.720   1.00 10.11 ? 124 ALA A N   1 
ATOM   769  C  CA  . ALA A 1 124 ? -1.483  9.052   1.881   1.00 12.43 ? 124 ALA A CA  1 
ATOM   770  C  C   . ALA A 1 124 ? -2.199  8.158   2.891   1.00 22.28 ? 124 ALA A C   1 
ATOM   771  O  O   . ALA A 1 124 ? -2.001  8.292   4.087   1.00 19.16 ? 124 ALA A O   1 
ATOM   772  C  CB  . ALA A 1 124 ? -2.396  10.224  1.492   1.00 16.65 ? 124 ALA A CB  1 
ATOM   773  N  N   . LEU A 1 125 ? -3.070  7.290   2.347   1.00 15.40 ? 125 LEU A N   1 
ATOM   774  C  CA  . LEU A 1 125 ? -3.790  6.311   3.153   1.00 18.14 ? 125 LEU A CA  1 
ATOM   775  C  C   . LEU A 1 125 ? -2.820  5.220   3.757   1.00 3.91  ? 125 LEU A C   1 
ATOM   776  O  O   . LEU A 1 125 ? -3.134  5.161   4.918   1.00 13.15 ? 125 LEU A O   1 
ATOM   777  C  CB  . LEU A 1 125 ? -4.875  5.629   2.322   1.00 13.86 ? 125 LEU A CB  1 
ATOM   778  C  CG  . LEU A 1 125 ? -5.749  4.591   3.033   1.00 13.59 ? 125 LEU A CG  1 
ATOM   779  C  CD1 . LEU A 1 125 ? -6.469  5.118   4.236   1.00 15.69 ? 125 LEU A CD1 1 
ATOM   780  C  CD2 . LEU A 1 125 ? -6.784  4.069   2.025   1.00 17.04 ? 125 LEU A CD2 1 
ATOM   781  N  N   . ALA A 1 126 ? -1.962  4.772   2.984   1.00 6.90  ? 126 ALA A N   1 
ATOM   782  C  CA  . ALA A 1 126 ? -0.970  3.789   3.567   1.00 9.73  ? 126 ALA A CA  1 
ATOM   783  C  C   . ALA A 1 126 ? -0.223  4.440   4.726   1.00 23.20 ? 126 ALA A C   1 
ATOM   784  O  O   . ALA A 1 126 ? -0.038  3.910   5.835   1.00 17.30 ? 126 ALA A O   1 
ATOM   785  C  CB  . ALA A 1 126 ? -0.096  3.325   2.481   1.00 11.54 ? 126 ALA A CB  1 
ATOM   786  N  N   . ALA A 1 127 ? 0.272   5.666   4.493   1.00 17.01 ? 127 ALA A N   1 
ATOM   787  C  CA  . ALA A 1 127 ? 1.078   6.349   5.510   1.00 21.53 ? 127 ALA A CA  1 
ATOM   788  C  C   . ALA A 1 127 ? 0.351   6.538   6.815   1.00 18.40 ? 127 ALA A C   1 
ATOM   789  O  O   . ALA A 1 127 ? 0.793   6.273   7.938   1.00 20.36 ? 127 ALA A O   1 
ATOM   790  C  CB  . ALA A 1 127 ? 1.461   7.739   4.974   1.00 14.66 ? 127 ALA A CB  1 
ATOM   791  N  N   . ALA A 1 128 ? -0.848  7.068   6.725   1.00 12.80 ? 128 ALA A N   1 
ATOM   792  C  CA  . ALA A 1 128 ? -1.625  7.407   7.892   1.00 17.70 ? 128 ALA A CA  1 
ATOM   793  C  C   . ALA A 1 128 ? -1.995  6.153   8.683   1.00 20.04 ? 128 ALA A C   1 
ATOM   794  O  O   . ALA A 1 128 ? -1.988  6.134   9.908   1.00 20.78 ? 128 ALA A O   1 
ATOM   795  C  CB  . ALA A 1 128 ? -2.892  8.158   7.510   1.00 30.88 ? 128 ALA A CB  1 
ATOM   796  N  N   . SER A 1 129 ? -2.388  5.118   7.936   1.00 23.56 ? 129 SER A N   1 
ATOM   797  C  CA  . SER A 1 129 ? -2.819  3.845   8.542   1.00 19.12 ? 129 SER A CA  1 
ATOM   798  C  C   . SER A 1 129 ? -1.678  3.218   9.341   1.00 21.17 ? 129 SER A C   1 
ATOM   799  O  O   . SER A 1 129 ? -1.891  2.814   10.476  1.00 28.54 ? 129 SER A O   1 
ATOM   800  C  CB  . SER A 1 129 ? -3.378  2.909   7.454   1.00 18.22 ? 129 SER A CB  1 
ATOM   801  O  OG  . SER A 1 129 ? -4.488  3.625   6.860   1.00 19.08 ? 129 SER A OG  1 
ATOM   802  N  N   . ILE A 1 130 ? -0.514  3.193   8.749   1.00 17.60 ? 130 ILE A N   1 
ATOM   803  C  CA  . ILE A 1 130 ? 0.688   2.597   9.357   1.00 15.76 ? 130 ILE A CA  1 
ATOM   804  C  C   . ILE A 1 130 ? 1.172   3.468   10.497  1.00 28.87 ? 130 ILE A C   1 
ATOM   805  O  O   . ILE A 1 130 ? 1.700   3.051   11.542  1.00 24.28 ? 130 ILE A O   1 
ATOM   806  C  CB  . ILE A 1 130 ? 1.742   2.382   8.286   1.00 15.38 ? 130 ILE A CB  1 
ATOM   807  C  CG1 . ILE A 1 130 ? 1.288   1.420   7.164   1.00 18.50 ? 130 ILE A CG1 1 
ATOM   808  C  CG2 . ILE A 1 130 ? 3.074   1.898   8.860   1.00 22.58 ? 130 ILE A CG2 1 
ATOM   809  C  CD1 . ILE A 1 130 ? 2.316   1.317   6.058   1.00 17.92 ? 130 ILE A CD1 1 
ATOM   810  N  N   . GLU A 1 131 ? 0.982   4.794   10.384  1.00 18.87 ? 131 GLU A N   1 
ATOM   811  C  CA  . GLU A 1 131 ? 1.433   5.595   11.526  1.00 27.81 ? 131 GLU A CA  1 
ATOM   812  C  C   . GLU A 1 131 ? 0.586   5.320   12.765  1.00 31.17 ? 131 GLU A C   1 
ATOM   813  O  O   . GLU A 1 131 ? 1.028   5.519   13.908  1.00 22.21 ? 131 GLU A O   1 
ATOM   814  C  CB  . GLU A 1 131 ? 1.387   7.092   11.182  1.00 28.08 ? 131 GLU A CB  1 
ATOM   815  C  CG  . GLU A 1 131 ? 1.194   7.979   12.409  1.00 21.83 ? 131 GLU A CG  1 
ATOM   816  C  CD  . GLU A 1 131 ? 0.487   9.287   12.107  1.00 39.23 ? 131 GLU A CD  1 
ATOM   817  O  OE1 . GLU A 1 131 ? 0.653   9.862   11.005  1.00 37.93 ? 131 GLU A OE1 1 
ATOM   818  O  OE2 . GLU A 1 131 ? -0.265  9.786   12.978  1.00 50.33 ? 131 GLU A OE2 1 
ATOM   819  N  N   . ASP A 1 132 ? -0.641  4.868   12.517  1.00 25.30 ? 132 ASP A N   1 
ATOM   820  C  CA  . ASP A 1 132 ? -1.709  4.763   13.476  1.00 20.99 ? 132 ASP A CA  1 
ATOM   821  C  C   . ASP A 1 132 ? -1.734  3.350   14.111  1.00 19.65 ? 132 ASP A C   1 
ATOM   822  O  O   . ASP A 1 132 ? -2.292  3.216   15.211  1.00 25.48 ? 132 ASP A O   1 
ATOM   823  C  CB  . ASP A 1 132 ? -3.072  5.070   12.872  1.00 23.44 ? 132 ASP A CB  1 
ATOM   824  C  CG  . ASP A 1 132 ? -3.462  6.525   12.881  1.00 32.49 ? 132 ASP A CG  1 
ATOM   825  O  OD1 . ASP A 1 132 ? -2.568  7.389   13.056  1.00 28.56 ? 132 ASP A OD1 1 
ATOM   826  O  OD2 . ASP A 1 132 ? -4.674  6.795   12.715  1.00 32.48 ? 132 ASP A OD2 1 
ATOM   827  N  N   . LEU A 1 133 ? -1.140  2.464   13.351  1.00 20.64 ? 133 LEU A N   1 
ATOM   828  C  CA  . LEU A 1 133 ? -1.196  1.026   13.631  1.00 31.51 ? 133 LEU A CA  1 
ATOM   829  C  C   . LEU A 1 133 ? -0.583  0.624   14.962  1.00 38.37 ? 133 LEU A C   1 
ATOM   830  O  O   . LEU A 1 133 ? 0.420   1.212   15.346  1.00 29.67 ? 133 LEU A O   1 
ATOM   831  C  CB  . LEU A 1 133 ? -0.440  0.307   12.517  1.00 31.00 ? 133 LEU A CB  1 
ATOM   832  C  CG  . LEU A 1 133 ? -1.045  -0.959  11.920  1.00 17.82 ? 133 LEU A CG  1 
ATOM   833  C  CD1 . LEU A 1 133 ? 0.025   -1.776  11.248  1.00 15.31 ? 133 LEU A CD1 1 
ATOM   834  C  CD2 . LEU A 1 133 ? -1.822  -1.768  12.951  1.00 34.14 ? 133 LEU A CD2 1 
ATOM   835  N  N   . ASP A 1 134 ? -1.125  -0.374  15.677  1.00 34.53 ? 134 ASP A N   1 
ATOM   836  C  CA  . ASP A 1 134 ? -0.379  -0.821  16.863  1.00 28.76 ? 134 ASP A CA  1 
ATOM   837  C  C   . ASP A 1 134 ? 1.011   -1.282  16.463  1.00 26.17 ? 134 ASP A C   1 
ATOM   838  O  O   . ASP A 1 134 ? 1.295   -1.939  15.457  1.00 26.63 ? 134 ASP A O   1 
ATOM   839  C  CB  . ASP A 1 134 ? -1.162  -1.906  17.602  1.00 39.65 ? 134 ASP A CB  1 
ATOM   840  C  CG  . ASP A 1 134 ? -0.360  -2.554  18.719  1.00 49.01 ? 134 ASP A CG  1 
ATOM   841  O  OD1 . ASP A 1 134 ? 0.355   -3.548  18.455  1.00 37.70 ? 134 ASP A OD1 1 
ATOM   842  O  OD2 . ASP A 1 134 ? -0.459  -2.060  19.863  1.00 48.56 ? 134 ASP A OD2 1 
ATOM   843  N  N   . SER A 1 135 ? 1.992   -0.899  17.309  1.00 32.47 ? 135 SER A N   1 
ATOM   844  C  CA  . SER A 1 135 ? 3.413   -1.073  17.017  1.00 21.96 ? 135 SER A CA  1 
ATOM   845  C  C   . SER A 1 135 ? 3.764   -2.497  16.653  1.00 12.45 ? 135 SER A C   1 
ATOM   846  O  O   . SER A 1 135 ? 4.581   -2.899  15.837  1.00 16.26 ? 135 SER A O   1 
ATOM   847  C  CB  . SER A 1 135 ? 4.258   -0.577  18.211  1.00 20.58 ? 135 SER A CB  1 
ATOM   848  O  OG  . SER A 1 135 ? 3.881   -1.244  19.407  1.00 35.93 ? 135 SER A OG  1 
ATOM   849  N  N   . ALA A 1 136 ? 3.014   -3.377  17.333  1.00 27.12 ? 136 ALA A N   1 
ATOM   850  C  CA  . ALA A 1 136 ? 3.212   -4.820  17.208  1.00 31.36 ? 136 ALA A CA  1 
ATOM   851  C  C   . ALA A 1 136 ? 2.858   -5.337  15.828  1.00 16.98 ? 136 ALA A C   1 
ATOM   852  O  O   . ALA A 1 136 ? 3.544   -6.109  15.162  1.00 21.92 ? 136 ALA A O   1 
ATOM   853  C  CB  . ALA A 1 136 ? 2.358   -5.532  18.259  1.00 23.48 ? 136 ALA A CB  1 
ATOM   854  N  N   . ILE A 1 137 ? 1.723   -4.846  15.331  1.00 24.63 ? 137 ILE A N   1 
ATOM   855  C  CA  . ILE A 1 137 ? 1.270   -5.193  13.989  1.00 19.11 ? 137 ILE A CA  1 
ATOM   856  C  C   . ILE A 1 137 ? 2.158   -4.520  12.944  1.00 10.07 ? 137 ILE A C   1 
ATOM   857  O  O   . ILE A 1 137 ? 2.680   -5.028  12.001  1.00 12.67 ? 137 ILE A O   1 
ATOM   858  C  CB  . ILE A 1 137 ? -0.216  -4.853  13.847  1.00 15.84 ? 137 ILE A CB  1 
ATOM   859  C  CG1 . ILE A 1 137 ? -1.176  -5.633  14.779  1.00 17.06 ? 137 ILE A CG1 1 
ATOM   860  C  CG2 . ILE A 1 137 ? -0.640  -5.048  12.397  1.00 47.60 ? 137 ILE A CG2 1 
ATOM   861  C  CD1 . ILE A 1 137 ? -2.606  -5.120  14.758  1.00 21.12 ? 137 ILE A CD1 1 
ATOM   862  N  N   . ARG A 1 138 ? 2.427   -3.222  13.243  1.00 27.02 ? 138 ARG A N   1 
ATOM   863  C  CA  . ARG A 1 138 ? 3.356   -2.494  12.366  1.00 18.33 ? 138 ARG A CA  1 
ATOM   864  C  C   . ARG A 1 138 ? 4.711   -3.121  12.212  1.00 11.73 ? 138 ARG A C   1 
ATOM   865  O  O   . ARG A 1 138 ? 5.483   -3.221  11.265  1.00 19.54 ? 138 ARG A O   1 
ATOM   866  C  CB  . ARG A 1 138 ? 3.452   -1.046  12.907  1.00 19.44 ? 138 ARG A CB  1 
ATOM   867  C  CG  . ARG A 1 138 ? 4.253   -0.191  11.941  1.00 25.34 ? 138 ARG A CG  1 
ATOM   868  C  CD  . ARG A 1 138 ? 4.520   1.218   12.428  1.00 17.24 ? 138 ARG A CD  1 
ATOM   869  N  NE  . ARG A 1 138 ? 4.523   1.417   13.830  1.00 23.45 ? 138 ARG A NE  1 
ATOM   870  C  CZ  . ARG A 1 138 ? 3.829   2.122   14.690  1.00 31.78 ? 138 ARG A CZ  1 
ATOM   871  N  NH1 . ARG A 1 138 ? 2.803   2.929   14.442  1.00 28.32 ? 138 ARG A NH1 1 
ATOM   872  N  NH2 . ARG A 1 138 ? 4.225   1.983   15.958  1.00 29.51 ? 138 ARG A NH2 1 
ATOM   873  N  N   . ASP A 1 139 ? 5.267   -3.683  13.308  1.00 21.81 ? 139 ASP A N   1 
ATOM   874  C  CA  . ASP A 1 139 ? 6.515   -4.443  13.292  1.00 20.06 ? 139 ASP A CA  1 
ATOM   875  C  C   . ASP A 1 139 ? 6.629   -5.555  12.266  1.00 5.82  ? 139 ASP A C   1 
ATOM   876  O  O   . ASP A 1 139 ? 7.506   -5.958  11.578  1.00 12.06 ? 139 ASP A O   1 
ATOM   877  C  CB  . ASP A 1 139 ? 6.706   -5.109  14.667  1.00 37.86 ? 139 ASP A CB  1 
ATOM   878  C  CG  . ASP A 1 139 ? 7.189   -4.189  15.763  1.00 42.20 ? 139 ASP A CG  1 
ATOM   879  O  OD1 . ASP A 1 139 ? 7.509   -3.030  15.453  1.00 44.27 ? 139 ASP A OD1 1 
ATOM   880  O  OD2 . ASP A 1 139 ? 7.221   -4.629  16.935  1.00 31.71 ? 139 ASP A OD2 1 
ATOM   881  N  N   . LYS A 1 140 ? 5.409   -6.164  12.018  1.00 21.83 ? 140 LYS A N   1 
ATOM   882  C  CA  . LYS A 1 140 ? 5.216   -7.171  11.005  1.00 24.71 ? 140 LYS A CA  1 
ATOM   883  C  C   . LYS A 1 140 ? 5.161   -6.720  9.547   1.00 23.64 ? 140 LYS A C   1 
ATOM   884  O  O   . LYS A 1 140 ? 5.137   -7.553  8.629   1.00 19.48 ? 140 LYS A O   1 
ATOM   885  C  CB  . LYS A 1 140 ? 3.834   -7.840  11.175  1.00 26.29 ? 140 LYS A CB  1 
ATOM   886  C  CG  . LYS A 1 140 ? 3.730   -8.771  12.379  1.00 22.69 ? 140 LYS A CG  1 
ATOM   887  C  CD  . LYS A 1 140 ? 2.310   -9.299  12.408  1.00 20.87 ? 140 LYS A CD  1 
ATOM   888  C  CE  . LYS A 1 140 ? 1.783   -9.567  13.804  1.00 26.92 ? 140 LYS A CE  1 
ATOM   889  N  NZ  . LYS A 1 140 ? 1.101   -10.903 13.894  1.00 35.70 ? 140 LYS A NZ  1 
ATOM   890  N  N   . ILE A 1 141 ? 5.104   -5.405  9.317   1.00 27.99 ? 141 ILE A N   1 
ATOM   891  C  CA  . ILE A 1 141 ? 5.138   -4.929  7.932   1.00 24.89 ? 141 ILE A CA  1 
ATOM   892  C  C   . ILE A 1 141 ? 6.587   -4.745  7.488   1.00 17.48 ? 141 ILE A C   1 
ATOM   893  O  O   . ILE A 1 141 ? 7.231   -3.737  7.864   1.00 24.09 ? 141 ILE A O   1 
ATOM   894  C  CB  . ILE A 1 141 ? 4.314   -3.629  7.748   1.00 15.06 ? 141 ILE A CB  1 
ATOM   895  C  CG1 . ILE A 1 141 ? 2.901   -3.653  8.279   1.00 15.80 ? 141 ILE A CG1 1 
ATOM   896  C  CG2 . ILE A 1 141 ? 4.353   -3.298  6.260   1.00 24.96 ? 141 ILE A CG2 1 
ATOM   897  C  CD1 . ILE A 1 141 ? 2.273   -2.321  8.678   1.00 19.20 ? 141 ILE A CD1 1 
ATOM   898  N  N   . ALA A 1 142 ? 7.117   -5.688  6.719   1.00 16.51 ? 142 ALA A N   1 
ATOM   899  C  CA  . ALA A 1 142 ? 8.459   -5.815  6.259   1.00 13.74 ? 142 ALA A CA  1 
ATOM   900  C  C   . ALA A 1 142 ? 8.912   -4.703  5.324   1.00 14.52 ? 142 ALA A C   1 
ATOM   901  O  O   . ALA A 1 142 ? 10.068  -4.309  5.249   1.00 23.74 ? 142 ALA A O   1 
ATOM   902  C  CB  . ALA A 1 142 ? 8.728   -7.138  5.531   1.00 25.81 ? 142 ALA A CB  1 
ATOM   903  N  N   . GLY A 1 143 ? 7.987   -4.221  4.491   1.00 19.60 ? 143 GLY A N   1 
ATOM   904  C  CA  . GLY A 1 143 ? 8.352   -3.276  3.433   1.00 15.52 ? 143 GLY A CA  1 
ATOM   905  C  C   . GLY A 1 143 ? 7.127   -2.493  3.014   1.00 24.68 ? 143 GLY A C   1 
ATOM   906  O  O   . GLY A 1 143 ? 6.052   -3.076  3.116   1.00 17.35 ? 143 GLY A O   1 
ATOM   907  N  N   . THR A 1 144 ? 7.307   -1.244  2.576   1.00 26.49 ? 144 THR A N   1 
ATOM   908  C  CA  . THR A 1 144 ? 6.128   -0.450  2.180   1.00 20.81 ? 144 THR A CA  1 
ATOM   909  C  C   . THR A 1 144 ? 6.490   0.367   0.937   1.00 22.79 ? 144 THR A C   1 
ATOM   910  O  O   . THR A 1 144 ? 7.526   1.028   0.981   1.00 23.49 ? 144 THR A O   1 
ATOM   911  C  CB  . THR A 1 144 ? 5.579   0.414   3.291   1.00 13.87 ? 144 THR A CB  1 
ATOM   912  O  OG1 . THR A 1 144 ? 4.899   -0.328  4.315   1.00 15.68 ? 144 THR A OG1 1 
ATOM   913  C  CG2 . THR A 1 144 ? 4.449   1.336   2.790   1.00 19.23 ? 144 THR A CG2 1 
ATOM   914  N  N   . VAL A 1 145 ? 5.666   0.288   -0.125  1.00 15.98 ? 145 VAL A N   1 
ATOM   915  C  CA  . VAL A 1 145 ? 6.054   1.071   -1.318  1.00 17.17 ? 145 VAL A CA  1 
ATOM   916  C  C   . VAL A 1 145 ? 4.998   2.167   -1.492  1.00 21.27 ? 145 VAL A C   1 
ATOM   917  O  O   . VAL A 1 145 ? 3.810   1.932   -1.320  1.00 20.15 ? 145 VAL A O   1 
ATOM   918  C  CB  . VAL A 1 145 ? 6.227   0.259   -2.590  1.00 18.69 ? 145 VAL A CB  1 
ATOM   919  C  CG1 . VAL A 1 145 ? 7.431   -0.692  -2.518  1.00 18.51 ? 145 VAL A CG1 1 
ATOM   920  C  CG2 . VAL A 1 145 ? 4.976   -0.557  -2.927  1.00 15.88 ? 145 VAL A CG2 1 
ATOM   921  N  N   . LEU A 1 146 ? 5.449   3.404   -1.759  1.00 16.59 ? 146 LEU A N   1 
ATOM   922  C  CA  . LEU A 1 146 ? 4.552   4.539   -1.937  1.00 16.80 ? 146 LEU A CA  1 
ATOM   923  C  C   . LEU A 1 146 ? 4.817   5.044   -3.340  1.00 11.39 ? 146 LEU A C   1 
ATOM   924  O  O   . LEU A 1 146 ? 5.937   5.038   -3.882  1.00 15.02 ? 146 LEU A O   1 
ATOM   925  C  CB  . LEU A 1 146 ? 4.761   5.616   -0.874  1.00 11.43 ? 146 LEU A CB  1 
ATOM   926  C  CG  . LEU A 1 146 ? 4.446   5.187   0.563   1.00 18.55 ? 146 LEU A CG  1 
ATOM   927  C  CD1 . LEU A 1 146 ? 4.572   6.387   1.488   1.00 47.82 ? 146 LEU A CD1 1 
ATOM   928  C  CD2 . LEU A 1 146 ? 3.067   4.564   0.712   1.00 13.71 ? 146 LEU A CD2 1 
ATOM   929  N  N   . PHE A 1 147 ? 3.781   5.375   -4.104  1.00 16.09 ? 147 PHE A N   1 
ATOM   930  C  CA  . PHE A 1 147 ? 4.046   5.865   -5.456  1.00 15.40 ? 147 PHE A CA  1 
ATOM   931  C  C   . PHE A 1 147 ? 3.261   7.173   -5.502  1.00 14.17 ? 147 PHE A C   1 
ATOM   932  O  O   . PHE A 1 147 ? 2.101   7.175   -5.162  1.00 15.33 ? 147 PHE A O   1 
ATOM   933  C  CB  . PHE A 1 147 ? 3.524   5.039   -6.629  1.00 16.95 ? 147 PHE A CB  1 
ATOM   934  C  CG  . PHE A 1 147 ? 3.922   3.559   -6.670  1.00 10.28 ? 147 PHE A CG  1 
ATOM   935  C  CD1 . PHE A 1 147 ? 3.135   2.747   -5.869  1.00 9.32  ? 147 PHE A CD1 1 
ATOM   936  C  CD2 . PHE A 1 147 ? 4.943   3.111   -7.453  1.00 9.74  ? 147 PHE A CD2 1 
ATOM   937  C  CE1 . PHE A 1 147 ? 3.443   1.383   -5.891  1.00 13.36 ? 147 PHE A CE1 1 
ATOM   938  C  CE2 . PHE A 1 147 ? 5.260   1.757   -7.447  1.00 21.02 ? 147 PHE A CE2 1 
ATOM   939  C  CZ  . PHE A 1 147 ? 4.499   0.915   -6.646  1.00 12.05 ? 147 PHE A CZ  1 
ATOM   940  N  N   . GLY A 1 148 ? 3.928   8.283   -5.878  1.00 12.31 ? 148 GLY A N   1 
ATOM   941  C  CA  . GLY A 1 148 ? 3.121   9.475   -6.018  1.00 10.25 ? 148 GLY A CA  1 
ATOM   942  C  C   . GLY A 1 148 ? 2.416   9.919   -4.859  1.00 4.17  ? 148 GLY A C   1 
ATOM   943  O  O   . GLY A 1 148 ? 1.409   10.313  -4.419  1.00 7.77  ? 148 GLY A O   1 
ATOM   944  N  N   . TYR A 1 149 ? 3.383   9.973   -3.751  1.00 12.87 ? 149 TYR A N   1 
ATOM   945  C  CA  . TYR A 1 149 ? 3.021   10.156  -2.409  1.00 9.69  ? 149 TYR A CA  1 
ATOM   946  C  C   . TYR A 1 149 ? 2.653   11.592  -2.045  1.00 16.45 ? 149 TYR A C   1 
ATOM   947  O  O   . TYR A 1 149 ? 3.556   12.485  -2.093  1.00 13.44 ? 149 TYR A O   1 
ATOM   948  C  CB  . TYR A 1 149 ? 4.251   9.749   -1.538  1.00 14.69 ? 149 TYR A CB  1 
ATOM   949  C  CG  . TYR A 1 149 ? 4.237   9.798   -0.043  1.00 12.61 ? 149 TYR A CG  1 
ATOM   950  C  CD1 . TYR A 1 149 ? 3.124   9.825   0.729   1.00 11.26 ? 149 TYR A CD1 1 
ATOM   951  C  CD2 . TYR A 1 149 ? 5.483   9.849   0.657   1.00 15.93 ? 149 TYR A CD2 1 
ATOM   952  C  CE1 . TYR A 1 149 ? 3.025   9.887   2.100   1.00 20.08 ? 149 TYR A CE1 1 
ATOM   953  C  CE2 . TYR A 1 149 ? 5.342   9.895   2.016   1.00 9.11  ? 149 TYR A CE2 1 
ATOM   954  C  CZ  . TYR A 1 149 ? 4.277   9.930   2.788   1.00 8.45  ? 149 TYR A CZ  1 
ATOM   955  O  OH  . TYR A 1 149 ? 4.113   9.944   4.153   1.00 15.96 ? 149 TYR A OH  1 
ATOM   956  N  N   . THR A 1 150 ? 1.443   11.954  -1.742  1.00 11.63 ? 150 THR A N   1 
ATOM   957  C  CA  . THR A 1 150 ? 0.882   13.267  -1.747  1.00 13.43 ? 150 THR A CA  1 
ATOM   958  C  C   . THR A 1 150 ? 1.349   14.060  -0.523  1.00 19.50 ? 150 THR A C   1 
ATOM   959  O  O   . THR A 1 150 ? 1.241   15.279  -0.474  1.00 22.10 ? 150 THR A O   1 
ATOM   960  C  CB  . THR A 1 150 ? -0.651  13.272  -1.805  1.00 22.00 ? 150 THR A CB  1 
ATOM   961  O  OG1 . THR A 1 150 ? -1.133  12.409  -0.789  1.00 15.42 ? 150 THR A OG1 1 
ATOM   962  C  CG2 . THR A 1 150 ? -1.032  12.711  -3.171  1.00 14.05 ? 150 THR A CG2 1 
ATOM   963  N  N   . LYS A 1 151 ? 1.884   13.324  0.448   1.00 10.99 ? 151 LYS A N   1 
ATOM   964  C  CA  . LYS A 1 151 ? 2.413   13.936  1.670   1.00 18.64 ? 151 LYS A CA  1 
ATOM   965  C  C   . LYS A 1 151 ? 3.922   13.744  1.753   1.00 10.91 ? 151 LYS A C   1 
ATOM   966  O  O   . LYS A 1 151 ? 4.412   13.888  2.884   1.00 20.32 ? 151 LYS A O   1 
ATOM   967  C  CB  . LYS A 1 151 ? 1.746   13.370  2.915   1.00 15.28 ? 151 LYS A CB  1 
ATOM   968  C  CG  . LYS A 1 151 ? 0.325   13.757  3.188   1.00 17.65 ? 151 LYS A CG  1 
ATOM   969  C  CD  . LYS A 1 151 ? 0.073   15.229  2.889   1.00 13.40 ? 151 LYS A CD  1 
ATOM   970  C  CE  . LYS A 1 151 ? -1.375  15.626  3.075   1.00 30.42 ? 151 LYS A CE  1 
ATOM   971  N  NZ  . LYS A 1 151 ? -1.613  17.087  2.855   1.00 14.78 ? 151 LYS A NZ  1 
ATOM   972  N  N   . ASN A 1 152 ? 4.600   13.435  0.694   1.00 9.88  ? 152 ASN A N   1 
ATOM   973  C  CA  . ASN A 1 152 ? 6.010   13.248  0.463   1.00 10.75 ? 152 ASN A CA  1 
ATOM   974  C  C   . ASN A 1 152 ? 6.708   14.448  1.170   1.00 30.36 ? 152 ASN A C   1 
ATOM   975  O  O   . ASN A 1 152 ? 7.565   14.232  2.042   1.00 18.94 ? 152 ASN A O   1 
ATOM   976  C  CB  . ASN A 1 152 ? 6.505   13.081  -0.934  1.00 13.20 ? 152 ASN A CB  1 
ATOM   977  C  CG  . ASN A 1 152 ? 8.004   12.939  -1.060  1.00 23.76 ? 152 ASN A CG  1 
ATOM   978  O  OD1 . ASN A 1 152 ? 8.631   13.756  -1.733  1.00 19.88 ? 152 ASN A OD1 1 
ATOM   979  N  ND2 . ASN A 1 152 ? 8.629   11.937  -0.438  1.00 13.56 ? 152 ASN A ND2 1 
ATOM   980  N  N   . LEU A 1 153 ? 6.329   15.668  0.838   1.00 24.21 ? 153 LEU A N   1 
ATOM   981  C  CA  . LEU A 1 153 ? 7.000   16.854  1.397   1.00 25.49 ? 153 LEU A CA  1 
ATOM   982  C  C   . LEU A 1 153 ? 6.649   17.105  2.846   1.00 26.18 ? 153 LEU A C   1 
ATOM   983  O  O   . LEU A 1 153 ? 7.466   17.412  3.743   1.00 24.90 ? 153 LEU A O   1 
ATOM   984  C  CB  . LEU A 1 153 ? 6.632   18.106  0.576   1.00 27.34 ? 153 LEU A CB  1 
ATOM   985  C  CG  . LEU A 1 153 ? 7.134   19.398  1.259   1.00 27.08 ? 153 LEU A CG  1 
ATOM   986  C  CD1 . LEU A 1 153 ? 8.661   19.379  1.273   1.00 18.40 ? 153 LEU A CD1 1 
ATOM   987  C  CD2 . LEU A 1 153 ? 6.541   20.611  0.594   1.00 36.87 ? 153 LEU A CD2 1 
ATOM   988  N  N   . GLN A 1 154 ? 5.362   17.012  3.113   1.00 18.53 ? 154 GLN A N   1 
ATOM   989  C  CA  . GLN A 1 154 ? 4.819   17.258  4.430   1.00 31.48 ? 154 GLN A CA  1 
ATOM   990  C  C   . GLN A 1 154 ? 5.447   16.293  5.445   1.00 33.15 ? 154 GLN A C   1 
ATOM   991  O  O   . GLN A 1 154 ? 5.723   16.731  6.563   1.00 20.48 ? 154 GLN A O   1 
ATOM   992  C  CB  . GLN A 1 154 ? 3.299   17.112  4.398   1.00 25.42 ? 154 GLN A CB  1 
ATOM   993  C  CG  . GLN A 1 154 ? 2.641   18.072  3.400   1.00 23.97 ? 154 GLN A CG  1 
ATOM   994  C  CD  . GLN A 1 154 ? 2.643   17.559  1.976   1.00 5.67  ? 154 GLN A CD  1 
ATOM   995  O  OE1 . GLN A 1 154 ? 3.392   16.970  1.332   1.00 10.47 ? 154 GLN A OE1 1 
ATOM   996  N  NE2 . GLN A 1 154 ? 1.522   18.069  1.371   1.00 32.40 ? 154 GLN A NE2 1 
ATOM   997  N  N   . ASN A 1 155 ? 5.616   15.044  4.971   1.00 21.55 ? 155 ASN A N   1 
ATOM   998  C  CA  . ASN A 1 155 ? 6.220   14.059  5.894   1.00 24.50 ? 155 ASN A CA  1 
ATOM   999  C  C   . ASN A 1 155 ? 7.670   13.750  5.617   1.00 32.19 ? 155 ASN A C   1 
ATOM   1000 O  O   . ASN A 1 155 ? 8.294   12.765  6.059   1.00 18.29 ? 155 ASN A O   1 
ATOM   1001 C  CB  . ASN A 1 155 ? 5.352   12.814  5.811   1.00 13.68 ? 155 ASN A CB  1 
ATOM   1002 C  CG  . ASN A 1 155 ? 4.001   12.901  6.441   1.00 23.46 ? 155 ASN A CG  1 
ATOM   1003 O  OD1 . ASN A 1 155 ? 3.629   13.801  7.178   1.00 32.03 ? 155 ASN A OD1 1 
ATOM   1004 N  ND2 . ASN A 1 155 ? 3.205   11.850  6.121   1.00 21.18 ? 155 ASN A ND2 1 
ATOM   1005 N  N   . ARG A 1 156 ? 8.393   14.612  4.890   1.00 22.17 ? 156 ARG A N   1 
ATOM   1006 C  CA  . ARG A 1 156 ? 9.808   14.347  4.661   1.00 20.12 ? 156 ARG A CA  1 
ATOM   1007 C  C   . ARG A 1 156 ? 10.227  12.995  4.095   1.00 24.04 ? 156 ARG A C   1 
ATOM   1008 O  O   . ARG A 1 156 ? 11.287  12.522  4.508   1.00 25.33 ? 156 ARG A O   1 
ATOM   1009 C  CB  . ARG A 1 156 ? 10.510  14.463  6.035   1.00 35.19 ? 156 ARG A CB  1 
ATOM   1010 C  CG  . ARG A 1 156 ? 10.049  15.620  6.901   1.00 35.76 ? 156 ARG A CG  1 
ATOM   1011 C  CD  . ARG A 1 156 ? 11.096  16.720  6.922   1.00 47.75 ? 156 ARG A CD  1 
ATOM   1012 N  NE  . ARG A 1 156 ? 10.704  17.770  7.858   1.00 42.40 ? 156 ARG A NE  1 
ATOM   1013 C  CZ  . ARG A 1 156 ? 11.508  18.801  8.113   1.00 44.56 ? 156 ARG A CZ  1 
ATOM   1014 N  NH1 . ARG A 1 156 ? 12.682  18.872  7.504   1.00 48.80 ? 156 ARG A NH1 1 
ATOM   1015 N  NH2 . ARG A 1 156 ? 11.113  19.730  8.965   1.00 28.79 ? 156 ARG A NH2 1 
ATOM   1016 N  N   . GLY A 1 157 ? 9.398   12.389  3.264   1.00 33.40 ? 157 GLY A N   1 
ATOM   1017 C  CA  . GLY A 1 157 ? 9.559   11.171  2.538   1.00 17.24 ? 157 GLY A CA  1 
ATOM   1018 C  C   . GLY A 1 157 ? 9.584   9.885   3.454   1.00 7.09  ? 157 GLY A C   1 
ATOM   1019 O  O   . GLY A 1 157 ? 10.223  9.075   2.822   1.00 14.23 ? 157 GLY A O   1 
ATOM   1020 N  N   . ARG A 1 158 ? 8.951   10.160  4.533   1.00 12.23 ? 158 ARG A N   1 
ATOM   1021 C  CA  . ARG A 1 158 ? 8.744   9.119   5.527   1.00 20.80 ? 158 ARG A CA  1 
ATOM   1022 C  C   . ARG A 1 158 ? 7.258   8.902   5.757   1.00 28.21 ? 158 ARG A C   1 
ATOM   1023 O  O   . ARG A 1 158 ? 6.312   9.629   5.535   1.00 21.08 ? 158 ARG A O   1 
ATOM   1024 C  CB  . ARG A 1 158 ? 9.393   9.382   6.890   1.00 23.34 ? 158 ARG A CB  1 
ATOM   1025 C  CG  . ARG A 1 158 ? 10.906  9.221   6.915   1.00 25.36 ? 158 ARG A CG  1 
ATOM   1026 C  CD  . ARG A 1 158 ? 11.450  9.469   8.300   1.00 51.27 ? 158 ARG A CD  1 
ATOM   1027 N  NE  . ARG A 1 158 ? 11.598  8.326   9.166   1.00 62.85 ? 158 ARG A NE  1 
ATOM   1028 C  CZ  . ARG A 1 158 ? 10.801  7.720   10.021  1.00 50.58 ? 158 ARG A CZ  1 
ATOM   1029 N  NH1 . ARG A 1 158 ? 9.549   8.067   10.288  1.00 29.09 ? 158 ARG A NH1 1 
ATOM   1030 N  NH2 . ARG A 1 158 ? 11.294  6.664   10.674  1.00 43.11 ? 158 ARG A NH2 1 
ATOM   1031 N  N   . ILE A 1 159 ? 7.109   7.710   6.343   1.00 20.79 ? 159 ILE A N   1 
ATOM   1032 C  CA  . ILE A 1 159 ? 5.904   7.396   7.035   1.00 17.32 ? 159 ILE A CA  1 
ATOM   1033 C  C   . ILE A 1 159 ? 6.186   7.528   8.531   1.00 18.25 ? 159 ILE A C   1 
ATOM   1034 O  O   . ILE A 1 159 ? 7.113   6.815   8.947   1.00 25.41 ? 159 ILE A O   1 
ATOM   1035 C  CB  . ILE A 1 159 ? 5.508   5.924   6.726   1.00 14.86 ? 159 ILE A CB  1 
ATOM   1036 C  CG1 . ILE A 1 159 ? 5.378   5.598   5.251   1.00 20.42 ? 159 ILE A CG1 1 
ATOM   1037 C  CG2 . ILE A 1 159 ? 4.272   5.610   7.549   1.00 22.90 ? 159 ILE A CG2 1 
ATOM   1038 C  CD1 . ILE A 1 159 ? 5.080   4.138   4.883   1.00 16.82 ? 159 ILE A CD1 1 
ATOM   1039 N  N   . PRO A 1 160 ? 5.409   8.352   9.164   1.00 18.16 ? 160 PRO A N   1 
ATOM   1040 C  CA  . PRO A 1 160 ? 5.469   8.699   10.572  1.00 24.63 ? 160 PRO A CA  1 
ATOM   1041 C  C   . PRO A 1 160 ? 5.453   7.381   11.362  1.00 36.75 ? 160 PRO A C   1 
ATOM   1042 O  O   . PRO A 1 160 ? 4.525   6.609   11.107  1.00 29.45 ? 160 PRO A O   1 
ATOM   1043 C  CB  . PRO A 1 160 ? 4.183   9.473   10.838  1.00 37.95 ? 160 PRO A CB  1 
ATOM   1044 C  CG  . PRO A 1 160 ? 3.671   9.936   9.519   1.00 29.96 ? 160 PRO A CG  1 
ATOM   1045 C  CD  . PRO A 1 160 ? 4.274   9.061   8.481   1.00 20.77 ? 160 PRO A CD  1 
ATOM   1046 N  N   . ASN A 1 161 ? 6.427   7.142   12.221  1.00 39.77 ? 161 ASN A N   1 
ATOM   1047 C  CA  . ASN A 1 161 ? 6.491   5.980   13.094  1.00 17.21 ? 161 ASN A CA  1 
ATOM   1048 C  C   . ASN A 1 161 ? 6.931   4.670   12.472  1.00 23.95 ? 161 ASN A C   1 
ATOM   1049 O  O   . ASN A 1 161 ? 6.780   3.633   13.147  1.00 45.68 ? 161 ASN A O   1 
ATOM   1050 C  CB  . ASN A 1 161 ? 5.090   5.726   13.694  1.00 26.14 ? 161 ASN A CB  1 
ATOM   1051 C  CG  . ASN A 1 161 ? 4.722   6.854   14.625  1.00 35.97 ? 161 ASN A CG  1 
ATOM   1052 O  OD1 . ASN A 1 161 ? 5.668   7.430   15.177  1.00 36.50 ? 161 ASN A OD1 1 
ATOM   1053 N  ND2 . ASN A 1 161 ? 3.437   7.100   14.766  1.00 27.56 ? 161 ASN A ND2 1 
ATOM   1054 N  N   . TYR A 1 162 ? 7.463   4.675   11.273  1.00 21.04 ? 162 TYR A N   1 
ATOM   1055 C  CA  . TYR A 1 162 ? 7.885   3.610   10.405  1.00 18.53 ? 162 TYR A CA  1 
ATOM   1056 C  C   . TYR A 1 162 ? 9.277   3.952   9.871   1.00 24.92 ? 162 TYR A C   1 
ATOM   1057 O  O   . TYR A 1 162 ? 9.472   5.053   9.363   1.00 56.17 ? 162 TYR A O   1 
ATOM   1058 C  CB  . TYR A 1 162 ? 6.885   3.395   9.255   1.00 15.31 ? 162 TYR A CB  1 
ATOM   1059 C  CG  . TYR A 1 162 ? 6.947   2.016   8.612   1.00 14.35 ? 162 TYR A CG  1 
ATOM   1060 C  CD1 . TYR A 1 162 ? 6.705   0.788   9.248   1.00 28.02 ? 162 TYR A CD1 1 
ATOM   1061 C  CD2 . TYR A 1 162 ? 7.289   1.882   7.297   1.00 12.53 ? 162 TYR A CD2 1 
ATOM   1062 C  CE1 . TYR A 1 162 ? 6.833   -0.344  8.455   1.00 17.91 ? 162 TYR A CE1 1 
ATOM   1063 C  CE2 . TYR A 1 162 ? 7.431   0.809   6.465   1.00 12.64 ? 162 TYR A CE2 1 
ATOM   1064 C  CZ  . TYR A 1 162 ? 7.171   -0.403  7.139   1.00 16.11 ? 162 TYR A CZ  1 
ATOM   1065 O  OH  . TYR A 1 162 ? 7.311   -1.509  6.332   1.00 17.38 ? 162 TYR A OH  1 
ATOM   1066 N  N   . PRO A 1 163 ? 10.173  2.992   10.011  1.00 26.43 ? 163 PRO A N   1 
ATOM   1067 C  CA  . PRO A 1 163 ? 11.551  3.078   9.543   1.00 26.25 ? 163 PRO A CA  1 
ATOM   1068 C  C   . PRO A 1 163 ? 11.758  3.331   8.062   1.00 32.43 ? 163 PRO A C   1 
ATOM   1069 O  O   . PRO A 1 163 ? 11.265  2.689   7.147   1.00 26.25 ? 163 PRO A O   1 
ATOM   1070 C  CB  . PRO A 1 163 ? 12.162  1.695   9.863   1.00 22.19 ? 163 PRO A CB  1 
ATOM   1071 C  CG  . PRO A 1 163 ? 11.003  0.843   10.240  1.00 28.79 ? 163 PRO A CG  1 
ATOM   1072 C  CD  . PRO A 1 163 ? 9.903   1.713   10.739  1.00 21.57 ? 163 PRO A CD  1 
ATOM   1073 N  N   . ALA A 1 164 ? 12.590  4.350   7.787   1.00 28.25 ? 164 ALA A N   1 
ATOM   1074 C  CA  . ALA A 1 164 ? 13.019  4.604   6.426   1.00 18.44 ? 164 ALA A CA  1 
ATOM   1075 C  C   . ALA A 1 164 ? 13.534  3.412   5.676   1.00 19.46 ? 164 ALA A C   1 
ATOM   1076 O  O   . ALA A 1 164 ? 13.483  3.241   4.455   1.00 21.14 ? 164 ALA A O   1 
ATOM   1077 C  CB  . ALA A 1 164 ? 14.122  5.687   6.494   1.00 27.61 ? 164 ALA A CB  1 
ATOM   1078 N  N   . ASP A 1 165 ? 14.136  2.409   6.358   1.00 16.65 ? 165 ASP A N   1 
ATOM   1079 C  CA  . ASP A 1 165 ? 14.796  1.393   5.573   1.00 15.85 ? 165 ASP A CA  1 
ATOM   1080 C  C   . ASP A 1 165 ? 13.810  0.291   5.168   1.00 23.37 ? 165 ASP A C   1 
ATOM   1081 O  O   . ASP A 1 165 ? 14.175  -0.610  4.423   1.00 29.95 ? 165 ASP A O   1 
ATOM   1082 C  CB  . ASP A 1 165 ? 15.929  0.742   6.374   1.00 29.18 ? 165 ASP A CB  1 
ATOM   1083 C  CG  . ASP A 1 165 ? 15.350  0.088   7.620   1.00 37.65 ? 165 ASP A CG  1 
ATOM   1084 O  OD1 . ASP A 1 165 ? 14.158  0.302   7.941   1.00 33.57 ? 165 ASP A OD1 1 
ATOM   1085 O  OD2 . ASP A 1 165 ? 16.123  -0.636  8.285   1.00 71.67 ? 165 ASP A OD2 1 
ATOM   1086 N  N   . ARG A 1 166 ? 12.574  0.409   5.673   1.00 22.50 ? 166 ARG A N   1 
ATOM   1087 C  CA  . ARG A 1 166 ? 11.566  -0.469  5.069   1.00 27.52 ? 166 ARG A CA  1 
ATOM   1088 C  C   . ARG A 1 166 ? 10.587  0.363   4.232   1.00 38.00 ? 166 ARG A C   1 
ATOM   1089 O  O   . ARG A 1 166 ? 9.529   -0.148  3.859   1.00 23.33 ? 166 ARG A O   1 
ATOM   1090 C  CB  . ARG A 1 166 ? 10.708  -1.269  6.031   1.00 32.99 ? 166 ARG A CB  1 
ATOM   1091 C  CG  . ARG A 1 166 ? 11.332  -1.822  7.301   1.00 17.79 ? 166 ARG A CG  1 
ATOM   1092 C  CD  . ARG A 1 166 ? 10.261  -1.749  8.357   1.00 18.85 ? 166 ARG A CD  1 
ATOM   1093 N  NE  . ARG A 1 166 ? 10.016  -3.038  8.978   1.00 46.39 ? 166 ARG A NE  1 
ATOM   1094 C  CZ  . ARG A 1 166 ? 9.343   -3.156  10.115  1.00 49.72 ? 166 ARG A CZ  1 
ATOM   1095 N  NH1 . ARG A 1 166 ? 8.871   -2.083  10.731  1.00 59.66 ? 166 ARG A NH1 1 
ATOM   1096 N  NH2 . ARG A 1 166 ? 9.169   -4.374  10.599  1.00 29.26 ? 166 ARG A NH2 1 
ATOM   1097 N  N   . THR A 1 167 ? 10.909  1.613   3.941   1.00 32.67 ? 167 THR A N   1 
ATOM   1098 C  CA  . THR A 1 167 ? 10.021  2.447   3.127   1.00 24.24 ? 167 THR A CA  1 
ATOM   1099 C  C   . THR A 1 167 ? 10.652  2.689   1.774   1.00 26.85 ? 167 THR A C   1 
ATOM   1100 O  O   . THR A 1 167 ? 11.860  2.940   1.638   1.00 22.51 ? 167 THR A O   1 
ATOM   1101 C  CB  . THR A 1 167 ? 9.776   3.782   3.827   1.00 20.35 ? 167 THR A CB  1 
ATOM   1102 O  OG1 . THR A 1 167 ? 9.212   3.689   5.145   1.00 18.60 ? 167 THR A OG1 1 
ATOM   1103 C  CG2 . THR A 1 167 ? 8.736   4.612   3.059   1.00 24.29 ? 167 THR A CG2 1 
ATOM   1104 N  N   . LYS A 1 168 ? 9.901   2.633   0.660   1.00 23.93 ? 168 LYS A N   1 
ATOM   1105 C  CA  . LYS A 1 168 ? 10.517  2.959   -0.623  1.00 14.43 ? 168 LYS A CA  1 
ATOM   1106 C  C   . LYS A 1 168 ? 9.493   3.846   -1.357  1.00 36.84 ? 168 LYS A C   1 
ATOM   1107 O  O   . LYS A 1 168 ? 8.455   3.353   -1.782  1.00 18.81 ? 168 LYS A O   1 
ATOM   1108 C  CB  . LYS A 1 168 ? 10.901  1.779   -1.491  1.00 17.94 ? 168 LYS A CB  1 
ATOM   1109 C  CG  . LYS A 1 168 ? 11.511  2.228   -2.813  1.00 24.39 ? 168 LYS A CG  1 
ATOM   1110 C  CD  . LYS A 1 168 ? 12.749  1.513   -3.252  1.00 22.05 ? 168 LYS A CD  1 
ATOM   1111 C  CE  . LYS A 1 168 ? 13.011  1.543   -4.738  1.00 39.43 ? 168 LYS A CE  1 
ATOM   1112 N  NZ  . LYS A 1 168 ? 14.241  0.798   -5.130  1.00 64.29 ? 168 LYS A NZ  1 
ATOM   1113 N  N   . VAL A 1 169 ? 9.821   5.133   -1.439  1.00 29.36 ? 169 VAL A N   1 
ATOM   1114 C  CA  . VAL A 1 169 ? 8.939   6.113   -2.110  1.00 16.64 ? 169 VAL A CA  1 
ATOM   1115 C  C   . VAL A 1 169 ? 9.414   6.283   -3.528  1.00 16.36 ? 169 VAL A C   1 
ATOM   1116 O  O   . VAL A 1 169 ? 10.565  6.446   -3.916  1.00 18.61 ? 169 VAL A O   1 
ATOM   1117 C  CB  . VAL A 1 169 ? 8.927   7.398   -1.276  1.00 18.56 ? 169 VAL A CB  1 
ATOM   1118 C  CG1 . VAL A 1 169 ? 7.909   8.402   -1.781  1.00 20.95 ? 169 VAL A CG1 1 
ATOM   1119 C  CG2 . VAL A 1 169 ? 8.713   6.994   0.184   1.00 28.81 ? 169 VAL A CG2 1 
ATOM   1120 N  N   . PHE A 1 170 ? 8.405   6.203   -4.436  1.00 15.78 ? 170 PHE A N   1 
ATOM   1121 C  CA  . PHE A 1 170 ? 8.664   6.452   -5.843  1.00 17.24 ? 170 PHE A CA  1 
ATOM   1122 C  C   . PHE A 1 170 ? 8.033   7.825   -6.086  1.00 19.04 ? 170 PHE A C   1 
ATOM   1123 O  O   . PHE A 1 170 ? 6.816   7.917   -5.991  1.00 20.03 ? 170 PHE A O   1 
ATOM   1124 C  CB  . PHE A 1 170 ? 8.076   5.377   -6.768  1.00 16.57 ? 170 PHE A CB  1 
ATOM   1125 C  CG  . PHE A 1 170 ? 8.724   4.007   -6.521  1.00 16.33 ? 170 PHE A CG  1 
ATOM   1126 C  CD1 . PHE A 1 170 ? 9.775   3.545   -7.281  1.00 21.78 ? 170 PHE A CD1 1 
ATOM   1127 C  CD2 . PHE A 1 170 ? 8.249   3.211   -5.499  1.00 18.60 ? 170 PHE A CD2 1 
ATOM   1128 C  CE1 . PHE A 1 170 ? 10.344  2.296   -7.067  1.00 22.05 ? 170 PHE A CE1 1 
ATOM   1129 C  CE2 . PHE A 1 170 ? 8.784   1.938   -5.302  1.00 15.90 ? 170 PHE A CE2 1 
ATOM   1130 C  CZ  . PHE A 1 170 ? 9.826   1.471   -6.073  1.00 13.43 ? 170 PHE A CZ  1 
ATOM   1131 N  N   . CYS A 1 171 ? 8.859   8.831   -6.311  1.00 24.84 ? 171 CYS A N   1 
ATOM   1132 C  CA  . CYS A 1 171 ? 8.335   10.177  -6.479  1.00 23.68 ? 171 CYS A CA  1 
ATOM   1133 C  C   . CYS A 1 171 ? 9.133   10.792  -7.629  1.00 27.05 ? 171 CYS A C   1 
ATOM   1134 O  O   . CYS A 1 171 ? 10.275  11.216  -7.472  1.00 19.57 ? 171 CYS A O   1 
ATOM   1135 C  CB  . CYS A 1 171 ? 8.406   11.018  -5.216  1.00 17.55 ? 171 CYS A CB  1 
ATOM   1136 S  SG  . CYS A 1 171 ? 6.885   11.233  -4.270  1.00 26.62 ? 171 CYS A SG  1 
ATOM   1137 N  N   . LYS A 1 172 ? 8.495   10.799  -8.794  1.00 16.08 ? 172 LYS A N   1 
ATOM   1138 C  CA  . LYS A 1 172 ? 9.197   11.031  -10.025 1.00 15.34 ? 172 LYS A CA  1 
ATOM   1139 C  C   . LYS A 1 172 ? 9.488   12.568  -10.088 1.00 7.70  ? 172 LYS A C   1 
ATOM   1140 O  O   . LYS A 1 172 ? 8.705   13.173  -9.460  1.00 12.74 ? 172 LYS A O   1 
ATOM   1141 C  CB  . LYS A 1 172 ? 8.445   10.523  -11.229 1.00 15.02 ? 172 LYS A CB  1 
ATOM   1142 C  CG  . LYS A 1 172 ? 9.038   9.464   -12.091 1.00 18.69 ? 172 LYS A CG  1 
ATOM   1143 C  CD  . LYS A 1 172 ? 8.058   8.851   -13.075 1.00 34.60 ? 172 LYS A CD  1 
ATOM   1144 C  CE  . LYS A 1 172 ? 7.983   7.346   -12.860 1.00 41.05 ? 172 LYS A CE  1 
ATOM   1145 N  NZ  . LYS A 1 172 ? 9.251   6.814   -12.273 1.00 32.35 ? 172 LYS A NZ  1 
ATOM   1146 N  N   . THR A 1 173 ? 10.589  12.824  -10.754 1.00 17.77 ? 173 THR A N   1 
ATOM   1147 C  CA  . THR A 1 173 ? 10.887  14.280  -10.857 1.00 18.76 ? 173 THR A CA  1 
ATOM   1148 C  C   . THR A 1 173 ? 9.734   14.913  -11.622 1.00 18.28 ? 173 THR A C   1 
ATOM   1149 O  O   . THR A 1 173 ? 9.239   14.271  -12.562 1.00 20.95 ? 173 THR A O   1 
ATOM   1150 C  CB  . THR A 1 173 ? 12.232  14.581  -11.522 1.00 39.63 ? 173 THR A CB  1 
ATOM   1151 O  OG1 . THR A 1 173 ? 13.273  13.982  -10.729 1.00 31.67 ? 173 THR A OG1 1 
ATOM   1152 C  CG2 . THR A 1 173 ? 12.491  16.080  -11.560 1.00 31.42 ? 173 THR A CG2 1 
ATOM   1153 N  N   . GLY A 1 174 ? 9.331   16.084  -11.176 1.00 23.69 ? 174 GLY A N   1 
ATOM   1154 C  CA  . GLY A 1 174 ? 8.202   16.782  -11.757 1.00 18.00 ? 174 GLY A CA  1 
ATOM   1155 C  C   . GLY A 1 174 ? 6.887   16.186  -11.312 1.00 27.83 ? 174 GLY A C   1 
ATOM   1156 O  O   . GLY A 1 174 ? 5.807   16.654  -11.660 1.00 19.16 ? 174 GLY A O   1 
ATOM   1157 N  N   . ASP A 1 175 ? 6.844   15.144  -10.469 1.00 15.11 ? 175 ASP A N   1 
ATOM   1158 C  CA  . ASP A 1 175 ? 5.509   14.847  -9.921  1.00 14.42 ? 175 ASP A CA  1 
ATOM   1159 C  C   . ASP A 1 175 ? 5.111   15.862  -8.858  1.00 32.25 ? 175 ASP A C   1 
ATOM   1160 O  O   . ASP A 1 175 ? 5.574   15.847  -7.712  1.00 15.55 ? 175 ASP A O   1 
ATOM   1161 C  CB  . ASP A 1 175 ? 5.479   13.412  -9.387  1.00 14.26 ? 175 ASP A CB  1 
ATOM   1162 C  CG  . ASP A 1 175 ? 4.120   13.082  -8.825  1.00 13.12 ? 175 ASP A CG  1 
ATOM   1163 O  OD1 . ASP A 1 175 ? 3.155   13.863  -8.729  1.00 12.89 ? 175 ASP A OD1 1 
ATOM   1164 O  OD2 . ASP A 1 175 ? 3.959   11.921  -8.374  1.00 15.47 ? 175 ASP A OD2 1 
ATOM   1165 N  N   . LEU A 1 176 ? 4.236   16.856  -9.135  1.00 13.32 ? 176 LEU A N   1 
ATOM   1166 C  CA  . LEU A 1 176 ? 3.981   17.920  -8.194  1.00 16.48 ? 176 LEU A CA  1 
ATOM   1167 C  C   . LEU A 1 176 ? 3.368   17.490  -6.872  1.00 17.04 ? 176 LEU A C   1 
ATOM   1168 O  O   . LEU A 1 176 ? 3.429   18.269  -5.925  1.00 14.13 ? 176 LEU A O   1 
ATOM   1169 C  CB  . LEU A 1 176 ? 3.104   19.018  -8.862  1.00 17.20 ? 176 LEU A CB  1 
ATOM   1170 C  CG  . LEU A 1 176 ? 3.688   19.483  -10.208 1.00 16.67 ? 176 LEU A CG  1 
ATOM   1171 C  CD1 . LEU A 1 176 ? 2.879   20.641  -10.823 1.00 18.04 ? 176 LEU A CD1 1 
ATOM   1172 C  CD2 . LEU A 1 176 ? 5.138   19.953  -10.103 1.00 20.92 ? 176 LEU A CD2 1 
ATOM   1173 N  N   . VAL A 1 177 ? 2.749   16.296  -6.737  1.00 15.45 ? 177 VAL A N   1 
ATOM   1174 C  CA  . VAL A 1 177 ? 2.157   15.937  -5.474  1.00 11.98 ? 177 VAL A CA  1 
ATOM   1175 C  C   . VAL A 1 177 ? 3.269   15.579  -4.329  1.00 2.17  ? 177 VAL A C   1 
ATOM   1176 O  O   . VAL A 1 177 ? 2.660   15.776  -3.324  1.00 10.58 ? 177 VAL A O   1 
ATOM   1177 C  CB  . VAL A 1 177 ? 1.183   14.764  -5.585  1.00 17.64 ? 177 VAL A CB  1 
ATOM   1178 C  CG1 . VAL A 1 177 ? 0.246   15.016  -6.779  1.00 16.40 ? 177 VAL A CG1 1 
ATOM   1179 C  CG2 . VAL A 1 177 ? 1.946   13.446  -5.724  1.00 16.87 ? 177 VAL A CG2 1 
ATOM   1180 N  N   . CYS A 1 178 ? 4.261   15.288  -5.024  1.00 6.57  ? 178 CYS A N   1 
ATOM   1181 C  CA  . CYS A 1 178 ? 5.486   14.958  -4.198  1.00 14.77 ? 178 CYS A CA  1 
ATOM   1182 C  C   . CYS A 1 178 ? 6.062   16.252  -3.649  1.00 21.76 ? 178 CYS A C   1 
ATOM   1183 O  O   . CYS A 1 178 ? 6.935   16.214  -2.776  1.00 19.75 ? 178 CYS A O   1 
ATOM   1184 C  CB  . CYS A 1 178 ? 6.505   14.168  -4.992  1.00 15.49 ? 178 CYS A CB  1 
ATOM   1185 S  SG  . CYS A 1 178 ? 5.792   12.556  -5.446  1.00 23.71 ? 178 CYS A SG  1 
ATOM   1186 N  N   . THR A 1 179 ? 5.634   17.412  -4.171  1.00 20.51 ? 179 THR A N   1 
ATOM   1187 C  CA  . THR A 1 179 ? 6.309   18.620  -3.639  1.00 19.98 ? 179 THR A CA  1 
ATOM   1188 C  C   . THR A 1 179 ? 5.288   19.607  -3.107  1.00 18.44 ? 179 THR A C   1 
ATOM   1189 O  O   . THR A 1 179 ? 5.408   20.822  -3.382  1.00 22.96 ? 179 THR A O   1 
ATOM   1190 C  CB  . THR A 1 179 ? 7.220   19.192  -4.723  1.00 20.49 ? 179 THR A CB  1 
ATOM   1191 O  OG1 . THR A 1 179 ? 8.072   18.223  -5.330  1.00 29.75 ? 179 THR A OG1 1 
ATOM   1192 C  CG2 . THR A 1 179 ? 8.191   20.173  -4.062  1.00 26.40 ? 179 THR A CG2 1 
ATOM   1193 N  N   . GLY A 1 180 ? 4.277   19.228  -2.350  1.00 10.37 ? 180 GLY A N   1 
ATOM   1194 C  CA  . GLY A 1 180 ? 3.273   19.874  -1.645  1.00 9.04  ? 180 GLY A CA  1 
ATOM   1195 C  C   . GLY A 1 180 ? 2.041   20.272  -2.537  1.00 9.42  ? 180 GLY A C   1 
ATOM   1196 O  O   . GLY A 1 180 ? 1.129   20.847  -1.985  1.00 12.70 ? 180 GLY A O   1 
ATOM   1197 N  N   . SER A 1 181 ? 2.131   19.885  -3.814  1.00 13.43 ? 181 SER A N   1 
ATOM   1198 C  CA  . SER A 1 181 ? 0.904   20.258  -4.585  1.00 18.71 ? 181 SER A CA  1 
ATOM   1199 C  C   . SER A 1 181 ? -0.143  19.178  -4.638  1.00 32.07 ? 181 SER A C   1 
ATOM   1200 O  O   . SER A 1 181 ? -0.041  18.084  -4.110  1.00 16.44 ? 181 SER A O   1 
ATOM   1201 C  CB  . SER A 1 181 ? 1.315   20.683  -6.005  1.00 19.86 ? 181 SER A CB  1 
ATOM   1202 O  OG  . SER A 1 181 ? 0.180   21.337  -6.618  1.00 16.12 ? 181 SER A OG  1 
ATOM   1203 N  N   . LEU A 1 182 ? -1.266  19.422  -5.320  1.00 16.14 ? 182 LEU A N   1 
ATOM   1204 C  CA  . LEU A 1 182 ? -2.188  18.314  -5.659  1.00 10.74 ? 182 LEU A CA  1 
ATOM   1205 C  C   . LEU A 1 182 ? -2.402  18.315  -7.167  1.00 16.10 ? 182 LEU A C   1 
ATOM   1206 O  O   . LEU A 1 182 ? -3.138  17.494  -7.732  1.00 15.71 ? 182 LEU A O   1 
ATOM   1207 C  CB  . LEU A 1 182 ? -3.487  18.417  -4.920  1.00 18.37 ? 182 LEU A CB  1 
ATOM   1208 C  CG  . LEU A 1 182 ? -3.486  17.950  -3.455  1.00 18.58 ? 182 LEU A CG  1 
ATOM   1209 C  CD1 . LEU A 1 182 ? -4.630  18.629  -2.753  1.00 22.85 ? 182 LEU A CD1 1 
ATOM   1210 C  CD2 . LEU A 1 182 ? -3.574  16.432  -3.370  1.00 18.60 ? 182 LEU A CD2 1 
ATOM   1211 N  N   . ILE A 1 183 ? -1.744  19.178  -7.944  1.00 12.33 ? 183 ILE A N   1 
ATOM   1212 C  CA  . ILE A 1 183 ? -1.756  19.105  -9.392  1.00 13.36 ? 183 ILE A CA  1 
ATOM   1213 C  C   . ILE A 1 183 ? -1.252  17.754  -9.866  1.00 15.64 ? 183 ILE A C   1 
ATOM   1214 O  O   . ILE A 1 183 ? -0.172  17.331  -9.417  1.00 14.75 ? 183 ILE A O   1 
ATOM   1215 C  CB  . ILE A 1 183 ? -0.834  20.159  -10.075 1.00 16.01 ? 183 ILE A CB  1 
ATOM   1216 C  CG1 . ILE A 1 183 ? -1.237  21.608  -9.855  1.00 14.05 ? 183 ILE A CG1 1 
ATOM   1217 C  CG2 . ILE A 1 183 ? -0.658  19.928  -11.573 1.00 17.65 ? 183 ILE A CG2 1 
ATOM   1218 C  CD1 . ILE A 1 183 ? -2.199  21.977  -8.821  1.00 26.77 ? 183 ILE A CD1 1 
ATOM   1219 N  N   . VAL A 1 184 ? -2.010  17.073  -10.736 1.00 15.23 ? 184 VAL A N   1 
ATOM   1220 C  CA  . VAL A 1 184 ? -1.589  15.816  -11.328 1.00 14.47 ? 184 VAL A CA  1 
ATOM   1221 C  C   . VAL A 1 184 ? -0.972  16.082  -12.677 1.00 13.63 ? 184 VAL A C   1 
ATOM   1222 O  O   . VAL A 1 184 ? -1.602  16.549  -13.687 1.00 15.32 ? 184 VAL A O   1 
ATOM   1223 C  CB  . VAL A 1 184 ? -2.801  14.853  -11.445 1.00 12.87 ? 184 VAL A CB  1 
ATOM   1224 C  CG1 . VAL A 1 184 ? -2.378  13.615  -12.228 1.00 12.66 ? 184 VAL A CG1 1 
ATOM   1225 C  CG2 . VAL A 1 184 ? -3.397  14.492  -10.085 1.00 14.71 ? 184 VAL A CG2 1 
ATOM   1226 N  N   . ALA A 1 185 ? 0.296   15.881  -12.858 1.00 12.17 ? 185 ALA A N   1 
ATOM   1227 C  CA  . ALA A 1 185 ? 1.079   16.005  -14.043 1.00 15.81 ? 185 ALA A CA  1 
ATOM   1228 C  C   . ALA A 1 185 ? 1.502   14.699  -14.657 1.00 13.64 ? 185 ALA A C   1 
ATOM   1229 O  O   . ALA A 1 185 ? 1.327   13.623  -14.000 1.00 17.28 ? 185 ALA A O   1 
ATOM   1230 C  CB  . ALA A 1 185 ? 2.344   16.806  -13.710 1.00 18.71 ? 185 ALA A CB  1 
ATOM   1231 N  N   . ALA A 1 186 ? 2.123   14.684  -15.820 1.00 11.27 ? 186 ALA A N   1 
ATOM   1232 C  CA  . ALA A 1 186 ? 2.445   13.497  -16.535 1.00 11.16 ? 186 ALA A CA  1 
ATOM   1233 C  C   . ALA A 1 186 ? 3.349   12.609  -15.650 1.00 22.68 ? 186 ALA A C   1 
ATOM   1234 O  O   . ALA A 1 186 ? 3.080   11.400  -15.683 1.00 15.38 ? 186 ALA A O   1 
ATOM   1235 C  CB  . ALA A 1 186 ? 3.169   13.585  -17.849 1.00 15.43 ? 186 ALA A CB  1 
ATOM   1236 N  N   . PRO A 1 187 ? 4.346   13.109  -14.966 1.00 21.37 ? 187 PRO A N   1 
ATOM   1237 C  CA  . PRO A 1 187 ? 5.113   12.106  -14.167 1.00 16.56 ? 187 PRO A CA  1 
ATOM   1238 C  C   . PRO A 1 187 ? 4.236   11.403  -13.153 1.00 16.35 ? 187 PRO A C   1 
ATOM   1239 O  O   . PRO A 1 187 ? 4.568   10.241  -12.811 1.00 20.02 ? 187 PRO A O   1 
ATOM   1240 C  CB  . PRO A 1 187 ? 6.217   12.931  -13.494 1.00 27.68 ? 187 PRO A CB  1 
ATOM   1241 C  CG  . PRO A 1 187 ? 6.328   14.151  -14.341 1.00 20.63 ? 187 PRO A CG  1 
ATOM   1242 C  CD  . PRO A 1 187 ? 4.950   14.447  -14.858 1.00 15.89 ? 187 PRO A CD  1 
ATOM   1243 N  N   . HIS A 1 188 ? 3.157   11.993  -12.679 1.00 11.12 ? 188 HIS A N   1 
ATOM   1244 C  CA  . HIS A 1 188 ? 2.357   11.299  -11.661 1.00 13.71 ? 188 HIS A CA  1 
ATOM   1245 C  C   . HIS A 1 188 ? 1.682   10.020  -12.170 1.00 26.08 ? 188 HIS A C   1 
ATOM   1246 O  O   . HIS A 1 188 ? 1.277   9.122   -11.432 1.00 14.40 ? 188 HIS A O   1 
ATOM   1247 C  CB  . HIS A 1 188 ? 1.263   12.204  -11.128 1.00 14.08 ? 188 HIS A CB  1 
ATOM   1248 C  CG  . HIS A 1 188 ? 0.523   11.628  -9.960  1.00 19.17 ? 188 HIS A CG  1 
ATOM   1249 N  ND1 . HIS A 1 188 ? 1.112   11.486  -8.706  1.00 12.65 ? 188 HIS A ND1 1 
ATOM   1250 C  CD2 . HIS A 1 188 ? -0.715  11.144  -9.835  1.00 12.26 ? 188 HIS A CD2 1 
ATOM   1251 C  CE1 . HIS A 1 188 ? 0.199   10.952  -7.905  1.00 21.38 ? 188 HIS A CE1 1 
ATOM   1252 N  NE2 . HIS A 1 188 ? -0.953  10.717  -8.551  1.00 13.22 ? 188 HIS A NE2 1 
ATOM   1253 N  N   . LEU A 1 189 ? 1.556   10.051  -13.485 1.00 16.02 ? 189 LEU A N   1 
ATOM   1254 C  CA  . LEU A 1 189 ? 0.852   9.022   -14.253 1.00 14.53 ? 189 LEU A CA  1 
ATOM   1255 C  C   . LEU A 1 189 ? 1.805   7.985   -14.815 1.00 22.21 ? 189 LEU A C   1 
ATOM   1256 O  O   . LEU A 1 189 ? 1.383   7.135   -15.631 1.00 19.54 ? 189 LEU A O   1 
ATOM   1257 C  CB  . LEU A 1 189 ? 0.146   9.756   -15.398 1.00 17.84 ? 189 LEU A CB  1 
ATOM   1258 C  CG  . LEU A 1 189 ? -1.319  10.146  -15.228 1.00 24.27 ? 189 LEU A CG  1 
ATOM   1259 C  CD1 . LEU A 1 189 ? -1.812  10.043  -13.813 1.00 13.41 ? 189 LEU A CD1 1 
ATOM   1260 C  CD2 . LEU A 1 189 ? -1.574  11.558  -15.774 1.00 17.74 ? 189 LEU A CD2 1 
ATOM   1261 N  N   . ALA A 1 190 ? 3.099   8.024   -14.441 1.00 13.20 ? 190 ALA A N   1 
ATOM   1262 C  CA  . ALA A 1 190 ? 4.141   7.237   -15.058 1.00 13.19 ? 190 ALA A CA  1 
ATOM   1263 C  C   . ALA A 1 190 ? 4.782   6.190   -14.105 1.00 13.64 ? 190 ALA A C   1 
ATOM   1264 O  O   . ALA A 1 190 ? 5.853   5.705   -14.470 1.00 17.70 ? 190 ALA A O   1 
ATOM   1265 C  CB  . ALA A 1 190 ? 5.256   8.117   -15.618 1.00 22.24 ? 190 ALA A CB  1 
ATOM   1266 N  N   . TYR A 1 191 ? 4.123   5.856   -13.024 1.00 14.90 ? 191 TYR A N   1 
ATOM   1267 C  CA  . TYR A 1 191 ? 4.637   4.807   -12.123 1.00 18.88 ? 191 TYR A CA  1 
ATOM   1268 C  C   . TYR A 1 191 ? 4.458   3.400   -12.667 1.00 21.66 ? 191 TYR A C   1 
ATOM   1269 O  O   . TYR A 1 191 ? 4.914   2.470   -11.988 1.00 24.99 ? 191 TYR A O   1 
ATOM   1270 C  CB  . TYR A 1 191 ? 3.995   5.020   -10.765 1.00 17.34 ? 191 TYR A CB  1 
ATOM   1271 C  CG  . TYR A 1 191 ? 4.434   6.369   -10.189 1.00 14.26 ? 191 TYR A CG  1 
ATOM   1272 C  CD1 . TYR A 1 191 ? 5.788   6.581   -10.005 1.00 18.65 ? 191 TYR A CD1 1 
ATOM   1273 C  CD2 . TYR A 1 191 ? 3.486   7.306   -9.863  1.00 15.01 ? 191 TYR A CD2 1 
ATOM   1274 C  CE1 . TYR A 1 191 ? 6.203   7.802   -9.482  1.00 19.05 ? 191 TYR A CE1 1 
ATOM   1275 C  CE2 . TYR A 1 191 ? 3.889   8.538   -9.338  1.00 20.02 ? 191 TYR A CE2 1 
ATOM   1276 C  CZ  . TYR A 1 191 ? 5.241   8.739   -9.170  1.00 16.57 ? 191 TYR A CZ  1 
ATOM   1277 O  OH  . TYR A 1 191 ? 5.649   9.940   -8.637  1.00 17.60 ? 191 TYR A OH  1 
ATOM   1278 N  N   . GLY A 1 192 ? 3.866   3.165   -13.835 1.00 20.19 ? 192 GLY A N   1 
ATOM   1279 C  CA  . GLY A 1 192 ? 3.735   1.839   -14.412 1.00 23.44 ? 192 GLY A CA  1 
ATOM   1280 C  C   . GLY A 1 192 ? 4.989   0.969   -14.341 1.00 21.74 ? 192 GLY A C   1 
ATOM   1281 O  O   . GLY A 1 192 ? 4.927   -0.121  -13.746 1.00 23.89 ? 192 GLY A O   1 
ATOM   1282 N  N   . PRO A 1 193 ? 6.089   1.360   -14.938 1.00 23.48 ? 193 PRO A N   1 
ATOM   1283 C  CA  . PRO A 1 193 ? 7.314   0.543   -14.907 1.00 20.78 ? 193 PRO A CA  1 
ATOM   1284 C  C   . PRO A 1 193 ? 7.750   0.257   -13.477 1.00 21.30 ? 193 PRO A C   1 
ATOM   1285 O  O   . PRO A 1 193 ? 8.210   -0.861  -13.227 1.00 20.92 ? 193 PRO A O   1 
ATOM   1286 C  CB  . PRO A 1 193 ? 8.346   1.419   -15.627 1.00 28.68 ? 193 PRO A CB  1 
ATOM   1287 C  CG  . PRO A 1 193 ? 7.499   2.200   -16.585 1.00 21.30 ? 193 PRO A CG  1 
ATOM   1288 C  CD  . PRO A 1 193 ? 6.280   2.579   -15.753 1.00 20.06 ? 193 PRO A CD  1 
ATOM   1289 N  N   . ASP A 1 194 ? 7.620   1.244   -12.591 1.00 24.20 ? 194 ASP A N   1 
ATOM   1290 C  CA  . ASP A 1 194 ? 8.028   1.065   -11.208 1.00 16.53 ? 194 ASP A CA  1 
ATOM   1291 C  C   . ASP A 1 194 ? 7.235   -0.053  -10.533 1.00 35.99 ? 194 ASP A C   1 
ATOM   1292 O  O   . ASP A 1 194 ? 7.839   -0.836  -9.795  1.00 29.96 ? 194 ASP A O   1 
ATOM   1293 C  CB  . ASP A 1 194 ? 7.878   2.370   -10.406 1.00 24.49 ? 194 ASP A CB  1 
ATOM   1294 C  CG  . ASP A 1 194 ? 8.939   3.367   -10.837 1.00 36.45 ? 194 ASP A CG  1 
ATOM   1295 O  OD1 . ASP A 1 194 ? 10.085  2.963   -11.124 1.00 35.69 ? 194 ASP A OD1 1 
ATOM   1296 O  OD2 . ASP A 1 194 ? 8.663   4.576   -10.901 1.00 31.67 ? 194 ASP A OD2 1 
ATOM   1297 N  N   . ALA A 1 195 ? 5.930   -0.091  -10.774 1.00 20.47 ? 195 ALA A N   1 
ATOM   1298 C  CA  . ALA A 1 195 ? 5.068   -1.103  -10.179 1.00 29.84 ? 195 ALA A CA  1 
ATOM   1299 C  C   . ALA A 1 195 ? 5.338   -2.487  -10.767 1.00 12.00 ? 195 ALA A C   1 
ATOM   1300 O  O   . ALA A 1 195 ? 4.954   -3.456  -10.072 1.00 20.30 ? 195 ALA A O   1 
ATOM   1301 C  CB  . ALA A 1 195 ? 3.587   -0.776  -10.352 1.00 18.39 ? 195 ALA A CB  1 
ATOM   1302 N  N   . ARG A 1 196 ? 5.934   -2.614  -11.907 1.00 13.87 ? 196 ARG A N   1 
ATOM   1303 C  CA  . ARG A 1 196 ? 6.199   -3.956  -12.451 1.00 22.95 ? 196 ARG A CA  1 
ATOM   1304 C  C   . ARG A 1 196 ? 7.565   -4.469  -12.006 1.00 37.30 ? 196 ARG A C   1 
ATOM   1305 O  O   . ARG A 1 196 ? 7.723   -5.688  -11.927 1.00 28.60 ? 196 ARG A O   1 
ATOM   1306 C  CB  . ARG A 1 196 ? 6.013   -3.949  -13.975 1.00 32.01 ? 196 ARG A CB  1 
ATOM   1307 C  CG  . ARG A 1 196 ? 4.580   -3.539  -14.325 1.00 25.72 ? 196 ARG A CG  1 
ATOM   1308 C  CD  . ARG A 1 196 ? 4.263   -3.549  -15.788 1.00 24.48 ? 196 ARG A CD  1 
ATOM   1309 N  NE  . ARG A 1 196 ? 5.049   -2.667  -16.620 1.00 33.93 ? 196 ARG A NE  1 
ATOM   1310 C  CZ  . ARG A 1 196 ? 4.614   -1.604  -17.293 1.00 27.09 ? 196 ARG A CZ  1 
ATOM   1311 N  NH1 . ARG A 1 196 ? 3.355   -1.227  -17.256 1.00 33.12 ? 196 ARG A NH1 1 
ATOM   1312 N  NH2 . ARG A 1 196 ? 5.500   -0.911  -18.021 1.00 29.93 ? 196 ARG A NH2 1 
ATOM   1313 N  N   . GLY A 1 197 ? 8.503   -3.582  -11.700 1.00 25.70 ? 197 GLY A N   1 
ATOM   1314 C  CA  . GLY A 1 197 ? 9.881   -3.879  -11.428 1.00 24.15 ? 197 GLY A CA  1 
ATOM   1315 C  C   . GLY A 1 197 ? 10.334  -3.692  -9.994  1.00 21.20 ? 197 GLY A C   1 
ATOM   1316 O  O   . GLY A 1 197 ? 10.093  -4.554  -9.133  1.00 21.59 ? 197 GLY A O   1 
ATOM   1317 N  N   . PRO A 1 198 ? 11.025  -2.581  -9.777  1.00 22.43 ? 198 PRO A N   1 
ATOM   1318 C  CA  . PRO A 1 198 ? 11.663  -2.174  -8.522  1.00 25.39 ? 198 PRO A CA  1 
ATOM   1319 C  C   . PRO A 1 198 ? 10.750  -2.097  -7.322  1.00 25.51 ? 198 PRO A C   1 
ATOM   1320 O  O   . PRO A 1 198 ? 11.176  -2.336  -6.181  1.00 24.06 ? 198 PRO A O   1 
ATOM   1321 C  CB  . PRO A 1 198 ? 12.228  -0.765  -8.807  1.00 28.43 ? 198 PRO A CB  1 
ATOM   1322 C  CG  . PRO A 1 198 ? 11.553  -0.320  -10.060 1.00 24.88 ? 198 PRO A CG  1 
ATOM   1323 C  CD  . PRO A 1 198 ? 11.338  -1.586  -10.836 1.00 24.67 ? 198 PRO A CD  1 
ATOM   1324 N  N   . ALA A 1 199 ? 9.464   -1.797  -7.458  1.00 20.27 ? 199 ALA A N   1 
ATOM   1325 C  CA  . ALA A 1 199 ? 8.599   -1.685  -6.307  1.00 17.06 ? 199 ALA A CA  1 
ATOM   1326 C  C   . ALA A 1 199 ? 8.316   -3.085  -5.745  1.00 28.91 ? 199 ALA A C   1 
ATOM   1327 O  O   . ALA A 1 199 ? 8.571   -3.253  -4.559  1.00 20.71 ? 199 ALA A O   1 
ATOM   1328 C  CB  . ALA A 1 199 ? 7.313   -0.967  -6.658  1.00 17.28 ? 199 ALA A CB  1 
ATOM   1329 N  N   . PRO A 1 200 ? 7.817   -4.067  -6.482  1.00 26.61 ? 200 PRO A N   1 
ATOM   1330 C  CA  . PRO A 1 200 ? 7.690   -5.412  -5.885  1.00 23.25 ? 200 PRO A CA  1 
ATOM   1331 C  C   . PRO A 1 200 ? 9.047   -6.018  -5.537  1.00 17.43 ? 200 PRO A C   1 
ATOM   1332 O  O   . PRO A 1 200 ? 9.126   -6.670  -4.481  1.00 31.12 ? 200 PRO A O   1 
ATOM   1333 C  CB  . PRO A 1 200 ? 7.021   -6.250  -6.978  1.00 20.73 ? 200 PRO A CB  1 
ATOM   1334 C  CG  . PRO A 1 200 ? 7.238   -5.493  -8.245  1.00 21.95 ? 200 PRO A CG  1 
ATOM   1335 C  CD  . PRO A 1 200 ? 7.320   -4.040  -7.856  1.00 21.86 ? 200 PRO A CD  1 
ATOM   1336 N  N   . GLU A 1 201 ? 10.072  -5.848  -6.349  1.00 21.90 ? 201 GLU A N   1 
ATOM   1337 C  CA  . GLU A 1 201 ? 11.359  -6.452  -5.969  1.00 29.79 ? 201 GLU A CA  1 
ATOM   1338 C  C   . GLU A 1 201 ? 11.808  -5.885  -4.630  1.00 26.52 ? 201 GLU A C   1 
ATOM   1339 O  O   . GLU A 1 201 ? 12.298  -6.654  -3.789  1.00 25.91 ? 201 GLU A O   1 
ATOM   1340 C  CB  . GLU A 1 201 ? 12.418  -6.272  -7.044  1.00 34.29 ? 201 GLU A CB  1 
ATOM   1341 C  CG  . GLU A 1 201 ? 12.977  -4.865  -7.141  1.00 53.39 ? 201 GLU A CG  1 
ATOM   1342 C  CD  . GLU A 1 201 ? 14.062  -4.759  -8.198  1.00 69.97 ? 201 GLU A CD  1 
ATOM   1343 O  OE1 . GLU A 1 201 ? 13.749  -4.795  -9.411  1.00 96.86 ? 201 GLU A OE1 1 
ATOM   1344 O  OE2 . GLU A 1 201 ? 15.250  -4.654  -7.819  1.00 31.02 ? 201 GLU A OE2 1 
ATOM   1345 N  N   . PHE A 1 202 ? 11.655  -4.606  -4.310  1.00 18.63 ? 202 PHE A N   1 
ATOM   1346 C  CA  . PHE A 1 202 ? 11.923  -4.187  -2.928  1.00 19.45 ? 202 PHE A CA  1 
ATOM   1347 C  C   . PHE A 1 202 ? 11.111  -4.957  -1.912  1.00 25.70 ? 202 PHE A C   1 
ATOM   1348 O  O   . PHE A 1 202 ? 11.641  -5.397  -0.873  1.00 31.81 ? 202 PHE A O   1 
ATOM   1349 C  CB  . PHE A 1 202 ? 11.660  -2.676  -2.832  1.00 24.48 ? 202 PHE A CB  1 
ATOM   1350 C  CG  . PHE A 1 202 ? 11.813  -2.039  -1.472  1.00 17.01 ? 202 PHE A CG  1 
ATOM   1351 C  CD1 . PHE A 1 202 ? 13.087  -1.636  -1.010  1.00 18.65 ? 202 PHE A CD1 1 
ATOM   1352 C  CD2 . PHE A 1 202 ? 10.776  -1.800  -0.623  1.00 15.50 ? 202 PHE A CD2 1 
ATOM   1353 C  CE1 . PHE A 1 202 ? 13.130  -1.059  0.237   1.00 12.44 ? 202 PHE A CE1 1 
ATOM   1354 C  CE2 . PHE A 1 202 ? 10.836  -1.221  0.625   1.00 26.69 ? 202 PHE A CE2 1 
ATOM   1355 C  CZ  . PHE A 1 202 ? 12.099  -0.802  1.096   1.00 11.86 ? 202 PHE A CZ  1 
ATOM   1356 N  N   . LEU A 1 203 ? 9.821   -5.212  -2.100  1.00 18.94 ? 203 LEU A N   1 
ATOM   1357 C  CA  . LEU A 1 203 ? 8.952   -5.899  -1.161  1.00 20.38 ? 203 LEU A CA  1 
ATOM   1358 C  C   . LEU A 1 203 ? 9.299   -7.397  -1.017  1.00 14.39 ? 203 LEU A C   1 
ATOM   1359 O  O   . LEU A 1 203 ? 9.079   -7.900  0.099   1.00 35.66 ? 203 LEU A O   1 
ATOM   1360 C  CB  . LEU A 1 203 ? 7.467   -5.854  -1.533  1.00 20.74 ? 203 LEU A CB  1 
ATOM   1361 C  CG  . LEU A 1 203 ? 6.863   -4.456  -1.616  1.00 20.29 ? 203 LEU A CG  1 
ATOM   1362 C  CD1 . LEU A 1 203 ? 5.550   -4.548  -2.383  1.00 21.93 ? 203 LEU A CD1 1 
ATOM   1363 C  CD2 . LEU A 1 203 ? 6.674   -3.832  -0.256  1.00 16.00 ? 203 LEU A CD2 1 
ATOM   1364 N  N   . ILE A 1 204 ? 9.791   -7.989  -2.050  1.00 17.12 ? 204 ILE A N   1 
ATOM   1365 C  CA  . ILE A 1 204 ? 10.291  -9.352  -2.149  1.00 23.89 ? 204 ILE A CA  1 
ATOM   1366 C  C   . ILE A 1 204 ? 11.623  -9.457  -1.418  1.00 29.54 ? 204 ILE A C   1 
ATOM   1367 O  O   . ILE A 1 204 ? 11.791  -10.430 -0.691  1.00 24.96 ? 204 ILE A O   1 
ATOM   1368 C  CB  . ILE A 1 204 ? 10.394  -9.801  -3.620  1.00 19.73 ? 204 ILE A CB  1 
ATOM   1369 C  CG1 . ILE A 1 204 ? 8.980   -10.080 -4.178  1.00 18.94 ? 204 ILE A CG1 1 
ATOM   1370 C  CG2 . ILE A 1 204 ? 11.300  -10.987 -3.857  1.00 28.26 ? 204 ILE A CG2 1 
ATOM   1371 C  CD1 . ILE A 1 204 ? 9.002   -10.095 -5.698  1.00 26.99 ? 204 ILE A CD1 1 
ATOM   1372 N  N   . GLU A 1 205 ? 12.503  -8.479  -1.592  1.00 29.12 ? 205 GLU A N   1 
ATOM   1373 C  CA  . GLU A 1 205 ? 13.774  -8.431  -0.861  1.00 35.76 ? 205 GLU A CA  1 
ATOM   1374 C  C   . GLU A 1 205 ? 13.501  -8.445  0.633   1.00 33.98 ? 205 GLU A C   1 
ATOM   1375 O  O   . GLU A 1 205 ? 14.016  -9.266  1.403   1.00 29.25 ? 205 GLU A O   1 
ATOM   1376 C  CB  . GLU A 1 205 ? 14.590  -7.198  -1.264  1.00 36.36 ? 205 GLU A CB  1 
ATOM   1377 C  CG  . GLU A 1 205 ? 15.335  -7.270  -2.579  1.00 29.95 ? 205 GLU A CG  1 
ATOM   1378 C  CD  . GLU A 1 205 ? 15.901  -5.975  -3.125  1.00 26.57 ? 205 GLU A CD  1 
ATOM   1379 O  OE1 . GLU A 1 205 ? 16.279  -5.950  -4.324  1.00 33.32 ? 205 GLU A OE1 1 
ATOM   1380 O  OE2 . GLU A 1 205 ? 16.001  -4.947  -2.419  1.00 46.98 ? 205 GLU A OE2 1 
ATOM   1381 N  N   . LYS A 1 206 ? 12.647  -7.543  1.091   1.00 17.73 ? 206 LYS A N   1 
ATOM   1382 C  CA  . LYS A 1 206 ? 12.330  -7.286  2.454   1.00 16.39 ? 206 LYS A CA  1 
ATOM   1383 C  C   . LYS A 1 206 ? 11.660  -8.501  3.106   1.00 31.45 ? 206 LYS A C   1 
ATOM   1384 O  O   . LYS A 1 206 ? 11.879  -8.832  4.275   1.00 32.37 ? 206 LYS A O   1 
ATOM   1385 C  CB  . LYS A 1 206 ? 11.467  -6.027  2.654   1.00 27.62 ? 206 LYS A CB  1 
ATOM   1386 C  CG  . LYS A 1 206 ? 12.232  -4.746  2.281   1.00 18.63 ? 206 LYS A CG  1 
ATOM   1387 C  CD  . LYS A 1 206 ? 13.300  -4.397  3.314   1.00 21.44 ? 206 LYS A CD  1 
ATOM   1388 C  CE  . LYS A 1 206 ? 14.262  -3.373  2.696   1.00 29.64 ? 206 LYS A CE  1 
ATOM   1389 N  NZ  . LYS A 1 206 ? 15.326  -2.944  3.650   1.00 30.35 ? 206 LYS A NZ  1 
ATOM   1390 N  N   . VAL A 1 207 ? 10.825  -9.198  2.329   1.00 21.56 ? 207 VAL A N   1 
ATOM   1391 C  CA  . VAL A 1 207 ? 10.157  -10.349 2.955   1.00 23.37 ? 207 VAL A CA  1 
ATOM   1392 C  C   . VAL A 1 207 ? 11.162  -11.467 3.178   1.00 19.47 ? 207 VAL A C   1 
ATOM   1393 O  O   . VAL A 1 207 ? 11.168  -12.110 4.232   1.00 21.65 ? 207 VAL A O   1 
ATOM   1394 C  CB  . VAL A 1 207 ? 9.015   -10.878 2.070   1.00 30.32 ? 207 VAL A CB  1 
ATOM   1395 C  CG1 . VAL A 1 207 ? 8.512   -12.196 2.650   1.00 36.37 ? 207 VAL A CG1 1 
ATOM   1396 C  CG2 . VAL A 1 207 ? 7.917   -9.833  1.958   1.00 20.85 ? 207 VAL A CG2 1 
ATOM   1397 N  N   . ARG A 1 208 ? 11.938  -11.668 2.125   1.00 19.51 ? 208 ARG A N   1 
ATOM   1398 C  CA  . ARG A 1 208 ? 12.860  -12.798 2.083   1.00 24.19 ? 208 ARG A CA  1 
ATOM   1399 C  C   . ARG A 1 208 ? 13.881  -12.622 3.211   1.00 38.66 ? 208 ARG A C   1 
ATOM   1400 O  O   . ARG A 1 208 ? 14.145  -13.585 3.929   1.00 35.73 ? 208 ARG A O   1 
ATOM   1401 C  CB  . ARG A 1 208 ? 13.546  -12.933 0.745   1.00 21.26 ? 208 ARG A CB  1 
ATOM   1402 C  CG  . ARG A 1 208 ? 12.634  -13.469 -0.353  1.00 20.39 ? 208 ARG A CG  1 
ATOM   1403 C  CD  . ARG A 1 208 ? 13.382  -14.009 -1.537  1.00 21.03 ? 208 ARG A CD  1 
ATOM   1404 N  NE  . ARG A 1 208 ? 12.477  -14.588 -2.529  1.00 34.33 ? 208 ARG A NE  1 
ATOM   1405 C  CZ  . ARG A 1 208 ? 12.476  -14.390 -3.836  1.00 31.37 ? 208 ARG A CZ  1 
ATOM   1406 N  NH1 . ARG A 1 208 ? 13.343  -13.596 -4.429  1.00 43.66 ? 208 ARG A NH1 1 
ATOM   1407 N  NH2 . ARG A 1 208 ? 11.556  -15.020 -4.571  1.00 34.78 ? 208 ARG A NH2 1 
ATOM   1408 N  N   . ALA A 1 209 ? 14.419  -11.410 3.365   1.00 38.35 ? 209 ALA A N   1 
ATOM   1409 C  CA  . ALA A 1 209 ? 15.380  -11.169 4.439   1.00 33.07 ? 209 ALA A CA  1 
ATOM   1410 C  C   . ALA A 1 209 ? 14.849  -11.620 5.792   1.00 22.23 ? 209 ALA A C   1 
ATOM   1411 O  O   . ALA A 1 209 ? 15.515  -12.434 6.447   1.00 55.63 ? 209 ALA A O   1 
ATOM   1412 C  CB  . ALA A 1 209 ? 15.770  -9.717  4.582   1.00 26.42 ? 209 ALA A CB  1 
ATOM   1413 N  N   . VAL A 1 210 ? 13.698  -11.136 6.218   1.00 19.76 ? 210 VAL A N   1 
ATOM   1414 C  CA  . VAL A 1 210 ? 13.137  -11.537 7.490   1.00 21.89 ? 210 VAL A CA  1 
ATOM   1415 C  C   . VAL A 1 210 ? 12.586  -12.970 7.490   1.00 40.20 ? 210 VAL A C   1 
ATOM   1416 O  O   . VAL A 1 210 ? 12.525  -13.591 8.560   1.00 47.94 ? 210 VAL A O   1 
ATOM   1417 C  CB  . VAL A 1 210 ? 11.998  -10.613 7.973   1.00 33.62 ? 210 VAL A CB  1 
ATOM   1418 C  CG1 . VAL A 1 210 ? 12.559  -9.284  8.454   1.00 73.23 ? 210 VAL A CG1 1 
ATOM   1419 C  CG2 . VAL A 1 210 ? 10.983  -10.405 6.871   1.00 23.88 ? 210 VAL A CG2 1 
ATOM   1420 N  N   . ARG A 1 211 ? 12.170  -13.524 6.362   1.00 33.79 ? 211 ARG A N   1 
ATOM   1421 C  CA  . ARG A 1 211 ? 11.654  -14.902 6.401   1.00 34.66 ? 211 ARG A CA  1 
ATOM   1422 C  C   . ARG A 1 211 ? 12.790  -15.858 6.038   1.00 35.87 ? 211 ARG A C   1 
ATOM   1423 O  O   . ARG A 1 211 ? 13.688  -15.434 5.297   1.00 44.44 ? 211 ARG A O   1 
ATOM   1424 C  CB  . ARG A 1 211 ? 10.454  -15.106 5.475   1.00 31.39 ? 211 ARG A CB  1 
ATOM   1425 C  CG  . ARG A 1 211 ? 9.208   -14.338 5.879   1.00 22.78 ? 211 ARG A CG  1 
ATOM   1426 C  CD  . ARG A 1 211 ? 7.978   -14.846 5.145   1.00 29.52 ? 211 ARG A CD  1 
ATOM   1427 N  NE  . ARG A 1 211 ? 7.366   -16.043 5.696   1.00 17.54 ? 211 ARG A NE  1 
ATOM   1428 C  CZ  . ARG A 1 211 ? 6.665   -16.202 6.786   1.00 14.78 ? 211 ARG A CZ  1 
ATOM   1429 N  NH1 . ARG A 1 211 ? 6.279   -15.371 7.747   1.00 20.62 ? 211 ARG A NH1 1 
ATOM   1430 N  NH2 . ARG A 1 211 ? 6.239   -17.482 7.004   1.00 24.82 ? 211 ARG A NH2 1 
HETATM 1431 BR BR1 . SXC B 2 .   ? -12.523 19.169  -8.512  1.00 62.65 ? 215 SXC A BR1 1 
HETATM 1432 PD PD1 . SXC B 2 .   ? -10.368 18.097  -7.995  1.00 21.18 ? 215 SXC A PD1 1 
HETATM 1433 S  S1  . SXC B 2 .   ? -10.906 17.645  -5.787  1.00 22.99 ? 215 SXC A S1  1 
HETATM 1434 S  S2  . SXC B 2 .   ? -9.469  18.312  -10.068 1.00 21.90 ? 215 SXC A S2  1 
HETATM 1435 P  P1  . SXC B 2 .   ? -4.050  10.967  -6.622  1.00 12.87 ? 215 SXC A P1  1 
HETATM 1436 O  O1  . SXC B 2 .   ? -3.964  10.746  -8.068  1.00 15.87 ? 215 SXC A O1  1 
HETATM 1437 O  O2  . SXC B 2 .   ? -5.137  10.557  -5.745  1.00 16.57 ? 215 SXC A O2  1 
HETATM 1438 C  C1  . SXC B 2 .   ? -8.613  17.163  -7.500  1.00 8.75  ? 215 SXC A C1  1 
HETATM 1439 C  C2  . SXC B 2 .   ? -8.309  16.980  -6.160  1.00 15.22 ? 215 SXC A C2  1 
HETATM 1440 C  C3  . SXC B 2 .   ? -7.096  16.327  -5.897  1.00 12.36 ? 215 SXC A C3  1 
HETATM 1441 C  C4  . SXC B 2 .   ? -6.325  15.822  -6.897  1.00 10.67 ? 215 SXC A C4  1 
HETATM 1442 C  C5  . SXC B 2 .   ? -6.595  16.020  -8.256  1.00 13.75 ? 215 SXC A C5  1 
HETATM 1443 C  C6  . SXC B 2 .   ? -7.767  16.805  -8.500  1.00 13.32 ? 215 SXC A C6  1 
HETATM 1444 C  C7  . SXC B 2 .   ? -9.239  17.421  -5.073  1.00 16.41 ? 215 SXC A C7  1 
HETATM 1445 C  C9  . SXC B 2 .   ? -11.341 19.266  -5.099  1.00 42.62 ? 215 SXC A C9  1 
HETATM 1446 C  C10 . SXC B 2 .   ? -8.112  17.065  -9.951  1.00 14.70 ? 215 SXC A C10 1 
HETATM 1447 C  C12 . SXC B 2 .   ? -10.635 17.449  -11.164 1.00 20.18 ? 215 SXC A C12 1 
HETATM 1448 C  C13 . SXC B 2 .   ? -5.060  15.055  -6.544  1.00 11.75 ? 215 SXC A C13 1 
HETATM 1449 C  C14 . SXC B 2 .   ? -5.294  13.501  -6.571  1.00 15.65 ? 215 SXC A C14 1 
HETATM 1450 C  C15 . SXC B 2 .   ? -3.918  12.820  -6.495  1.00 10.51 ? 215 SXC A C15 1 
HETATM 1451 C  C16 . SXC B 2 .   ? -3.752  9.683   -8.964  1.00 18.77 ? 215 SXC A C16 1 
HETATM 1452 C  C17 . SXC B 2 .   ? -4.565  9.750   -10.309 1.00 14.57 ? 215 SXC A C17 1 
HETATM 1453 O  O   . HOH C 3 .   ? -1.471  17.491  -0.005  1.00 16.42 ? 216 HOH A O   1 
HETATM 1454 O  O   . HOH C 3 .   ? 1.885   15.659  -10.409 1.00 16.43 ? 217 HOH A O   1 
HETATM 1455 O  O   . HOH C 3 .   ? -9.721  -12.016 -4.500  1.00 22.36 ? 218 HOH A O   1 
HETATM 1456 O  O   . HOH C 3 .   ? 2.003   17.057  -17.753 1.00 15.36 ? 219 HOH A O   1 
HETATM 1457 O  O   . HOH C 3 .   ? -3.857  12.730  -0.869  1.00 16.60 ? 220 HOH A O   1 
HETATM 1458 O  O   . HOH C 3 .   ? -1.154  10.790  5.099   1.00 19.95 ? 221 HOH A O   1 
HETATM 1459 O  O   . HOH C 3 .   ? -7.965  2.670   -12.172 1.00 21.23 ? 222 HOH A O   1 
HETATM 1460 O  O   . HOH C 3 .   ? -1.121  4.844   -13.027 1.00 16.06 ? 223 HOH A O   1 
HETATM 1461 O  O   . HOH C 3 .   ? 1.288   6.213   -12.326 1.00 17.02 ? 224 HOH A O   1 
HETATM 1462 O  O   . HOH C 3 .   ? 2.745   10.183  -17.936 1.00 18.76 ? 225 HOH A O   1 
HETATM 1463 O  O   . HOH C 3 .   ? -11.490 8.888   -0.132  1.00 18.95 ? 226 HOH A O   1 
HETATM 1464 O  O   . HOH C 3 .   ? 9.307   5.920   6.664   1.00 23.57 ? 227 HOH A O   1 
HETATM 1465 O  O   . HOH C 3 .   ? -14.344 11.968  -6.898  1.00 20.81 ? 228 HOH A O   1 
HETATM 1466 O  O   . HOH C 3 .   ? -5.403  6.372   -12.561 1.00 16.25 ? 229 HOH A O   1 
HETATM 1467 O  O   . HOH C 3 .   ? -3.171  1.603   -8.082  1.00 16.95 ? 230 HOH A O   1 
HETATM 1468 O  O   . HOH C 3 .   ? -9.697  6.817   -13.309 1.00 20.52 ? 231 HOH A O   1 
HETATM 1469 O  O   . HOH C 3 .   ? -3.290  15.444  0.024   1.00 15.44 ? 232 HOH A O   1 
HETATM 1470 O  O   . HOH C 3 .   ? -7.895  13.565  7.234   1.00 36.11 ? 233 HOH A O   1 
HETATM 1471 O  O   . HOH C 3 .   ? 3.998   16.410  -1.060  1.00 17.61 ? 234 HOH A O   1 
HETATM 1472 O  O   . HOH C 3 .   ? -12.903 7.231   1.432   1.00 21.00 ? 235 HOH A O   1 
HETATM 1473 O  O   . HOH C 3 .   ? 8.004   19.460  5.244   1.00 25.35 ? 236 HOH A O   1 
HETATM 1474 O  O   . HOH C 3 .   ? 12.241  6.185   -0.116  1.00 20.97 ? 237 HOH A O   1 
HETATM 1475 O  O   . HOH C 3 .   ? 0.177   -17.603 7.655   1.00 34.07 ? 238 HOH A O   1 
HETATM 1476 O  O   . HOH C 3 .   ? -2.741  6.752   -13.282 1.00 20.93 ? 239 HOH A O   1 
HETATM 1477 O  O   . HOH C 3 .   ? 10.110  6.882   -9.777  1.00 32.95 ? 240 HOH A O   1 
HETATM 1478 O  O   . HOH C 3 .   ? 12.785  6.095   2.592   1.00 29.73 ? 241 HOH A O   1 
HETATM 1479 O  O   . HOH C 3 .   ? 16.493  -10.373 0.510   1.00 24.83 ? 242 HOH A O   1 
HETATM 1480 O  O   . HOH C 3 .   ? -0.664  -17.458 10.180  1.00 23.35 ? 243 HOH A O   1 
HETATM 1481 O  O   . HOH C 3 .   ? -7.670  8.003   -11.636 1.00 20.47 ? 244 HOH A O   1 
HETATM 1482 O  O   . HOH C 3 .   ? 8.859   -1.158  13.532  1.00 30.95 ? 245 HOH A O   1 
HETATM 1483 O  O   . HOH C 3 .   ? -0.972  16.094  -1.758  1.00 77.82 ? 246 HOH A O   1 
HETATM 1484 O  O   . HOH C 3 .   ? -11.405 -2.975  7.282   1.00 25.75 ? 247 HOH A O   1 
HETATM 1485 O  O   . HOH C 3 .   ? 0.821   17.530  -1.662  1.00 16.26 ? 248 HOH A O   1 
HETATM 1486 O  O   . HOH C 3 .   ? -2.685  -15.121 -4.518  1.00 29.54 ? 249 HOH A O   1 
HETATM 1487 O  O   . HOH C 3 .   ? -13.881 15.527  1.604   1.00 41.14 ? 250 HOH A O   1 
HETATM 1488 O  O   . HOH C 3 .   ? -5.718  20.728  -13.276 1.00 22.26 ? 251 HOH A O   1 
HETATM 1489 O  O   . HOH C 3 .   ? 5.664   18.703  -13.748 1.00 22.32 ? 252 HOH A O   1 
HETATM 1490 O  O   . HOH C 3 .   ? -1.271  14.770  -16.417 1.00 28.78 ? 253 HOH A O   1 
HETATM 1491 O  O   . HOH C 3 .   ? 10.083  -16.646 9.196   1.00 46.18 ? 254 HOH A O   1 
HETATM 1492 O  O   . HOH C 3 .   ? -12.465 -4.993  -0.742  1.00 24.73 ? 255 HOH A O   1 
HETATM 1493 O  O   . HOH C 3 .   ? 4.937   -11.791 11.314  1.00 29.82 ? 256 HOH A O   1 
HETATM 1494 O  O   . HOH C 3 .   ? -3.080  15.031  -15.022 1.00 22.38 ? 257 HOH A O   1 
HETATM 1495 O  O   . HOH C 3 .   ? 5.856   -19.509 14.820  1.00 36.15 ? 258 HOH A O   1 
HETATM 1496 O  O   . HOH C 3 .   ? 10.216  14.263  -7.312  1.00 41.14 ? 259 HOH A O   1 
HETATM 1497 O  O   . HOH C 3 .   ? -10.645 0.285   12.918  1.00 43.96 ? 260 HOH A O   1 
HETATM 1498 O  O   . HOH C 3 .   ? -1.842  -22.268 4.280   1.00 27.06 ? 261 HOH A O   1 
HETATM 1499 O  O   . HOH C 3 .   ? 10.853  10.763  -0.915  1.00 24.88 ? 262 HOH A O   1 
HETATM 1500 O  O   . HOH C 3 .   ? -4.497  -19.241 -1.272  1.00 32.80 ? 263 HOH A O   1 
HETATM 1501 O  O   . HOH C 3 .   ? 8.034   -9.828  9.287   1.00 44.81 ? 264 HOH A O   1 
HETATM 1502 O  O   . HOH C 3 .   ? 12.477  11.193  -11.337 1.00 35.53 ? 265 HOH A O   1 
HETATM 1503 O  O   . HOH C 3 .   ? 15.790  3.231   8.620   1.00 30.71 ? 266 HOH A O   1 
HETATM 1504 O  O   . HOH C 3 .   ? -0.263  17.891  5.453   1.00 33.45 ? 267 HOH A O   1 
HETATM 1505 O  O   . HOH C 3 .   ? -0.947  -6.262  -14.962 1.00 48.61 ? 268 HOH A O   1 
HETATM 1506 O  O   . HOH C 3 .   ? 2.205   4.579   -15.964 1.00 22.27 ? 269 HOH A O   1 
HETATM 1507 O  O   . HOH C 3 .   ? 4.495   17.723  -18.511 1.00 50.00 ? 270 HOH A O   1 
HETATM 1508 O  O   . HOH C 3 .   ? -7.922  0.637   -2.897  1.00 50.00 ? 271 HOH A O   1 
HETATM 1509 O  O   . HOH C 3 .   ? -0.096  3.051   -15.036 1.00 50.00 ? 272 HOH A O   1 
HETATM 1510 O  O   . HOH C 3 .   ? -7.709  4.909   -13.579 1.00 50.00 ? 273 HOH A O   1 
HETATM 1511 O  O   . HOH C 3 .   ? 4.928   -8.579  15.922  1.00 50.00 ? 274 HOH A O   1 
HETATM 1512 O  O   . HOH C 3 .   ? 13.367  -7.074  5.737   1.00 50.00 ? 275 HOH A O   1 
HETATM 1513 O  O   . HOH C 3 .   ? -4.083  -9.024  -13.600 1.00 50.00 ? 276 HOH A O   1 
HETATM 1514 O  O   . HOH C 3 .   ? 4.822   23.098  -2.013  1.00 50.00 ? 277 HOH A O   1 
HETATM 1515 O  O   . HOH C 3 .   ? -0.563  6.386   -17.262 1.00 50.00 ? 278 HOH A O   1 
HETATM 1516 O  O   . HOH C 3 .   ? 4.929   16.046  -20.645 1.00 50.00 ? 279 HOH A O   1 
HETATM 1517 O  O   . HOH C 3 .   ? 4.134   4.889   -18.164 1.00 50.00 ? 280 HOH A O   1 
HETATM 1518 O  O   . HOH C 3 .   ? 9.784   12.325  -14.359 1.00 50.00 ? 281 HOH A O   1 
HETATM 1519 O  O   . HOH C 3 .   ? -9.254  -9.252  14.423  1.00 50.00 ? 282 HOH A O   1 
HETATM 1520 O  O   . HOH C 3 .   ? -3.158  6.700   -16.000 1.00 50.00 ? 283 HOH A O   1 
HETATM 1521 O  O   . HOH C 3 .   ? 0.636   15.822  -19.675 0.33 50.00 ? 284 HOH A O   1 
HETATM 1522 O  O   . HOH C 3 .   ? 11.752  9.104   0.887   1.00 50.00 ? 285 HOH A O   1 
HETATM 1523 O  O   . HOH C 3 .   ? -9.259  20.312  5.361   1.00 50.00 ? 286 HOH A O   1 
HETATM 1524 O  O   . HOH C 3 .   ? -6.768  -11.267 -15.217 1.00 50.00 ? 287 HOH A O   1 
HETATM 1525 O  O   . HOH C 3 .   ? -0.275  15.362  7.333   1.00 50.00 ? 288 HOH A O   1 
# 
